data_6ZQ3
# 
_entry.id   6ZQ3 
# 
_audit_conform.dict_name       mmcif_pdbx.dic 
_audit_conform.dict_version    5.397 
_audit_conform.dict_location   http://mmcif.pdb.org/dictionaries/ascii/mmcif_pdbx.dic 
# 
loop_
_database_2.database_id 
_database_2.database_code 
_database_2.pdbx_database_accession 
_database_2.pdbx_DOI 
PDB   6ZQ3         pdb_00006zq3 10.2210/pdb6zq3/pdb 
WWPDB D_1292109982 ?            ?                   
# 
loop_
_pdbx_audit_revision_history.ordinal 
_pdbx_audit_revision_history.data_content_type 
_pdbx_audit_revision_history.major_revision 
_pdbx_audit_revision_history.minor_revision 
_pdbx_audit_revision_history.revision_date 
1 'Structure model' 1 0 2020-12-02 
2 'Structure model' 1 1 2020-12-16 
3 'Structure model' 1 2 2024-01-31 
4 'Structure model' 1 3 2024-10-16 
# 
_pdbx_audit_revision_details.ordinal             1 
_pdbx_audit_revision_details.revision_ordinal    1 
_pdbx_audit_revision_details.data_content_type   'Structure model' 
_pdbx_audit_revision_details.provider            repository 
_pdbx_audit_revision_details.type                'Initial release' 
_pdbx_audit_revision_details.description         ? 
_pdbx_audit_revision_details.details             ? 
# 
loop_
_pdbx_audit_revision_group.ordinal 
_pdbx_audit_revision_group.revision_ordinal 
_pdbx_audit_revision_group.data_content_type 
_pdbx_audit_revision_group.group 
1 2 'Structure model' 'Data collection'        
2 2 'Structure model' 'Database references'    
3 3 'Structure model' Advisory                 
4 3 'Structure model' 'Data collection'        
5 3 'Structure model' 'Database references'    
6 3 'Structure model' 'Refinement description' 
7 4 'Structure model' 'Structure summary'      
# 
loop_
_pdbx_audit_revision_category.ordinal 
_pdbx_audit_revision_category.revision_ordinal 
_pdbx_audit_revision_category.data_content_type 
_pdbx_audit_revision_category.category 
1  2 'Structure model' citation                      
2  2 'Structure model' citation_author               
3  2 'Structure model' diffrn                        
4  3 'Structure model' chem_comp_atom                
5  3 'Structure model' chem_comp_bond                
6  3 'Structure model' database_2                    
7  3 'Structure model' pdbx_initial_refinement_model 
8  3 'Structure model' pdbx_unobs_or_zero_occ_atoms  
9  4 'Structure model' pdbx_entry_details            
10 4 'Structure model' pdbx_modification_feature     
# 
loop_
_pdbx_audit_revision_item.ordinal 
_pdbx_audit_revision_item.revision_ordinal 
_pdbx_audit_revision_item.data_content_type 
_pdbx_audit_revision_item.item 
1 2 'Structure model' '_citation.journal_volume'               
2 2 'Structure model' '_citation.page_first'                   
3 2 'Structure model' '_citation.page_last'                    
4 2 'Structure model' '_citation.title'                        
5 2 'Structure model' '_diffrn.pdbx_serial_crystal_experiment' 
6 3 'Structure model' '_database_2.pdbx_DOI'                   
7 3 'Structure model' '_database_2.pdbx_database_accession'    
# 
_pdbx_database_status.status_code                     REL 
_pdbx_database_status.status_code_sf                  REL 
_pdbx_database_status.status_code_mr                  ? 
_pdbx_database_status.entry_id                        6ZQ3 
_pdbx_database_status.recvd_initial_deposition_date   2020-07-09 
_pdbx_database_status.SG_entry                        N 
_pdbx_database_status.deposit_site                    PDBE 
_pdbx_database_status.process_site                    PDBE 
_pdbx_database_status.status_code_cs                  ? 
_pdbx_database_status.status_code_nmr_data            ? 
_pdbx_database_status.methods_development_category    ? 
_pdbx_database_status.pdb_format_compatible           Y 
# 
loop_
_audit_author.name 
_audit_author.pdbx_ordinal 
_audit_author.identifier_ORCID 
'Goerlich, S.'    1 0000-0003-2221-3181 
'Leonarski, R.J.' 2 0000-0002-2563-7169 
'Tomizaki, T.'    3 0000-0003-0011-0990 
'Zlotnikov, I.'   4 0000-0003-2388-9028 
# 
_citation.abstract                  ? 
_citation.abstract_id_CAS           ? 
_citation.book_id_ISBN              ? 
_citation.book_publisher            ? 
_citation.book_publisher_city       ? 
_citation.book_title                ? 
_citation.coordinate_linkage        ? 
_citation.country                   US 
_citation.database_id_Medline       ? 
_citation.details                   ? 
_citation.id                        primary 
_citation.journal_abbrev            Proc.Natl.Acad.Sci.USA 
_citation.journal_id_ASTM           PNASA6 
_citation.journal_id_CSD            0040 
_citation.journal_id_ISSN           1091-6490 
_citation.journal_full              ? 
_citation.journal_issue             ? 
_citation.journal_volume            117 
_citation.language                  ? 
_citation.page_first                31088 
_citation.page_last                 31093 
_citation.title                     'Natural hybrid silica/protein superstructure at atomic resolution.' 
_citation.year                      2020 
_citation.database_id_CSD           ? 
_citation.pdbx_database_id_DOI      10.1073/pnas.2019140117 
_citation.pdbx_database_id_PubMed   33229574 
_citation.unpublished_flag          ? 
# 
loop_
_citation_author.citation_id 
_citation_author.name 
_citation_author.ordinal 
_citation_author.identifier_ORCID 
primary 'Gorlich, S.'     1  ? 
primary 'Samuel, A.J.'    2  ? 
primary 'Best, R.J.'      3  ? 
primary 'Seidel, R.'      4  ? 
primary 'Vacelet, J.'     5  ? 
primary 'Leonarski, F.K.' 6  ? 
primary 'Tomizaki, T.'    7  ? 
primary 'Rellinghaus, B.' 8  ? 
primary 'Pohl, D.'        9  ? 
primary 'Zlotnikov, I.'   10 ? 
# 
loop_
_entity.id 
_entity.type 
_entity.src_method 
_entity.pdbx_description 
_entity.formula_weight 
_entity.pdbx_number_of_molecules 
_entity.pdbx_ec 
_entity.pdbx_mutation 
_entity.pdbx_fragment 
_entity.details 
1 polymer nat 'Silicatein alpha' 23292.543 1  ? ? 'mature enzyme' ? 
2 water   nat water              18.015    24 ? ? ?               ? 
# 
_entity_poly.entity_id                      1 
_entity_poly.type                           'polypeptide(L)' 
_entity_poly.nstd_linkage                   no 
_entity_poly.nstd_monomer                   no 
_entity_poly.pdbx_seq_one_letter_code       
;AYPETVDWRTKGAVTGIKSQGDCGASYAFSAMGALEGINALATGKLTYLSEQNIIDCSVPYGNHGCKGGNMYVAFLYVVA
NEGVDDGGSYPFRGKQSSCTYQEQYRGASMSGSVQINSGSESDLEAAVANVGPVAVAIDGESNAFRFYYSGVYDSSRCSS
SSLNHAMVITGYGISNNQEYWLAKNSWGENWGELGYVKMARNKYNQCGIASDASYPTL
;
_entity_poly.pdbx_seq_one_letter_code_can   
;AYPETVDWRTKGAVTGIKSQGDCGASYAFSAMGALEGINALATGKLTYLSEQNIIDCSVPYGNHGCKGGNMYVAFLYVVA
NEGVDDGGSYPFRGKQSSCTYQEQYRGASMSGSVQINSGSESDLEAAVANVGPVAVAIDGESNAFRFYYSGVYDSSRCSS
SSLNHAMVITGYGISNNQEYWLAKNSWGENWGELGYVKMARNKYNQCGIASDASYPTL
;
_entity_poly.pdbx_strand_id                 A 
_entity_poly.pdbx_target_identifier         ? 
# 
_pdbx_entity_nonpoly.entity_id   2 
_pdbx_entity_nonpoly.name        water 
_pdbx_entity_nonpoly.comp_id     HOH 
# 
loop_
_entity_poly_seq.entity_id 
_entity_poly_seq.num 
_entity_poly_seq.mon_id 
_entity_poly_seq.hetero 
1 1   ALA n 
1 2   TYR n 
1 3   PRO n 
1 4   GLU n 
1 5   THR n 
1 6   VAL n 
1 7   ASP n 
1 8   TRP n 
1 9   ARG n 
1 10  THR n 
1 11  LYS n 
1 12  GLY n 
1 13  ALA n 
1 14  VAL n 
1 15  THR n 
1 16  GLY n 
1 17  ILE n 
1 18  LYS n 
1 19  SER n 
1 20  GLN n 
1 21  GLY n 
1 22  ASP n 
1 23  CYS n 
1 24  GLY n 
1 25  ALA n 
1 26  SER n 
1 27  TYR n 
1 28  ALA n 
1 29  PHE n 
1 30  SER n 
1 31  ALA n 
1 32  MET n 
1 33  GLY n 
1 34  ALA n 
1 35  LEU n 
1 36  GLU n 
1 37  GLY n 
1 38  ILE n 
1 39  ASN n 
1 40  ALA n 
1 41  LEU n 
1 42  ALA n 
1 43  THR n 
1 44  GLY n 
1 45  LYS n 
1 46  LEU n 
1 47  THR n 
1 48  TYR n 
1 49  LEU n 
1 50  SER n 
1 51  GLU n 
1 52  GLN n 
1 53  ASN n 
1 54  ILE n 
1 55  ILE n 
1 56  ASP n 
1 57  CYS n 
1 58  SER n 
1 59  VAL n 
1 60  PRO n 
1 61  TYR n 
1 62  GLY n 
1 63  ASN n 
1 64  HIS n 
1 65  GLY n 
1 66  CYS n 
1 67  LYS n 
1 68  GLY n 
1 69  GLY n 
1 70  ASN n 
1 71  MET n 
1 72  TYR n 
1 73  VAL n 
1 74  ALA n 
1 75  PHE n 
1 76  LEU n 
1 77  TYR n 
1 78  VAL n 
1 79  VAL n 
1 80  ALA n 
1 81  ASN n 
1 82  GLU n 
1 83  GLY n 
1 84  VAL n 
1 85  ASP n 
1 86  ASP n 
1 87  GLY n 
1 88  GLY n 
1 89  SER n 
1 90  TYR n 
1 91  PRO n 
1 92  PHE n 
1 93  ARG n 
1 94  GLY n 
1 95  LYS n 
1 96  GLN n 
1 97  SER n 
1 98  SER n 
1 99  CYS n 
1 100 THR n 
1 101 TYR n 
1 102 GLN n 
1 103 GLU n 
1 104 GLN n 
1 105 TYR n 
1 106 ARG n 
1 107 GLY n 
1 108 ALA n 
1 109 SER n 
1 110 MET n 
1 111 SER n 
1 112 GLY n 
1 113 SER n 
1 114 VAL n 
1 115 GLN n 
1 116 ILE n 
1 117 ASN n 
1 118 SER n 
1 119 GLY n 
1 120 SER n 
1 121 GLU n 
1 122 SER n 
1 123 ASP n 
1 124 LEU n 
1 125 GLU n 
1 126 ALA n 
1 127 ALA n 
1 128 VAL n 
1 129 ALA n 
1 130 ASN n 
1 131 VAL n 
1 132 GLY n 
1 133 PRO n 
1 134 VAL n 
1 135 ALA n 
1 136 VAL n 
1 137 ALA n 
1 138 ILE n 
1 139 ASP n 
1 140 GLY n 
1 141 GLU n 
1 142 SER n 
1 143 ASN n 
1 144 ALA n 
1 145 PHE n 
1 146 ARG n 
1 147 PHE n 
1 148 TYR n 
1 149 TYR n 
1 150 SER n 
1 151 GLY n 
1 152 VAL n 
1 153 TYR n 
1 154 ASP n 
1 155 SER n 
1 156 SER n 
1 157 ARG n 
1 158 CYS n 
1 159 SER n 
1 160 SER n 
1 161 SER n 
1 162 SER n 
1 163 LEU n 
1 164 ASN n 
1 165 HIS n 
1 166 ALA n 
1 167 MET n 
1 168 VAL n 
1 169 ILE n 
1 170 THR n 
1 171 GLY n 
1 172 TYR n 
1 173 GLY n 
1 174 ILE n 
1 175 SER n 
1 176 ASN n 
1 177 ASN n 
1 178 GLN n 
1 179 GLU n 
1 180 TYR n 
1 181 TRP n 
1 182 LEU n 
1 183 ALA n 
1 184 LYS n 
1 185 ASN n 
1 186 SER n 
1 187 TRP n 
1 188 GLY n 
1 189 GLU n 
1 190 ASN n 
1 191 TRP n 
1 192 GLY n 
1 193 GLU n 
1 194 LEU n 
1 195 GLY n 
1 196 TYR n 
1 197 VAL n 
1 198 LYS n 
1 199 MET n 
1 200 ALA n 
1 201 ARG n 
1 202 ASN n 
1 203 LYS n 
1 204 TYR n 
1 205 ASN n 
1 206 GLN n 
1 207 CYS n 
1 208 GLY n 
1 209 ILE n 
1 210 ALA n 
1 211 SER n 
1 212 ASP n 
1 213 ALA n 
1 214 SER n 
1 215 TYR n 
1 216 PRO n 
1 217 THR n 
1 218 LEU n 
# 
_entity_src_nat.entity_id                  1 
_entity_src_nat.pdbx_src_id                1 
_entity_src_nat.pdbx_alt_source_flag       sample 
_entity_src_nat.pdbx_beg_seq_num           1 
_entity_src_nat.pdbx_end_seq_num           218 
_entity_src_nat.common_name                'Orange puffball sponge' 
_entity_src_nat.pdbx_organism_scientific   'Tethya aurantium' 
_entity_src_nat.pdbx_ncbi_taxonomy_id      281732 
_entity_src_nat.genus                      ? 
_entity_src_nat.species                    ? 
_entity_src_nat.strain                     ? 
_entity_src_nat.tissue                     ? 
_entity_src_nat.tissue_fraction            ? 
_entity_src_nat.pdbx_secretion             ? 
_entity_src_nat.pdbx_fragment              ? 
_entity_src_nat.pdbx_variant               ? 
_entity_src_nat.pdbx_cell_line             ? 
_entity_src_nat.pdbx_atcc                  ? 
_entity_src_nat.pdbx_cellular_location     ? 
_entity_src_nat.pdbx_organ                 ? 
_entity_src_nat.pdbx_organelle             ? 
_entity_src_nat.pdbx_cell                  ? 
_entity_src_nat.pdbx_plasmid_name          ? 
_entity_src_nat.pdbx_plasmid_details       ? 
_entity_src_nat.details                    tissue 
# 
loop_
_chem_comp.id 
_chem_comp.type 
_chem_comp.mon_nstd_flag 
_chem_comp.name 
_chem_comp.pdbx_synonyms 
_chem_comp.formula 
_chem_comp.formula_weight 
ALA 'L-peptide linking' y ALANINE         ? 'C3 H7 N O2'     89.093  
ARG 'L-peptide linking' y ARGININE        ? 'C6 H15 N4 O2 1' 175.209 
ASN 'L-peptide linking' y ASPARAGINE      ? 'C4 H8 N2 O3'    132.118 
ASP 'L-peptide linking' y 'ASPARTIC ACID' ? 'C4 H7 N O4'     133.103 
CYS 'L-peptide linking' y CYSTEINE        ? 'C3 H7 N O2 S'   121.158 
GLN 'L-peptide linking' y GLUTAMINE       ? 'C5 H10 N2 O3'   146.144 
GLU 'L-peptide linking' y 'GLUTAMIC ACID' ? 'C5 H9 N O4'     147.129 
GLY 'peptide linking'   y GLYCINE         ? 'C2 H5 N O2'     75.067  
HIS 'L-peptide linking' y HISTIDINE       ? 'C6 H10 N3 O2 1' 156.162 
HOH non-polymer         . WATER           ? 'H2 O'           18.015  
ILE 'L-peptide linking' y ISOLEUCINE      ? 'C6 H13 N O2'    131.173 
LEU 'L-peptide linking' y LEUCINE         ? 'C6 H13 N O2'    131.173 
LYS 'L-peptide linking' y LYSINE          ? 'C6 H15 N2 O2 1' 147.195 
MET 'L-peptide linking' y METHIONINE      ? 'C5 H11 N O2 S'  149.211 
PHE 'L-peptide linking' y PHENYLALANINE   ? 'C9 H11 N O2'    165.189 
PRO 'L-peptide linking' y PROLINE         ? 'C5 H9 N O2'     115.130 
SER 'L-peptide linking' y SERINE          ? 'C3 H7 N O3'     105.093 
THR 'L-peptide linking' y THREONINE       ? 'C4 H9 N O3'     119.119 
TRP 'L-peptide linking' y TRYPTOPHAN      ? 'C11 H12 N2 O2'  204.225 
TYR 'L-peptide linking' y TYROSINE        ? 'C9 H11 N O3'    181.189 
VAL 'L-peptide linking' y VALINE          ? 'C5 H11 N O2'    117.146 
# 
loop_
_pdbx_poly_seq_scheme.asym_id 
_pdbx_poly_seq_scheme.entity_id 
_pdbx_poly_seq_scheme.seq_id 
_pdbx_poly_seq_scheme.mon_id 
_pdbx_poly_seq_scheme.ndb_seq_num 
_pdbx_poly_seq_scheme.pdb_seq_num 
_pdbx_poly_seq_scheme.auth_seq_num 
_pdbx_poly_seq_scheme.pdb_mon_id 
_pdbx_poly_seq_scheme.auth_mon_id 
_pdbx_poly_seq_scheme.pdb_strand_id 
_pdbx_poly_seq_scheme.pdb_ins_code 
_pdbx_poly_seq_scheme.hetero 
A 1 1   ALA 1   1   ?   ?   ?   A . n 
A 1 2   TYR 2   2   ?   ?   ?   A . n 
A 1 3   PRO 3   3   3   PRO PRO A . n 
A 1 4   GLU 4   4   4   GLU GLU A . n 
A 1 5   THR 5   5   5   THR THR A . n 
A 1 6   VAL 6   6   6   VAL VAL A . n 
A 1 7   ASP 7   7   7   ASP ASP A . n 
A 1 8   TRP 8   8   8   TRP TRP A . n 
A 1 9   ARG 9   9   9   ARG ARG A . n 
A 1 10  THR 10  10  10  THR THR A . n 
A 1 11  LYS 11  11  11  LYS LYS A . n 
A 1 12  GLY 12  12  12  GLY GLY A . n 
A 1 13  ALA 13  13  13  ALA ALA A . n 
A 1 14  VAL 14  14  14  VAL VAL A . n 
A 1 15  THR 15  15  15  THR THR A . n 
A 1 16  GLY 16  16  16  GLY GLY A . n 
A 1 17  ILE 17  17  17  ILE ILE A . n 
A 1 18  LYS 18  18  18  LYS LYS A . n 
A 1 19  SER 19  19  19  SER SER A . n 
A 1 20  GLN 20  20  20  GLN GLN A . n 
A 1 21  GLY 21  21  21  GLY GLY A . n 
A 1 22  ASP 22  22  22  ASP ASP A . n 
A 1 23  CYS 23  23  23  CYS CYS A . n 
A 1 24  GLY 24  24  24  GLY GLY A . n 
A 1 25  ALA 25  25  25  ALA ALA A . n 
A 1 26  SER 26  26  26  SER SER A . n 
A 1 27  TYR 27  27  27  TYR TYR A . n 
A 1 28  ALA 28  28  28  ALA ALA A . n 
A 1 29  PHE 29  29  29  PHE PHE A . n 
A 1 30  SER 30  30  30  SER SER A . n 
A 1 31  ALA 31  31  31  ALA ALA A . n 
A 1 32  MET 32  32  32  MET MET A . n 
A 1 33  GLY 33  33  33  GLY GLY A . n 
A 1 34  ALA 34  34  34  ALA ALA A . n 
A 1 35  LEU 35  35  35  LEU LEU A . n 
A 1 36  GLU 36  36  36  GLU GLU A . n 
A 1 37  GLY 37  37  37  GLY GLY A . n 
A 1 38  ILE 38  38  38  ILE ILE A . n 
A 1 39  ASN 39  39  39  ASN ASN A . n 
A 1 40  ALA 40  40  40  ALA ALA A . n 
A 1 41  LEU 41  41  41  LEU LEU A . n 
A 1 42  ALA 42  42  42  ALA ALA A . n 
A 1 43  THR 43  43  43  THR THR A . n 
A 1 44  GLY 44  44  44  GLY GLY A . n 
A 1 45  LYS 45  45  45  LYS LYS A . n 
A 1 46  LEU 46  46  46  LEU LEU A . n 
A 1 47  THR 47  47  47  THR THR A . n 
A 1 48  TYR 48  48  48  TYR TYR A . n 
A 1 49  LEU 49  49  49  LEU LEU A . n 
A 1 50  SER 50  50  50  SER SER A . n 
A 1 51  GLU 51  51  51  GLU GLU A . n 
A 1 52  GLN 52  52  52  GLN GLN A . n 
A 1 53  ASN 53  53  53  ASN ASN A . n 
A 1 54  ILE 54  54  54  ILE ILE A . n 
A 1 55  ILE 55  55  55  ILE ILE A . n 
A 1 56  ASP 56  56  56  ASP ASP A . n 
A 1 57  CYS 57  57  57  CYS CYS A . n 
A 1 58  SER 58  58  58  SER SER A . n 
A 1 59  VAL 59  59  59  VAL VAL A . n 
A 1 60  PRO 60  60  60  PRO PRO A . n 
A 1 61  TYR 61  61  61  TYR TYR A . n 
A 1 62  GLY 62  62  62  GLY GLY A . n 
A 1 63  ASN 63  63  63  ASN ASN A . n 
A 1 64  HIS 64  64  64  HIS HIS A . n 
A 1 65  GLY 65  65  65  GLY GLY A . n 
A 1 66  CYS 66  66  66  CYS CYS A . n 
A 1 67  LYS 67  67  67  LYS LYS A . n 
A 1 68  GLY 68  68  68  GLY GLY A . n 
A 1 69  GLY 69  69  69  GLY GLY A . n 
A 1 70  ASN 70  70  70  ASN ASN A . n 
A 1 71  MET 71  71  71  MET MET A . n 
A 1 72  TYR 72  72  72  TYR TYR A . n 
A 1 73  VAL 73  73  73  VAL VAL A . n 
A 1 74  ALA 74  74  74  ALA ALA A . n 
A 1 75  PHE 75  75  75  PHE PHE A . n 
A 1 76  LEU 76  76  76  LEU LEU A . n 
A 1 77  TYR 77  77  77  TYR TYR A . n 
A 1 78  VAL 78  78  78  VAL VAL A . n 
A 1 79  VAL 79  79  79  VAL VAL A . n 
A 1 80  ALA 80  80  80  ALA ALA A . n 
A 1 81  ASN 81  81  81  ASN ASN A . n 
A 1 82  GLU 82  82  82  GLU GLU A . n 
A 1 83  GLY 83  83  83  GLY GLY A . n 
A 1 84  VAL 84  84  84  VAL VAL A . n 
A 1 85  ASP 85  85  85  ASP ASP A . n 
A 1 86  ASP 86  86  86  ASP ASP A . n 
A 1 87  GLY 87  87  87  GLY GLY A . n 
A 1 88  GLY 88  88  88  GLY GLY A . n 
A 1 89  SER 89  89  89  SER SER A . n 
A 1 90  TYR 90  90  90  TYR TYR A . n 
A 1 91  PRO 91  91  91  PRO PRO A . n 
A 1 92  PHE 92  92  92  PHE PHE A . n 
A 1 93  ARG 93  93  93  ARG ARG A . n 
A 1 94  GLY 94  94  94  GLY GLY A . n 
A 1 95  LYS 95  95  95  LYS LYS A . n 
A 1 96  GLN 96  96  96  GLN GLN A . n 
A 1 97  SER 97  97  97  SER SER A . n 
A 1 98  SER 98  98  98  SER SER A . n 
A 1 99  CYS 99  99  99  CYS CYS A . n 
A 1 100 THR 100 100 100 THR THR A . n 
A 1 101 TYR 101 101 101 TYR TYR A . n 
A 1 102 GLN 102 102 102 GLN GLN A . n 
A 1 103 GLU 103 103 103 GLU GLU A . n 
A 1 104 GLN 104 104 104 GLN GLN A . n 
A 1 105 TYR 105 105 105 TYR TYR A . n 
A 1 106 ARG 106 106 106 ARG ARG A . n 
A 1 107 GLY 107 107 107 GLY GLY A . n 
A 1 108 ALA 108 108 108 ALA ALA A . n 
A 1 109 SER 109 109 109 SER SER A . n 
A 1 110 MET 110 110 110 MET MET A . n 
A 1 111 SER 111 111 111 SER SER A . n 
A 1 112 GLY 112 112 112 GLY GLY A . n 
A 1 113 SER 113 113 113 SER SER A . n 
A 1 114 VAL 114 114 114 VAL VAL A . n 
A 1 115 GLN 115 115 115 GLN GLN A . n 
A 1 116 ILE 116 116 116 ILE ILE A . n 
A 1 117 ASN 117 117 117 ASN ASN A . n 
A 1 118 SER 118 118 118 SER SER A . n 
A 1 119 GLY 119 119 119 GLY GLY A . n 
A 1 120 SER 120 120 120 SER SER A . n 
A 1 121 GLU 121 121 121 GLU GLU A . n 
A 1 122 SER 122 122 122 SER SER A . n 
A 1 123 ASP 123 123 123 ASP ASP A . n 
A 1 124 LEU 124 124 124 LEU LEU A . n 
A 1 125 GLU 125 125 125 GLU GLU A . n 
A 1 126 ALA 126 126 126 ALA ALA A . n 
A 1 127 ALA 127 127 127 ALA ALA A . n 
A 1 128 VAL 128 128 128 VAL VAL A . n 
A 1 129 ALA 129 129 129 ALA ALA A . n 
A 1 130 ASN 130 130 130 ASN ASN A . n 
A 1 131 VAL 131 131 131 VAL VAL A . n 
A 1 132 GLY 132 132 132 GLY GLY A . n 
A 1 133 PRO 133 133 133 PRO PRO A . n 
A 1 134 VAL 134 134 134 VAL VAL A . n 
A 1 135 ALA 135 135 135 ALA ALA A . n 
A 1 136 VAL 136 136 136 VAL VAL A . n 
A 1 137 ALA 137 137 137 ALA ALA A . n 
A 1 138 ILE 138 138 138 ILE ILE A . n 
A 1 139 ASP 139 139 139 ASP ASP A . n 
A 1 140 GLY 140 140 140 GLY GLY A . n 
A 1 141 GLU 141 141 141 GLU GLU A . n 
A 1 142 SER 142 142 142 SER SER A . n 
A 1 143 ASN 143 143 143 ASN ASN A . n 
A 1 144 ALA 144 144 144 ALA ALA A . n 
A 1 145 PHE 145 145 145 PHE PHE A . n 
A 1 146 ARG 146 146 146 ARG ARG A . n 
A 1 147 PHE 147 147 147 PHE PHE A . n 
A 1 148 TYR 148 148 148 TYR TYR A . n 
A 1 149 TYR 149 149 149 TYR TYR A . n 
A 1 150 SER 150 150 150 SER SER A . n 
A 1 151 GLY 151 151 151 GLY GLY A . n 
A 1 152 VAL 152 152 152 VAL VAL A . n 
A 1 153 TYR 153 153 153 TYR TYR A . n 
A 1 154 ASP 154 154 154 ASP ASP A . n 
A 1 155 SER 155 155 155 SER SER A . n 
A 1 156 SER 156 156 156 SER SER A . n 
A 1 157 ARG 157 157 157 ARG ARG A . n 
A 1 158 CYS 158 158 158 CYS CYS A . n 
A 1 159 SER 159 159 159 SER SER A . n 
A 1 160 SER 160 160 160 SER SER A . n 
A 1 161 SER 161 161 161 SER SER A . n 
A 1 162 SER 162 162 162 SER SER A . n 
A 1 163 LEU 163 163 163 LEU LEU A . n 
A 1 164 ASN 164 164 164 ASN ASN A . n 
A 1 165 HIS 165 165 165 HIS HIS A . n 
A 1 166 ALA 166 166 166 ALA ALA A . n 
A 1 167 MET 167 167 167 MET MET A . n 
A 1 168 VAL 168 168 168 VAL VAL A . n 
A 1 169 ILE 169 169 169 ILE ILE A . n 
A 1 170 THR 170 170 170 THR THR A . n 
A 1 171 GLY 171 171 171 GLY GLY A . n 
A 1 172 TYR 172 172 172 TYR TYR A . n 
A 1 173 GLY 173 173 173 GLY GLY A . n 
A 1 174 ILE 174 174 174 ILE ILE A . n 
A 1 175 SER 175 175 ?   ?   ?   A . n 
A 1 176 ASN 176 176 ?   ?   ?   A . n 
A 1 177 ASN 177 177 ?   ?   ?   A . n 
A 1 178 GLN 178 178 ?   ?   ?   A . n 
A 1 179 GLU 179 179 179 GLU GLU A . n 
A 1 180 TYR 180 180 180 TYR TYR A . n 
A 1 181 TRP 181 181 181 TRP TRP A . n 
A 1 182 LEU 182 182 182 LEU LEU A . n 
A 1 183 ALA 183 183 183 ALA ALA A . n 
A 1 184 LYS 184 184 184 LYS LYS A . n 
A 1 185 ASN 185 185 185 ASN ASN A . n 
A 1 186 SER 186 186 186 SER SER A . n 
A 1 187 TRP 187 187 187 TRP TRP A . n 
A 1 188 GLY 188 188 188 GLY GLY A . n 
A 1 189 GLU 189 189 189 GLU GLU A . n 
A 1 190 ASN 190 190 190 ASN ASN A . n 
A 1 191 TRP 191 191 191 TRP TRP A . n 
A 1 192 GLY 192 192 192 GLY GLY A . n 
A 1 193 GLU 193 193 193 GLU GLU A . n 
A 1 194 LEU 194 194 194 LEU LEU A . n 
A 1 195 GLY 195 195 195 GLY GLY A . n 
A 1 196 TYR 196 196 196 TYR TYR A . n 
A 1 197 VAL 197 197 197 VAL VAL A . n 
A 1 198 LYS 198 198 198 LYS LYS A . n 
A 1 199 MET 199 199 199 MET MET A . n 
A 1 200 ALA 200 200 200 ALA ALA A . n 
A 1 201 ARG 201 201 201 ARG ARG A . n 
A 1 202 ASN 202 202 202 ASN ASN A . n 
A 1 203 LYS 203 203 203 LYS LYS A . n 
A 1 204 TYR 204 204 204 TYR TYR A . n 
A 1 205 ASN 205 205 205 ASN ASN A . n 
A 1 206 GLN 206 206 206 GLN GLN A . n 
A 1 207 CYS 207 207 207 CYS CYS A . n 
A 1 208 GLY 208 208 208 GLY GLY A . n 
A 1 209 ILE 209 209 209 ILE ILE A . n 
A 1 210 ALA 210 210 210 ALA ALA A . n 
A 1 211 SER 211 211 211 SER SER A . n 
A 1 212 ASP 212 212 212 ASP ASP A . n 
A 1 213 ALA 213 213 213 ALA ALA A . n 
A 1 214 SER 214 214 214 SER SER A . n 
A 1 215 TYR 215 215 215 TYR TYR A . n 
A 1 216 PRO 216 216 216 PRO PRO A . n 
A 1 217 THR 217 217 217 THR THR A . n 
A 1 218 LEU 218 218 218 LEU LEU A . n 
# 
loop_
_pdbx_nonpoly_scheme.asym_id 
_pdbx_nonpoly_scheme.entity_id 
_pdbx_nonpoly_scheme.mon_id 
_pdbx_nonpoly_scheme.ndb_seq_num 
_pdbx_nonpoly_scheme.pdb_seq_num 
_pdbx_nonpoly_scheme.auth_seq_num 
_pdbx_nonpoly_scheme.pdb_mon_id 
_pdbx_nonpoly_scheme.auth_mon_id 
_pdbx_nonpoly_scheme.pdb_strand_id 
_pdbx_nonpoly_scheme.pdb_ins_code 
B 2 HOH 1  301 10 HOH HOH A . 
B 2 HOH 2  302 22 HOH HOH A . 
B 2 HOH 3  303 6  HOH HOH A . 
B 2 HOH 4  304 13 HOH HOH A . 
B 2 HOH 5  305 1  HOH HOH A . 
B 2 HOH 6  306 21 HOH HOH A . 
B 2 HOH 7  307 7  HOH HOH A . 
B 2 HOH 8  308 8  HOH HOH A . 
B 2 HOH 9  309 3  HOH HOH A . 
B 2 HOH 10 310 5  HOH HOH A . 
B 2 HOH 11 311 15 HOH HOH A . 
B 2 HOH 12 312 12 HOH HOH A . 
B 2 HOH 13 313 20 HOH HOH A . 
B 2 HOH 14 314 24 HOH HOH A . 
B 2 HOH 15 315 11 HOH HOH A . 
B 2 HOH 16 316 4  HOH HOH A . 
B 2 HOH 17 317 17 HOH HOH A . 
B 2 HOH 18 318 23 HOH HOH A . 
B 2 HOH 19 319 16 HOH HOH A . 
B 2 HOH 20 320 9  HOH HOH A . 
B 2 HOH 21 321 2  HOH HOH A . 
B 2 HOH 22 322 19 HOH HOH A . 
B 2 HOH 23 323 18 HOH HOH A . 
B 2 HOH 24 324 14 HOH HOH A . 
# 
loop_
_pdbx_unobs_or_zero_occ_atoms.id 
_pdbx_unobs_or_zero_occ_atoms.PDB_model_num 
_pdbx_unobs_or_zero_occ_atoms.polymer_flag 
_pdbx_unobs_or_zero_occ_atoms.occupancy_flag 
_pdbx_unobs_or_zero_occ_atoms.auth_asym_id 
_pdbx_unobs_or_zero_occ_atoms.auth_comp_id 
_pdbx_unobs_or_zero_occ_atoms.auth_seq_id 
_pdbx_unobs_or_zero_occ_atoms.PDB_ins_code 
_pdbx_unobs_or_zero_occ_atoms.auth_atom_id 
_pdbx_unobs_or_zero_occ_atoms.label_alt_id 
_pdbx_unobs_or_zero_occ_atoms.label_asym_id 
_pdbx_unobs_or_zero_occ_atoms.label_comp_id 
_pdbx_unobs_or_zero_occ_atoms.label_seq_id 
_pdbx_unobs_or_zero_occ_atoms.label_atom_id 
1   1 Y 0 A GLU 4   ? CG  ? A GLU 4   CG  
2   1 Y 0 A GLU 4   ? CD  ? A GLU 4   CD  
3   1 Y 0 A GLU 4   ? OE1 ? A GLU 4   OE1 
4   1 Y 0 A GLU 4   ? OE2 ? A GLU 4   OE2 
5   1 Y 0 A LYS 45  ? CG  ? A LYS 45  CG  
6   1 Y 0 A LYS 45  ? CD  ? A LYS 45  CD  
7   1 Y 0 A LYS 45  ? CE  ? A LYS 45  CE  
8   1 Y 0 A LYS 45  ? NZ  ? A LYS 45  NZ  
9   1 Y 0 A TYR 48  ? CG  ? A TYR 48  CG  
10  1 Y 0 A TYR 48  ? CD1 ? A TYR 48  CD1 
11  1 Y 0 A TYR 48  ? CD2 ? A TYR 48  CD2 
12  1 Y 0 A TYR 48  ? CE1 ? A TYR 48  CE1 
13  1 Y 0 A TYR 48  ? CE2 ? A TYR 48  CE2 
14  1 Y 0 A TYR 48  ? CZ  ? A TYR 48  CZ  
15  1 Y 0 A TYR 48  ? OH  ? A TYR 48  OH  
16  1 Y 0 A LYS 67  ? CG  ? A LYS 67  CG  
17  1 Y 0 A LYS 67  ? CD  ? A LYS 67  CD  
18  1 Y 0 A LYS 67  ? CE  ? A LYS 67  CE  
19  1 Y 0 A LYS 67  ? NZ  ? A LYS 67  NZ  
20  1 Y 0 A TYR 72  ? CD1 ? A TYR 72  CD1 
21  1 Y 0 A TYR 72  ? CD2 ? A TYR 72  CD2 
22  1 Y 0 A TYR 72  ? CE1 ? A TYR 72  CE1 
23  1 Y 0 A TYR 72  ? CE2 ? A TYR 72  CE2 
24  1 Y 0 A TYR 72  ? CZ  ? A TYR 72  CZ  
25  1 Y 0 A TYR 72  ? OH  ? A TYR 72  OH  
26  1 Y 0 A GLU 82  ? CG  ? A GLU 82  CG  
27  1 Y 0 A GLU 82  ? CD  ? A GLU 82  CD  
28  1 Y 0 A GLU 82  ? OE1 ? A GLU 82  OE1 
29  1 Y 0 A GLU 82  ? OE2 ? A GLU 82  OE2 
30  1 Y 0 A ARG 93  ? CG  ? A ARG 93  CG  
31  1 Y 0 A ARG 93  ? CD  ? A ARG 93  CD  
32  1 Y 0 A ARG 93  ? NE  ? A ARG 93  NE  
33  1 Y 0 A ARG 93  ? CZ  ? A ARG 93  CZ  
34  1 Y 0 A ARG 93  ? NH1 ? A ARG 93  NH1 
35  1 Y 0 A ARG 93  ? NH2 ? A ARG 93  NH2 
36  1 Y 0 A LYS 95  ? CD  ? A LYS 95  CD  
37  1 Y 0 A LYS 95  ? CE  ? A LYS 95  CE  
38  1 Y 0 A LYS 95  ? NZ  ? A LYS 95  NZ  
39  1 Y 0 A GLN 102 ? CG  ? A GLN 102 CG  
40  1 Y 0 A GLN 102 ? CD  ? A GLN 102 CD  
41  1 Y 0 A GLN 102 ? OE1 ? A GLN 102 OE1 
42  1 Y 0 A GLN 102 ? NE2 ? A GLN 102 NE2 
43  1 Y 0 A GLU 103 ? CG  ? A GLU 103 CG  
44  1 Y 0 A GLU 103 ? CD  ? A GLU 103 CD  
45  1 Y 0 A GLU 103 ? OE1 ? A GLU 103 OE1 
46  1 Y 0 A GLU 103 ? OE2 ? A GLU 103 OE2 
47  1 Y 0 A GLN 104 ? CG  ? A GLN 104 CG  
48  1 Y 0 A GLN 104 ? CD  ? A GLN 104 CD  
49  1 Y 0 A GLN 104 ? OE1 ? A GLN 104 OE1 
50  1 Y 0 A GLN 104 ? NE2 ? A GLN 104 NE2 
51  1 Y 0 A TYR 105 ? CD1 ? A TYR 105 CD1 
52  1 Y 0 A TYR 105 ? CD2 ? A TYR 105 CD2 
53  1 Y 0 A TYR 105 ? CE1 ? A TYR 105 CE1 
54  1 Y 0 A TYR 105 ? CE2 ? A TYR 105 CE2 
55  1 Y 0 A TYR 105 ? CZ  ? A TYR 105 CZ  
56  1 Y 0 A TYR 105 ? OH  ? A TYR 105 OH  
57  1 Y 0 A ARG 106 ? CD  ? A ARG 106 CD  
58  1 Y 0 A ARG 106 ? NE  ? A ARG 106 NE  
59  1 Y 0 A ARG 106 ? CZ  ? A ARG 106 CZ  
60  1 Y 0 A ARG 106 ? NH1 ? A ARG 106 NH1 
61  1 Y 0 A ARG 106 ? NH2 ? A ARG 106 NH2 
62  1 Y 0 A GLN 115 ? CG  ? A GLN 115 CG  
63  1 Y 0 A GLN 115 ? CD  ? A GLN 115 CD  
64  1 Y 0 A GLN 115 ? OE1 ? A GLN 115 OE1 
65  1 Y 0 A GLN 115 ? NE2 ? A GLN 115 NE2 
66  1 Y 0 A ASN 117 ? CG  ? A ASN 117 CG  
67  1 Y 0 A ASN 117 ? OD1 ? A ASN 117 OD1 
68  1 Y 0 A ASN 117 ? ND2 ? A ASN 117 ND2 
69  1 Y 0 A ASP 123 ? CG  ? A ASP 123 CG  
70  1 Y 0 A ASP 123 ? OD1 ? A ASP 123 OD1 
71  1 Y 0 A ASP 123 ? OD2 ? A ASP 123 OD2 
72  1 Y 0 A GLU 125 ? CG  ? A GLU 125 CG  
73  1 Y 0 A GLU 125 ? CD  ? A GLU 125 CD  
74  1 Y 0 A GLU 125 ? OE1 ? A GLU 125 OE1 
75  1 Y 0 A GLU 125 ? OE2 ? A GLU 125 OE2 
76  1 Y 0 A ASN 130 ? CG  ? A ASN 130 CG  
77  1 Y 0 A ASN 130 ? OD1 ? A ASN 130 OD1 
78  1 Y 0 A ASN 130 ? ND2 ? A ASN 130 ND2 
79  1 Y 0 A GLU 141 ? CB  ? A GLU 141 CB  
80  1 Y 0 A GLU 141 ? CG  ? A GLU 141 CG  
81  1 Y 0 A GLU 141 ? CD  ? A GLU 141 CD  
82  1 Y 0 A GLU 141 ? OE1 ? A GLU 141 OE1 
83  1 Y 0 A GLU 141 ? OE2 ? A GLU 141 OE2 
84  1 Y 0 A TYR 149 ? CD1 ? A TYR 149 CD1 
85  1 Y 0 A TYR 149 ? CD2 ? A TYR 149 CD2 
86  1 Y 0 A TYR 149 ? CE1 ? A TYR 149 CE1 
87  1 Y 0 A TYR 149 ? CE2 ? A TYR 149 CE2 
88  1 Y 0 A TYR 149 ? CZ  ? A TYR 149 CZ  
89  1 Y 0 A TYR 149 ? OH  ? A TYR 149 OH  
90  1 Y 0 A ARG 157 ? CG  ? A ARG 157 CG  
91  1 Y 0 A ARG 157 ? CD  ? A ARG 157 CD  
92  1 Y 0 A ARG 157 ? NE  ? A ARG 157 NE  
93  1 Y 0 A ARG 157 ? CZ  ? A ARG 157 CZ  
94  1 Y 0 A ARG 157 ? NH1 ? A ARG 157 NH1 
95  1 Y 0 A ARG 157 ? NH2 ? A ARG 157 NH2 
96  1 Y 0 A ILE 174 ? CG1 ? A ILE 174 CG1 
97  1 Y 0 A ILE 174 ? CG2 ? A ILE 174 CG2 
98  1 Y 0 A ILE 174 ? CD1 ? A ILE 174 CD1 
99  1 Y 0 A GLU 179 ? OE1 ? A GLU 179 OE1 
100 1 Y 0 A GLU 179 ? OE2 ? A GLU 179 OE2 
101 1 Y 0 A GLU 189 ? CG  ? A GLU 189 CG  
102 1 Y 0 A GLU 189 ? CD  ? A GLU 189 CD  
103 1 Y 0 A GLU 189 ? OE1 ? A GLU 189 OE1 
104 1 Y 0 A GLU 189 ? OE2 ? A GLU 189 OE2 
105 1 Y 0 A GLU 193 ? OE1 ? A GLU 193 OE1 
106 1 Y 0 A GLU 193 ? OE2 ? A GLU 193 OE2 
107 1 Y 0 A LEU 194 ? CB  ? A LEU 194 CB  
108 1 Y 0 A LEU 194 ? CG  ? A LEU 194 CG  
109 1 Y 0 A LEU 194 ? CD1 ? A LEU 194 CD1 
110 1 Y 0 A LEU 194 ? CD2 ? A LEU 194 CD2 
111 1 Y 0 A LYS 198 ? CG  ? A LYS 198 CG  
112 1 Y 0 A LYS 198 ? CD  ? A LYS 198 CD  
113 1 Y 0 A LYS 198 ? CE  ? A LYS 198 CE  
114 1 Y 0 A LYS 198 ? NZ  ? A LYS 198 NZ  
115 1 Y 0 A ASP 212 ? CG  ? A ASP 212 CG  
116 1 Y 0 A ASP 212 ? OD1 ? A ASP 212 OD1 
117 1 Y 0 A ASP 212 ? OD2 ? A ASP 212 OD2 
118 1 Y 0 A LEU 218 ? CD1 ? A LEU 218 CD1 
119 1 Y 0 A LEU 218 ? CD2 ? A LEU 218 CD2 
# 
loop_
_software.citation_id 
_software.classification 
_software.compiler_name 
_software.compiler_version 
_software.contact_author 
_software.contact_author_email 
_software.date 
_software.description 
_software.dependencies 
_software.hardware 
_software.language 
_software.location 
_software.mods 
_software.name 
_software.os 
_software.os_version 
_software.type 
_software.version 
_software.pdbx_ordinal 
? refinement        ? ? ? ? ? ? ? ? ? ? ? REFMAC      ? ? ? 5.8.0073 1 
? 'data extraction' ? ? ? ? ? ? ? ? ? ? ? PDB_EXTRACT ? ? ? 3.25     2 
? 'data reduction'  ? ? ? ? ? ? ? ? ? ? ? CrystFEL    ? ? ? 0.8.0    3 
? 'data scaling'    ? ? ? ? ? ? ? ? ? ? ? CrystFEL    ? ? ? 0.8.0    4 
? phasing           ? ? ? ? ? ? ? ? ? ? ? MOLREP      ? ? ? 6.4.0    5 
# 
_cell.angle_alpha                  90.000 
_cell.angle_alpha_esd              ? 
_cell.angle_beta                   90.000 
_cell.angle_beta_esd               ? 
_cell.angle_gamma                  120.000 
_cell.angle_gamma_esd              ? 
_cell.entry_id                     6ZQ3 
_cell.details                      ? 
_cell.formula_units_Z              ? 
_cell.length_a                     59.600 
_cell.length_a_esd                 ? 
_cell.length_b                     59.600 
_cell.length_b_esd                 ? 
_cell.length_c                     116.290 
_cell.length_c_esd                 ? 
_cell.volume                       ? 
_cell.volume_esd                   ? 
_cell.Z_PDB                        6 
_cell.reciprocal_angle_alpha       ? 
_cell.reciprocal_angle_beta        ? 
_cell.reciprocal_angle_gamma       ? 
_cell.reciprocal_angle_alpha_esd   ? 
_cell.reciprocal_angle_beta_esd    ? 
_cell.reciprocal_angle_gamma_esd   ? 
_cell.reciprocal_length_a          ? 
_cell.reciprocal_length_b          ? 
_cell.reciprocal_length_c          ? 
_cell.reciprocal_length_a_esd      ? 
_cell.reciprocal_length_b_esd      ? 
_cell.reciprocal_length_c_esd      ? 
_cell.pdbx_unique_axis             ? 
# 
_symmetry.entry_id                         6ZQ3 
_symmetry.cell_setting                     ? 
_symmetry.Int_Tables_number                152 
_symmetry.space_group_name_Hall            ? 
_symmetry.space_group_name_H-M             'P 31 2 1' 
_symmetry.pdbx_full_space_group_name_H-M   ? 
# 
_exptl.absorpt_coefficient_mu     ? 
_exptl.absorpt_correction_T_max   ? 
_exptl.absorpt_correction_T_min   ? 
_exptl.absorpt_correction_type    ? 
_exptl.absorpt_process_details    ? 
_exptl.entry_id                   6ZQ3 
_exptl.crystals_number            1 
_exptl.details                    ? 
_exptl.method                     'X-RAY DIFFRACTION' 
_exptl.method_details             ? 
# 
_exptl_crystal.colour                      ? 
_exptl_crystal.density_diffrn              ? 
_exptl_crystal.density_Matthews            2.56 
_exptl_crystal.density_method              ? 
_exptl_crystal.density_percent_sol         51.95 
_exptl_crystal.description                 ? 
_exptl_crystal.F_000                       ? 
_exptl_crystal.id                          1 
_exptl_crystal.preparation                 ? 
_exptl_crystal.size_max                    ? 
_exptl_crystal.size_mid                    ? 
_exptl_crystal.size_min                    ? 
_exptl_crystal.size_rad                    ? 
_exptl_crystal.colour_lustre               ? 
_exptl_crystal.colour_modifier             ? 
_exptl_crystal.colour_primary              ? 
_exptl_crystal.density_meas                ? 
_exptl_crystal.density_meas_esd            ? 
_exptl_crystal.density_meas_gt             ? 
_exptl_crystal.density_meas_lt             ? 
_exptl_crystal.density_meas_temp           ? 
_exptl_crystal.density_meas_temp_esd       ? 
_exptl_crystal.density_meas_temp_gt        ? 
_exptl_crystal.density_meas_temp_lt        ? 
_exptl_crystal.pdbx_crystal_image_url      ? 
_exptl_crystal.pdbx_crystal_image_format   ? 
_exptl_crystal.pdbx_mosaicity              ? 
_exptl_crystal.pdbx_mosaicity_esd          ? 
# 
_exptl_crystal_grow.apparatus       ? 
_exptl_crystal_grow.atmosphere      ? 
_exptl_crystal_grow.crystal_id      1 
_exptl_crystal_grow.details         ? 
_exptl_crystal_grow.method          'IN CELL' 
_exptl_crystal_grow.method_ref      ? 
_exptl_crystal_grow.pH              ? 
_exptl_crystal_grow.pressure        ? 
_exptl_crystal_grow.pressure_esd    ? 
_exptl_crystal_grow.seeding         ? 
_exptl_crystal_grow.seeding_ref     ? 
_exptl_crystal_grow.temp            298 
_exptl_crystal_grow.temp_details    ? 
_exptl_crystal_grow.temp_esd        ? 
_exptl_crystal_grow.time            ? 
_exptl_crystal_grow.pdbx_details    'in vivo' 
_exptl_crystal_grow.pdbx_pH_range   ? 
# 
_diffrn.ambient_environment              ? 
_diffrn.ambient_temp                     100 
_diffrn.ambient_temp_details             ? 
_diffrn.ambient_temp_esd                 ? 
_diffrn.crystal_id                       1 
_diffrn.crystal_support                  ? 
_diffrn.crystal_treatment                ? 
_diffrn.details                          ? 
_diffrn.id                               1 
_diffrn.ambient_pressure                 ? 
_diffrn.ambient_pressure_esd             ? 
_diffrn.ambient_pressure_gt              ? 
_diffrn.ambient_pressure_lt              ? 
_diffrn.ambient_temp_gt                  ? 
_diffrn.ambient_temp_lt                  ? 
_diffrn.pdbx_serial_crystal_experiment   Y 
# 
_diffrn_detector.details                      ? 
_diffrn_detector.detector                     PIXEL 
_diffrn_detector.diffrn_id                    1 
_diffrn_detector.type                         'DECTRIS EIGER X 16M' 
_diffrn_detector.area_resol_mean              ? 
_diffrn_detector.dtime                        ? 
_diffrn_detector.pdbx_frames_total            ? 
_diffrn_detector.pdbx_collection_time_total   ? 
_diffrn_detector.pdbx_collection_date         2019-04-21 
_diffrn_detector.pdbx_frequency               ? 
# 
_diffrn_radiation.collimation                      ? 
_diffrn_radiation.diffrn_id                        1 
_diffrn_radiation.filter_edge                      ? 
_diffrn_radiation.inhomogeneity                    ? 
_diffrn_radiation.monochromator                    GRAPHITE 
_diffrn_radiation.polarisn_norm                    ? 
_diffrn_radiation.polarisn_ratio                   ? 
_diffrn_radiation.probe                            ? 
_diffrn_radiation.type                             ? 
_diffrn_radiation.xray_symbol                      ? 
_diffrn_radiation.wavelength_id                    1 
_diffrn_radiation.pdbx_monochromatic_or_laue_m_l   M 
_diffrn_radiation.pdbx_wavelength_list             ? 
_diffrn_radiation.pdbx_wavelength                  ? 
_diffrn_radiation.pdbx_diffrn_protocol             'SINGLE WAVELENGTH' 
_diffrn_radiation.pdbx_analyzer                    ? 
_diffrn_radiation.pdbx_scattering_type             x-ray 
# 
_diffrn_radiation_wavelength.id           1 
_diffrn_radiation_wavelength.wavelength   1.0 
_diffrn_radiation_wavelength.wt           1.0 
# 
_diffrn_source.current                     ? 
_diffrn_source.details                     ? 
_diffrn_source.diffrn_id                   1 
_diffrn_source.power                       ? 
_diffrn_source.size                        ? 
_diffrn_source.source                      SYNCHROTRON 
_diffrn_source.target                      ? 
_diffrn_source.type                        'SLS BEAMLINE X06SA' 
_diffrn_source.voltage                     ? 
_diffrn_source.take-off_angle              ? 
_diffrn_source.pdbx_wavelength_list        1.0 
_diffrn_source.pdbx_wavelength             ? 
_diffrn_source.pdbx_synchrotron_beamline   X06SA 
_diffrn_source.pdbx_synchrotron_site       SLS 
# 
_reflns.B_iso_Wilson_estimate            ? 
_reflns.entry_id                         6ZQ3 
_reflns.data_reduction_details           ? 
_reflns.data_reduction_method            ? 
_reflns.d_resolution_high                2.4 
_reflns.d_resolution_low                 51.5 
_reflns.details                          ? 
_reflns.limit_h_max                      ? 
_reflns.limit_h_min                      ? 
_reflns.limit_k_max                      ? 
_reflns.limit_k_min                      ? 
_reflns.limit_l_max                      ? 
_reflns.limit_l_min                      ? 
_reflns.number_all                       ? 
_reflns.number_obs                       9827 
_reflns.observed_criterion               ? 
_reflns.observed_criterion_F_max         ? 
_reflns.observed_criterion_F_min         ? 
_reflns.observed_criterion_I_max         ? 
_reflns.observed_criterion_I_min         ? 
_reflns.observed_criterion_sigma_F       ? 
_reflns.observed_criterion_sigma_I       ? 
_reflns.percent_possible_obs             100 
_reflns.R_free_details                   ? 
_reflns.Rmerge_F_all                     ? 
_reflns.Rmerge_F_obs                     ? 
_reflns.Friedel_coverage                 ? 
_reflns.number_gt                        ? 
_reflns.threshold_expression             ? 
_reflns.pdbx_redundancy                  159 
_reflns.pdbx_Rmerge_I_obs                ? 
_reflns.pdbx_Rmerge_I_all                ? 
_reflns.pdbx_Rsym_value                  ? 
_reflns.pdbx_netI_over_av_sigmaI         ? 
_reflns.pdbx_netI_over_sigmaI            6.1 
_reflns.pdbx_res_netI_over_av_sigmaI_2   ? 
_reflns.pdbx_res_netI_over_sigmaI_2      ? 
_reflns.pdbx_chi_squared                 ? 
_reflns.pdbx_scaling_rejects             ? 
_reflns.pdbx_d_res_high_opt              ? 
_reflns.pdbx_d_res_low_opt               ? 
_reflns.pdbx_d_res_opt_method            ? 
_reflns.phase_calculation_details        ? 
_reflns.pdbx_Rrim_I_all                  ? 
_reflns.pdbx_Rpim_I_all                  ? 
_reflns.pdbx_d_opt                       ? 
_reflns.pdbx_number_measured_all         ? 
_reflns.pdbx_diffrn_id                   1 
_reflns.pdbx_ordinal                     1 
_reflns.pdbx_CC_half                     0.91 
_reflns.pdbx_CC_star                     ? 
_reflns.pdbx_R_split                     ? 
# 
_reflns_shell.d_res_high                  2.4 
_reflns_shell.d_res_low                   2.486 
_reflns_shell.meanI_over_sigI_all         ? 
_reflns_shell.meanI_over_sigI_obs         ? 
_reflns_shell.number_measured_all         ? 
_reflns_shell.number_measured_obs         ? 
_reflns_shell.number_possible             ? 
_reflns_shell.number_unique_all           ? 
_reflns_shell.number_unique_obs           973 
_reflns_shell.percent_possible_all        ? 
_reflns_shell.percent_possible_obs        ? 
_reflns_shell.Rmerge_F_all                ? 
_reflns_shell.Rmerge_F_obs                ? 
_reflns_shell.Rmerge_I_all                ? 
_reflns_shell.Rmerge_I_obs                ? 
_reflns_shell.meanI_over_sigI_gt          ? 
_reflns_shell.meanI_over_uI_all           ? 
_reflns_shell.meanI_over_uI_gt            ? 
_reflns_shell.number_measured_gt          ? 
_reflns_shell.number_unique_gt            ? 
_reflns_shell.percent_possible_gt         ? 
_reflns_shell.Rmerge_F_gt                 ? 
_reflns_shell.Rmerge_I_gt                 ? 
_reflns_shell.pdbx_redundancy             ? 
_reflns_shell.pdbx_Rsym_value             ? 
_reflns_shell.pdbx_chi_squared            ? 
_reflns_shell.pdbx_netI_over_sigmaI_all   ? 
_reflns_shell.pdbx_netI_over_sigmaI_obs   ? 
_reflns_shell.pdbx_Rrim_I_all             ? 
_reflns_shell.pdbx_Rpim_I_all             ? 
_reflns_shell.pdbx_rejects                ? 
_reflns_shell.pdbx_ordinal                1 
_reflns_shell.pdbx_diffrn_id              1 
_reflns_shell.pdbx_CC_half                0.58 
_reflns_shell.pdbx_CC_star                ? 
_reflns_shell.pdbx_R_split                ? 
# 
_refine.aniso_B[1][1]                            1.4600 
_refine.aniso_B[1][2]                            0.7300 
_refine.aniso_B[1][3]                            -0.0000 
_refine.aniso_B[2][2]                            1.4600 
_refine.aniso_B[2][3]                            0.0000 
_refine.aniso_B[3][3]                            -4.7400 
_refine.B_iso_max                                95.980 
_refine.B_iso_mean                               49.1040 
_refine.B_iso_min                                35.200 
_refine.correlation_coeff_Fo_to_Fc               0.8850 
_refine.correlation_coeff_Fo_to_Fc_free          0.9110 
_refine.details                                  
'HYDROGENS HAVE BEEN ADDED IN THE RIDING POSITIONS U VALUES      : REFINED INDIVIDUALLY' 
_refine.diff_density_max                         ? 
_refine.diff_density_max_esd                     ? 
_refine.diff_density_min                         ? 
_refine.diff_density_min_esd                     ? 
_refine.diff_density_rms                         ? 
_refine.diff_density_rms_esd                     ? 
_refine.entry_id                                 6ZQ3 
_refine.pdbx_refine_id                           'X-RAY DIFFRACTION' 
_refine.ls_abs_structure_details                 ? 
_refine.ls_abs_structure_Flack                   ? 
_refine.ls_abs_structure_Flack_esd               ? 
_refine.ls_abs_structure_Rogers                  ? 
_refine.ls_abs_structure_Rogers_esd              ? 
_refine.ls_d_res_high                            2.4000 
_refine.ls_d_res_low                             47.1800 
_refine.ls_extinction_coef                       ? 
_refine.ls_extinction_coef_esd                   ? 
_refine.ls_extinction_expression                 ? 
_refine.ls_extinction_method                     ? 
_refine.ls_goodness_of_fit_all                   ? 
_refine.ls_goodness_of_fit_all_esd               ? 
_refine.ls_goodness_of_fit_obs                   ? 
_refine.ls_goodness_of_fit_obs_esd               ? 
_refine.ls_hydrogen_treatment                    ? 
_refine.ls_matrix_type                           ? 
_refine.ls_number_constraints                    ? 
_refine.ls_number_parameters                     ? 
_refine.ls_number_reflns_all                     ? 
_refine.ls_number_reflns_obs                     9337 
_refine.ls_number_reflns_R_free                  492 
_refine.ls_number_reflns_R_work                  ? 
_refine.ls_number_restraints                     ? 
_refine.ls_percent_reflns_obs                    99.8700 
_refine.ls_percent_reflns_R_free                 5.0000 
_refine.ls_R_factor_all                          ? 
_refine.ls_R_factor_obs                          0.2436 
_refine.ls_R_factor_R_free                       0.3020 
_refine.ls_R_factor_R_free_error                 ? 
_refine.ls_R_factor_R_free_error_details         ? 
_refine.ls_R_factor_R_work                       0.2403 
_refine.ls_R_Fsqd_factor_obs                     ? 
_refine.ls_R_I_factor_obs                        ? 
_refine.ls_redundancy_reflns_all                 ? 
_refine.ls_redundancy_reflns_obs                 ? 
_refine.ls_restrained_S_all                      ? 
_refine.ls_restrained_S_obs                      ? 
_refine.ls_shift_over_esd_max                    ? 
_refine.ls_shift_over_esd_mean                   ? 
_refine.ls_structure_factor_coef                 ? 
_refine.ls_weighting_details                     ? 
_refine.ls_weighting_scheme                      ? 
_refine.ls_wR_factor_all                         ? 
_refine.ls_wR_factor_obs                         ? 
_refine.ls_wR_factor_R_free                      ? 
_refine.ls_wR_factor_R_work                      ? 
_refine.occupancy_max                            ? 
_refine.occupancy_min                            ? 
_refine.solvent_model_details                    MASK 
_refine.solvent_model_param_bsol                 ? 
_refine.solvent_model_param_ksol                 ? 
_refine.pdbx_R_complete                          ? 
_refine.ls_R_factor_gt                           ? 
_refine.ls_goodness_of_fit_gt                    ? 
_refine.ls_goodness_of_fit_ref                   ? 
_refine.ls_shift_over_su_max                     ? 
_refine.ls_shift_over_su_max_lt                  ? 
_refine.ls_shift_over_su_mean                    ? 
_refine.ls_shift_over_su_mean_lt                 ? 
_refine.pdbx_ls_sigma_I                          ? 
_refine.pdbx_ls_sigma_F                          0.000 
_refine.pdbx_ls_sigma_Fsqd                       ? 
_refine.pdbx_data_cutoff_high_absF               ? 
_refine.pdbx_data_cutoff_high_rms_absF           ? 
_refine.pdbx_data_cutoff_low_absF                ? 
_refine.pdbx_isotropic_thermal_model             ? 
_refine.pdbx_ls_cross_valid_method               THROUGHOUT 
_refine.pdbx_method_to_determine_struct          'MOLECULAR REPLACEMENT' 
_refine.pdbx_starting_model                      'pdbid 2VHS' 
_refine.pdbx_stereochemistry_target_values       'MAXIMUM LIKELIHOOD' 
_refine.pdbx_R_Free_selection_details            RANDOM 
_refine.pdbx_stereochem_target_val_spec_case     ? 
_refine.pdbx_overall_ESU_R                       0.3900 
_refine.pdbx_overall_ESU_R_Free                  0.2950 
_refine.pdbx_solvent_vdw_probe_radii             1.2000 
_refine.pdbx_solvent_ion_probe_radii             0.8000 
_refine.pdbx_solvent_shrinkage_radii             0.8000 
_refine.pdbx_real_space_R                        ? 
_refine.pdbx_density_correlation                 ? 
_refine.pdbx_pd_number_of_powder_patterns        ? 
_refine.pdbx_pd_number_of_points                 ? 
_refine.pdbx_pd_meas_number_of_points            ? 
_refine.pdbx_pd_proc_ls_prof_R_factor            ? 
_refine.pdbx_pd_proc_ls_prof_wR_factor           ? 
_refine.pdbx_pd_Marquardt_correlation_coeff      ? 
_refine.pdbx_pd_Fsqrd_R_factor                   ? 
_refine.pdbx_pd_ls_matrix_band_width             ? 
_refine.pdbx_overall_phase_error                 ? 
_refine.pdbx_overall_SU_R_free_Cruickshank_DPI   ? 
_refine.pdbx_overall_SU_R_free_Blow_DPI          ? 
_refine.pdbx_overall_SU_R_Blow_DPI               ? 
_refine.pdbx_TLS_residual_ADP_flag               ? 
_refine.pdbx_diffrn_id                           1 
_refine.overall_SU_B                             12.7000 
_refine.overall_SU_ML                            0.2840 
_refine.overall_SU_R_Cruickshank_DPI             ? 
_refine.overall_SU_R_free                        ? 
_refine.overall_FOM_free_R_set                   ? 
_refine.overall_FOM_work_R_set                   ? 
_refine.pdbx_average_fsc_overall                 ? 
_refine.pdbx_average_fsc_work                    ? 
_refine.pdbx_average_fsc_free                    ? 
# 
_refine_hist.pdbx_refine_id                   'X-RAY DIFFRACTION' 
_refine_hist.cycle_id                         final 
_refine_hist.details                          ? 
_refine_hist.d_res_high                       2.4000 
_refine_hist.d_res_low                        47.1800 
_refine_hist.number_atoms_solvent             24 
_refine_hist.number_atoms_total               1610 
_refine_hist.number_reflns_all                ? 
_refine_hist.number_reflns_obs                ? 
_refine_hist.number_reflns_R_free             ? 
_refine_hist.number_reflns_R_work             ? 
_refine_hist.R_factor_all                     ? 
_refine_hist.R_factor_obs                     ? 
_refine_hist.R_factor_R_free                  ? 
_refine_hist.R_factor_R_work                  ? 
_refine_hist.pdbx_number_residues_total       212 
_refine_hist.pdbx_B_iso_mean_ligand           ? 
_refine_hist.pdbx_B_iso_mean_solvent          53.71 
_refine_hist.pdbx_number_atoms_protein        1586 
_refine_hist.pdbx_number_atoms_nucleic_acid   0 
_refine_hist.pdbx_number_atoms_ligand         0 
_refine_hist.pdbx_number_atoms_lipid          ? 
_refine_hist.pdbx_number_atoms_carb           ? 
_refine_hist.pdbx_pseudo_atom_details         ? 
# 
loop_
_refine_ls_restr.pdbx_refine_id 
_refine_ls_restr.criterion 
_refine_ls_restr.dev_ideal 
_refine_ls_restr.dev_ideal_target 
_refine_ls_restr.number 
_refine_ls_restr.rejects 
_refine_ls_restr.type 
_refine_ls_restr.weight 
_refine_ls_restr.pdbx_restraint_function 
'X-RAY DIFFRACTION' ? 0.011  0.019  1500 ? r_bond_refined_d       ? ? 
'X-RAY DIFFRACTION' ? 0.001  0.020  1303 ? r_bond_other_d         ? ? 
'X-RAY DIFFRACTION' ? 1.367  1.921  2040 ? r_angle_refined_deg    ? ? 
'X-RAY DIFFRACTION' ? 0.790  3.000  2972 ? r_angle_other_deg      ? ? 
'X-RAY DIFFRACTION' ? 6.237  5.000  210  ? r_dihedral_angle_1_deg ? ? 
'X-RAY DIFFRACTION' ? 33.152 24.314 51   ? r_dihedral_angle_2_deg ? ? 
'X-RAY DIFFRACTION' ? 17.051 15.000 191  ? r_dihedral_angle_3_deg ? ? 
'X-RAY DIFFRACTION' ? 17.532 15.000 3    ? r_dihedral_angle_4_deg ? ? 
'X-RAY DIFFRACTION' ? 0.073  0.200  222  ? r_chiral_restr         ? ? 
'X-RAY DIFFRACTION' ? 0.005  0.020  1802 ? r_gen_planes_refined   ? ? 
'X-RAY DIFFRACTION' ? 0.001  0.020  353  ? r_gen_planes_other     ? ? 
# 
_refine_ls_shell.pdbx_refine_id                   'X-RAY DIFFRACTION' 
_refine_ls_shell.d_res_high                       2.4000 
_refine_ls_shell.d_res_low                        2.4620 
_refine_ls_shell.number_reflns_all                709 
_refine_ls_shell.number_reflns_obs                ? 
_refine_ls_shell.number_reflns_R_free             36 
_refine_ls_shell.number_reflns_R_work             673 
_refine_ls_shell.percent_reflns_obs               100.0000 
_refine_ls_shell.percent_reflns_R_free            ? 
_refine_ls_shell.R_factor_all                     ? 
_refine_ls_shell.R_factor_obs                     ? 
_refine_ls_shell.R_factor_R_free                  0.2880 
_refine_ls_shell.R_factor_R_free_error            0.0000 
_refine_ls_shell.R_factor_R_work                  0.3720 
_refine_ls_shell.redundancy_reflns_all            ? 
_refine_ls_shell.redundancy_reflns_obs            ? 
_refine_ls_shell.wR_factor_all                    ? 
_refine_ls_shell.wR_factor_obs                    ? 
_refine_ls_shell.wR_factor_R_free                 ? 
_refine_ls_shell.wR_factor_R_work                 ? 
_refine_ls_shell.pdbx_R_complete                  ? 
_refine_ls_shell.pdbx_total_number_of_bins_used   20 
_refine_ls_shell.pdbx_phase_error                 ? 
_refine_ls_shell.pdbx_fsc_work                    ? 
_refine_ls_shell.pdbx_fsc_free                    ? 
# 
_struct.entry_id                     6ZQ3 
_struct.title                        'Crystal Structure of Silicatein Alpha from Marine Sponge Tethya aurantium' 
_struct.pdbx_model_details           ? 
_struct.pdbx_formula_weight          ? 
_struct.pdbx_formula_weight_method   ? 
_struct.pdbx_model_type_details      ? 
_struct.pdbx_CASP_flag               N 
# 
_struct_keywords.entry_id        6ZQ3 
_struct_keywords.text            'Silica, Silicatein, Sponges, Demosponges, Spicules, HYDROLASE' 
_struct_keywords.pdbx_keywords   HYDROLASE 
# 
loop_
_struct_asym.id 
_struct_asym.pdbx_blank_PDB_chainid_flag 
_struct_asym.pdbx_modified 
_struct_asym.entity_id 
_struct_asym.details 
A N N 1 ? 
B N N 2 ? 
# 
_struct_ref.id                         1 
_struct_ref.db_name                    UNP 
_struct_ref.db_code                    O76238_TETAR 
_struct_ref.pdbx_db_accession          O76238 
_struct_ref.pdbx_db_isoform            ? 
_struct_ref.entity_id                  1 
_struct_ref.pdbx_seq_one_letter_code   
;AYPETVDWRTKGAVTGIKSQGDCGASYAFSAMGALEGINALATGKLTYLSEQNIIDCSVPYGNHGCKGGNMYVAFLYVVA
NEGVDDGGSYPFRGKQSSCTYQEQYRGASMSGSVQINSGSESDLEAAVANVGPVAVAIDGESNAFRFYYSGVYDSSRCSS
SSLNHAMVITGYGISNNQEYWLAKNSWGENWGELGYVKMARNKYNQCGIASDASYPTL
;
_struct_ref.pdbx_align_begin           113 
# 
_struct_ref_seq.align_id                      1 
_struct_ref_seq.ref_id                        1 
_struct_ref_seq.pdbx_PDB_id_code              6ZQ3 
_struct_ref_seq.pdbx_strand_id                A 
_struct_ref_seq.seq_align_beg                 1 
_struct_ref_seq.pdbx_seq_align_beg_ins_code   ? 
_struct_ref_seq.seq_align_end                 218 
_struct_ref_seq.pdbx_seq_align_end_ins_code   ? 
_struct_ref_seq.pdbx_db_accession             O76238 
_struct_ref_seq.db_align_beg                  113 
_struct_ref_seq.pdbx_db_align_beg_ins_code    ? 
_struct_ref_seq.db_align_end                  330 
_struct_ref_seq.pdbx_db_align_end_ins_code    ? 
_struct_ref_seq.pdbx_auth_seq_align_beg       1 
_struct_ref_seq.pdbx_auth_seq_align_end       218 
# 
_pdbx_struct_assembly.id                   1 
_pdbx_struct_assembly.details              author_and_software_defined_assembly 
_pdbx_struct_assembly.method_details       PISA 
_pdbx_struct_assembly.oligomeric_details   monomeric 
_pdbx_struct_assembly.oligomeric_count     1 
# 
loop_
_pdbx_struct_assembly_prop.biol_id 
_pdbx_struct_assembly_prop.type 
_pdbx_struct_assembly_prop.value 
_pdbx_struct_assembly_prop.details 
1 'ABSA (A^2)' 0    ? 
1 MORE         0    ? 
1 'SSA (A^2)'  9730 ? 
# 
_pdbx_struct_assembly_gen.assembly_id       1 
_pdbx_struct_assembly_gen.oper_expression   1 
_pdbx_struct_assembly_gen.asym_id_list      A,B 
# 
_pdbx_struct_assembly_auth_evidence.id                     1 
_pdbx_struct_assembly_auth_evidence.assembly_id            1 
_pdbx_struct_assembly_auth_evidence.experimental_support   'scanning transmission electron microscopy' 
_pdbx_struct_assembly_auth_evidence.details                ? 
# 
_pdbx_struct_oper_list.id                   1 
_pdbx_struct_oper_list.type                 'identity operation' 
_pdbx_struct_oper_list.name                 1_555 
_pdbx_struct_oper_list.symmetry_operation   x,y,z 
_pdbx_struct_oper_list.matrix[1][1]         1.0000000000 
_pdbx_struct_oper_list.matrix[1][2]         0.0000000000 
_pdbx_struct_oper_list.matrix[1][3]         0.0000000000 
_pdbx_struct_oper_list.vector[1]            0.0000000000 
_pdbx_struct_oper_list.matrix[2][1]         0.0000000000 
_pdbx_struct_oper_list.matrix[2][2]         1.0000000000 
_pdbx_struct_oper_list.matrix[2][3]         0.0000000000 
_pdbx_struct_oper_list.vector[2]            0.0000000000 
_pdbx_struct_oper_list.matrix[3][1]         0.0000000000 
_pdbx_struct_oper_list.matrix[3][2]         0.0000000000 
_pdbx_struct_oper_list.matrix[3][3]         1.0000000000 
_pdbx_struct_oper_list.vector[3]            0.0000000000 
# 
loop_
_struct_conf.conf_type_id 
_struct_conf.id 
_struct_conf.pdbx_PDB_helix_id 
_struct_conf.beg_label_comp_id 
_struct_conf.beg_label_asym_id 
_struct_conf.beg_label_seq_id 
_struct_conf.pdbx_beg_PDB_ins_code 
_struct_conf.end_label_comp_id 
_struct_conf.end_label_asym_id 
_struct_conf.end_label_seq_id 
_struct_conf.pdbx_end_PDB_ins_code 
_struct_conf.beg_auth_comp_id 
_struct_conf.beg_auth_asym_id 
_struct_conf.beg_auth_seq_id 
_struct_conf.end_auth_comp_id 
_struct_conf.end_auth_asym_id 
_struct_conf.end_auth_seq_id 
_struct_conf.pdbx_PDB_helix_class 
_struct_conf.details 
_struct_conf.pdbx_PDB_helix_length 
HELX_P HELX_P1  AA1 ARG A 9   ? GLY A 12  ? ARG A 9   GLY A 12  5 ? 4  
HELX_P HELX_P2  AA2 ALA A 25  ? GLY A 44  ? ALA A 25  GLY A 44  1 ? 20 
HELX_P HELX_P3  AA3 SER A 50  ? SER A 58  ? SER A 50  SER A 58  1 ? 9  
HELX_P HELX_P4  AA4 VAL A 59  ? GLY A 62  ? VAL A 59  GLY A 62  5 ? 4  
HELX_P HELX_P5  AA5 HIS A 64  ? GLY A 68  ? HIS A 64  GLY A 68  5 ? 5  
HELX_P HELX_P6  AA6 ASN A 70  ? ASN A 81  ? ASN A 70  ASN A 81  1 ? 12 
HELX_P HELX_P7  AA7 GLN A 102 ? GLN A 104 ? GLN A 102 GLN A 104 5 ? 3  
HELX_P HELX_P8  AA8 SER A 120 ? VAL A 131 ? SER A 120 VAL A 131 1 ? 12 
HELX_P HELX_P9  AA9 SER A 142 ? PHE A 147 ? SER A 142 PHE A 147 1 ? 6  
HELX_P HELX_P10 AB1 ASN A 205 ? ILE A 209 ? ASN A 205 ILE A 209 5 ? 5  
# 
_struct_conf_type.id          HELX_P 
_struct_conf_type.criteria    ? 
_struct_conf_type.reference   ? 
# 
loop_
_struct_conn.id 
_struct_conn.conn_type_id 
_struct_conn.pdbx_leaving_atom_flag 
_struct_conn.pdbx_PDB_id 
_struct_conn.ptnr1_label_asym_id 
_struct_conn.ptnr1_label_comp_id 
_struct_conn.ptnr1_label_seq_id 
_struct_conn.ptnr1_label_atom_id 
_struct_conn.pdbx_ptnr1_label_alt_id 
_struct_conn.pdbx_ptnr1_PDB_ins_code 
_struct_conn.pdbx_ptnr1_standard_comp_id 
_struct_conn.ptnr1_symmetry 
_struct_conn.ptnr2_label_asym_id 
_struct_conn.ptnr2_label_comp_id 
_struct_conn.ptnr2_label_seq_id 
_struct_conn.ptnr2_label_atom_id 
_struct_conn.pdbx_ptnr2_label_alt_id 
_struct_conn.pdbx_ptnr2_PDB_ins_code 
_struct_conn.ptnr1_auth_asym_id 
_struct_conn.ptnr1_auth_comp_id 
_struct_conn.ptnr1_auth_seq_id 
_struct_conn.ptnr2_auth_asym_id 
_struct_conn.ptnr2_auth_comp_id 
_struct_conn.ptnr2_auth_seq_id 
_struct_conn.ptnr2_symmetry 
_struct_conn.pdbx_ptnr3_label_atom_id 
_struct_conn.pdbx_ptnr3_label_seq_id 
_struct_conn.pdbx_ptnr3_label_comp_id 
_struct_conn.pdbx_ptnr3_label_asym_id 
_struct_conn.pdbx_ptnr3_label_alt_id 
_struct_conn.pdbx_ptnr3_PDB_ins_code 
_struct_conn.details 
_struct_conn.pdbx_dist_value 
_struct_conn.pdbx_value_order 
_struct_conn.pdbx_role 
disulf1 disulf ? ? A CYS 23  SG ? ? ? 1_555 A CYS 66  SG ? ? A CYS 23  A CYS 66  1_555 ? ? ? ? ? ? ? 2.048 ? ? 
disulf2 disulf ? ? A CYS 57  SG ? ? ? 1_555 A CYS 99  SG ? ? A CYS 57  A CYS 99  1_555 ? ? ? ? ? ? ? 2.056 ? ? 
disulf3 disulf ? ? A CYS 158 SG ? ? ? 1_555 A CYS 207 SG ? ? A CYS 158 A CYS 207 1_555 ? ? ? ? ? ? ? 2.049 ? ? 
# 
_struct_conn_type.id          disulf 
_struct_conn_type.criteria    ? 
_struct_conn_type.reference   ? 
# 
loop_
_pdbx_modification_feature.ordinal 
_pdbx_modification_feature.label_comp_id 
_pdbx_modification_feature.label_asym_id 
_pdbx_modification_feature.label_seq_id 
_pdbx_modification_feature.label_alt_id 
_pdbx_modification_feature.modified_residue_label_comp_id 
_pdbx_modification_feature.modified_residue_label_asym_id 
_pdbx_modification_feature.modified_residue_label_seq_id 
_pdbx_modification_feature.modified_residue_label_alt_id 
_pdbx_modification_feature.auth_comp_id 
_pdbx_modification_feature.auth_asym_id 
_pdbx_modification_feature.auth_seq_id 
_pdbx_modification_feature.PDB_ins_code 
_pdbx_modification_feature.symmetry 
_pdbx_modification_feature.modified_residue_auth_comp_id 
_pdbx_modification_feature.modified_residue_auth_asym_id 
_pdbx_modification_feature.modified_residue_auth_seq_id 
_pdbx_modification_feature.modified_residue_PDB_ins_code 
_pdbx_modification_feature.modified_residue_symmetry 
_pdbx_modification_feature.comp_id_linking_atom 
_pdbx_modification_feature.modified_residue_id_linking_atom 
_pdbx_modification_feature.modified_residue_id 
_pdbx_modification_feature.ref_pcm_id 
_pdbx_modification_feature.ref_comp_id 
_pdbx_modification_feature.type 
_pdbx_modification_feature.category 
1 CYS A 23  ? CYS A 66  ? CYS A 23  ? 1_555 CYS A 66  ? 1_555 SG SG . . . None 'Disulfide bridge' 
2 CYS A 57  ? CYS A 99  ? CYS A 57  ? 1_555 CYS A 99  ? 1_555 SG SG . . . None 'Disulfide bridge' 
3 CYS A 158 ? CYS A 207 ? CYS A 158 ? 1_555 CYS A 207 ? 1_555 SG SG . . . None 'Disulfide bridge' 
# 
loop_
_struct_sheet.id 
_struct_sheet.type 
_struct_sheet.number_strands 
_struct_sheet.details 
AA1 ? 3 ? 
AA2 ? 5 ? 
AA3 ? 2 ? 
AA4 ? 2 ? 
# 
loop_
_struct_sheet_order.sheet_id 
_struct_sheet_order.range_id_1 
_struct_sheet_order.range_id_2 
_struct_sheet_order.offset 
_struct_sheet_order.sense 
AA1 1 2 ? anti-parallel 
AA1 2 3 ? anti-parallel 
AA2 1 2 ? anti-parallel 
AA2 2 3 ? anti-parallel 
AA2 3 4 ? anti-parallel 
AA2 4 5 ? parallel      
AA3 1 2 ? anti-parallel 
AA4 1 2 ? anti-parallel 
# 
loop_
_struct_sheet_range.sheet_id 
_struct_sheet_range.id 
_struct_sheet_range.beg_label_comp_id 
_struct_sheet_range.beg_label_asym_id 
_struct_sheet_range.beg_label_seq_id 
_struct_sheet_range.pdbx_beg_PDB_ins_code 
_struct_sheet_range.end_label_comp_id 
_struct_sheet_range.end_label_asym_id 
_struct_sheet_range.end_label_seq_id 
_struct_sheet_range.pdbx_end_PDB_ins_code 
_struct_sheet_range.beg_auth_comp_id 
_struct_sheet_range.beg_auth_asym_id 
_struct_sheet_range.beg_auth_seq_id 
_struct_sheet_range.end_auth_comp_id 
_struct_sheet_range.end_auth_asym_id 
_struct_sheet_range.end_auth_seq_id 
AA1 1 VAL A 6   ? ASP A 7   ? VAL A 6   ASP A 7   
AA1 2 HIS A 165 ? GLY A 173 ? HIS A 165 GLY A 173 
AA1 3 VAL A 134 ? ILE A 138 ? VAL A 134 ILE A 138 
AA2 1 VAL A 6   ? ASP A 7   ? VAL A 6   ASP A 7   
AA2 2 HIS A 165 ? GLY A 173 ? HIS A 165 GLY A 173 
AA2 3 TYR A 180 ? LYS A 184 ? TYR A 180 LYS A 184 
AA2 4 TYR A 196 ? ALA A 200 ? TYR A 196 ALA A 200 
AA2 5 VAL A 152 ? TYR A 153 ? VAL A 152 TYR A 153 
AA3 1 VAL A 84  ? ASP A 85  ? VAL A 84  ASP A 85  
AA3 2 ARG A 106 ? ALA A 108 ? ARG A 106 ALA A 108 
AA4 1 GLY A 112 ? GLN A 115 ? GLY A 112 GLN A 115 
AA4 2 SER A 214 ? THR A 217 ? SER A 214 THR A 217 
# 
loop_
_pdbx_struct_sheet_hbond.sheet_id 
_pdbx_struct_sheet_hbond.range_id_1 
_pdbx_struct_sheet_hbond.range_id_2 
_pdbx_struct_sheet_hbond.range_1_label_atom_id 
_pdbx_struct_sheet_hbond.range_1_label_comp_id 
_pdbx_struct_sheet_hbond.range_1_label_asym_id 
_pdbx_struct_sheet_hbond.range_1_label_seq_id 
_pdbx_struct_sheet_hbond.range_1_PDB_ins_code 
_pdbx_struct_sheet_hbond.range_1_auth_atom_id 
_pdbx_struct_sheet_hbond.range_1_auth_comp_id 
_pdbx_struct_sheet_hbond.range_1_auth_asym_id 
_pdbx_struct_sheet_hbond.range_1_auth_seq_id 
_pdbx_struct_sheet_hbond.range_2_label_atom_id 
_pdbx_struct_sheet_hbond.range_2_label_comp_id 
_pdbx_struct_sheet_hbond.range_2_label_asym_id 
_pdbx_struct_sheet_hbond.range_2_label_seq_id 
_pdbx_struct_sheet_hbond.range_2_PDB_ins_code 
_pdbx_struct_sheet_hbond.range_2_auth_atom_id 
_pdbx_struct_sheet_hbond.range_2_auth_comp_id 
_pdbx_struct_sheet_hbond.range_2_auth_asym_id 
_pdbx_struct_sheet_hbond.range_2_auth_seq_id 
AA1 1 2 N VAL A 6   ? N VAL A 6   O TYR A 172 ? O TYR A 172 
AA1 2 3 O HIS A 165 ? O HIS A 165 N ILE A 138 ? N ILE A 138 
AA2 1 2 N VAL A 6   ? N VAL A 6   O TYR A 172 ? O TYR A 172 
AA2 2 3 N VAL A 168 ? N VAL A 168 O LYS A 184 ? O LYS A 184 
AA2 3 4 N ALA A 183 ? N ALA A 183 O VAL A 197 ? O VAL A 197 
AA2 4 5 O LYS A 198 ? O LYS A 198 N TYR A 153 ? N TYR A 153 
AA3 1 2 N VAL A 84  ? N VAL A 84  O ALA A 108 ? O ALA A 108 
AA4 1 2 N GLY A 112 ? N GLY A 112 O THR A 217 ? O THR A 217 
# 
_pdbx_entry_details.entry_id                   6ZQ3 
_pdbx_entry_details.compound_details           ? 
_pdbx_entry_details.source_details             ? 
_pdbx_entry_details.nonpolymer_details         ? 
_pdbx_entry_details.sequence_details           ? 
_pdbx_entry_details.has_ligand_of_interest     ? 
_pdbx_entry_details.has_protein_modification   Y 
# 
loop_
_pdbx_validate_torsion.id 
_pdbx_validate_torsion.PDB_model_num 
_pdbx_validate_torsion.auth_comp_id 
_pdbx_validate_torsion.auth_asym_id 
_pdbx_validate_torsion.auth_seq_id 
_pdbx_validate_torsion.PDB_ins_code 
_pdbx_validate_torsion.label_alt_id 
_pdbx_validate_torsion.phi 
_pdbx_validate_torsion.psi 
1 1 ASP A 154 ? ? -150.43 83.32  
2 1 SER A 161 ? ? -140.94 -47.07 
3 1 LEU A 194 ? ? 73.46   36.41  
4 1 LYS A 203 ? ? -103.30 56.93  
# 
loop_
_pdbx_unobs_or_zero_occ_residues.id 
_pdbx_unobs_or_zero_occ_residues.PDB_model_num 
_pdbx_unobs_or_zero_occ_residues.polymer_flag 
_pdbx_unobs_or_zero_occ_residues.occupancy_flag 
_pdbx_unobs_or_zero_occ_residues.auth_asym_id 
_pdbx_unobs_or_zero_occ_residues.auth_comp_id 
_pdbx_unobs_or_zero_occ_residues.auth_seq_id 
_pdbx_unobs_or_zero_occ_residues.PDB_ins_code 
_pdbx_unobs_or_zero_occ_residues.label_asym_id 
_pdbx_unobs_or_zero_occ_residues.label_comp_id 
_pdbx_unobs_or_zero_occ_residues.label_seq_id 
1 1 Y 1 A ALA 1   ? A ALA 1   
2 1 Y 1 A TYR 2   ? A TYR 2   
3 1 Y 1 A SER 175 ? A SER 175 
4 1 Y 1 A ASN 176 ? A ASN 176 
5 1 Y 1 A ASN 177 ? A ASN 177 
6 1 Y 1 A GLN 178 ? A GLN 178 
# 
loop_
_chem_comp_atom.comp_id 
_chem_comp_atom.atom_id 
_chem_comp_atom.type_symbol 
_chem_comp_atom.pdbx_aromatic_flag 
_chem_comp_atom.pdbx_stereo_config 
_chem_comp_atom.pdbx_ordinal 
ALA N    N N N 1   
ALA CA   C N S 2   
ALA C    C N N 3   
ALA O    O N N 4   
ALA CB   C N N 5   
ALA OXT  O N N 6   
ALA H    H N N 7   
ALA H2   H N N 8   
ALA HA   H N N 9   
ALA HB1  H N N 10  
ALA HB2  H N N 11  
ALA HB3  H N N 12  
ALA HXT  H N N 13  
ARG N    N N N 14  
ARG CA   C N S 15  
ARG C    C N N 16  
ARG O    O N N 17  
ARG CB   C N N 18  
ARG CG   C N N 19  
ARG CD   C N N 20  
ARG NE   N N N 21  
ARG CZ   C N N 22  
ARG NH1  N N N 23  
ARG NH2  N N N 24  
ARG OXT  O N N 25  
ARG H    H N N 26  
ARG H2   H N N 27  
ARG HA   H N N 28  
ARG HB2  H N N 29  
ARG HB3  H N N 30  
ARG HG2  H N N 31  
ARG HG3  H N N 32  
ARG HD2  H N N 33  
ARG HD3  H N N 34  
ARG HE   H N N 35  
ARG HH11 H N N 36  
ARG HH12 H N N 37  
ARG HH21 H N N 38  
ARG HH22 H N N 39  
ARG HXT  H N N 40  
ASN N    N N N 41  
ASN CA   C N S 42  
ASN C    C N N 43  
ASN O    O N N 44  
ASN CB   C N N 45  
ASN CG   C N N 46  
ASN OD1  O N N 47  
ASN ND2  N N N 48  
ASN OXT  O N N 49  
ASN H    H N N 50  
ASN H2   H N N 51  
ASN HA   H N N 52  
ASN HB2  H N N 53  
ASN HB3  H N N 54  
ASN HD21 H N N 55  
ASN HD22 H N N 56  
ASN HXT  H N N 57  
ASP N    N N N 58  
ASP CA   C N S 59  
ASP C    C N N 60  
ASP O    O N N 61  
ASP CB   C N N 62  
ASP CG   C N N 63  
ASP OD1  O N N 64  
ASP OD2  O N N 65  
ASP OXT  O N N 66  
ASP H    H N N 67  
ASP H2   H N N 68  
ASP HA   H N N 69  
ASP HB2  H N N 70  
ASP HB3  H N N 71  
ASP HD2  H N N 72  
ASP HXT  H N N 73  
CYS N    N N N 74  
CYS CA   C N R 75  
CYS C    C N N 76  
CYS O    O N N 77  
CYS CB   C N N 78  
CYS SG   S N N 79  
CYS OXT  O N N 80  
CYS H    H N N 81  
CYS H2   H N N 82  
CYS HA   H N N 83  
CYS HB2  H N N 84  
CYS HB3  H N N 85  
CYS HG   H N N 86  
CYS HXT  H N N 87  
GLN N    N N N 88  
GLN CA   C N S 89  
GLN C    C N N 90  
GLN O    O N N 91  
GLN CB   C N N 92  
GLN CG   C N N 93  
GLN CD   C N N 94  
GLN OE1  O N N 95  
GLN NE2  N N N 96  
GLN OXT  O N N 97  
GLN H    H N N 98  
GLN H2   H N N 99  
GLN HA   H N N 100 
GLN HB2  H N N 101 
GLN HB3  H N N 102 
GLN HG2  H N N 103 
GLN HG3  H N N 104 
GLN HE21 H N N 105 
GLN HE22 H N N 106 
GLN HXT  H N N 107 
GLU N    N N N 108 
GLU CA   C N S 109 
GLU C    C N N 110 
GLU O    O N N 111 
GLU CB   C N N 112 
GLU CG   C N N 113 
GLU CD   C N N 114 
GLU OE1  O N N 115 
GLU OE2  O N N 116 
GLU OXT  O N N 117 
GLU H    H N N 118 
GLU H2   H N N 119 
GLU HA   H N N 120 
GLU HB2  H N N 121 
GLU HB3  H N N 122 
GLU HG2  H N N 123 
GLU HG3  H N N 124 
GLU HE2  H N N 125 
GLU HXT  H N N 126 
GLY N    N N N 127 
GLY CA   C N N 128 
GLY C    C N N 129 
GLY O    O N N 130 
GLY OXT  O N N 131 
GLY H    H N N 132 
GLY H2   H N N 133 
GLY HA2  H N N 134 
GLY HA3  H N N 135 
GLY HXT  H N N 136 
HIS N    N N N 137 
HIS CA   C N S 138 
HIS C    C N N 139 
HIS O    O N N 140 
HIS CB   C N N 141 
HIS CG   C Y N 142 
HIS ND1  N Y N 143 
HIS CD2  C Y N 144 
HIS CE1  C Y N 145 
HIS NE2  N Y N 146 
HIS OXT  O N N 147 
HIS H    H N N 148 
HIS H2   H N N 149 
HIS HA   H N N 150 
HIS HB2  H N N 151 
HIS HB3  H N N 152 
HIS HD1  H N N 153 
HIS HD2  H N N 154 
HIS HE1  H N N 155 
HIS HE2  H N N 156 
HIS HXT  H N N 157 
HOH O    O N N 158 
HOH H1   H N N 159 
HOH H2   H N N 160 
ILE N    N N N 161 
ILE CA   C N S 162 
ILE C    C N N 163 
ILE O    O N N 164 
ILE CB   C N S 165 
ILE CG1  C N N 166 
ILE CG2  C N N 167 
ILE CD1  C N N 168 
ILE OXT  O N N 169 
ILE H    H N N 170 
ILE H2   H N N 171 
ILE HA   H N N 172 
ILE HB   H N N 173 
ILE HG12 H N N 174 
ILE HG13 H N N 175 
ILE HG21 H N N 176 
ILE HG22 H N N 177 
ILE HG23 H N N 178 
ILE HD11 H N N 179 
ILE HD12 H N N 180 
ILE HD13 H N N 181 
ILE HXT  H N N 182 
LEU N    N N N 183 
LEU CA   C N S 184 
LEU C    C N N 185 
LEU O    O N N 186 
LEU CB   C N N 187 
LEU CG   C N N 188 
LEU CD1  C N N 189 
LEU CD2  C N N 190 
LEU OXT  O N N 191 
LEU H    H N N 192 
LEU H2   H N N 193 
LEU HA   H N N 194 
LEU HB2  H N N 195 
LEU HB3  H N N 196 
LEU HG   H N N 197 
LEU HD11 H N N 198 
LEU HD12 H N N 199 
LEU HD13 H N N 200 
LEU HD21 H N N 201 
LEU HD22 H N N 202 
LEU HD23 H N N 203 
LEU HXT  H N N 204 
LYS N    N N N 205 
LYS CA   C N S 206 
LYS C    C N N 207 
LYS O    O N N 208 
LYS CB   C N N 209 
LYS CG   C N N 210 
LYS CD   C N N 211 
LYS CE   C N N 212 
LYS NZ   N N N 213 
LYS OXT  O N N 214 
LYS H    H N N 215 
LYS H2   H N N 216 
LYS HA   H N N 217 
LYS HB2  H N N 218 
LYS HB3  H N N 219 
LYS HG2  H N N 220 
LYS HG3  H N N 221 
LYS HD2  H N N 222 
LYS HD3  H N N 223 
LYS HE2  H N N 224 
LYS HE3  H N N 225 
LYS HZ1  H N N 226 
LYS HZ2  H N N 227 
LYS HZ3  H N N 228 
LYS HXT  H N N 229 
MET N    N N N 230 
MET CA   C N S 231 
MET C    C N N 232 
MET O    O N N 233 
MET CB   C N N 234 
MET CG   C N N 235 
MET SD   S N N 236 
MET CE   C N N 237 
MET OXT  O N N 238 
MET H    H N N 239 
MET H2   H N N 240 
MET HA   H N N 241 
MET HB2  H N N 242 
MET HB3  H N N 243 
MET HG2  H N N 244 
MET HG3  H N N 245 
MET HE1  H N N 246 
MET HE2  H N N 247 
MET HE3  H N N 248 
MET HXT  H N N 249 
PHE N    N N N 250 
PHE CA   C N S 251 
PHE C    C N N 252 
PHE O    O N N 253 
PHE CB   C N N 254 
PHE CG   C Y N 255 
PHE CD1  C Y N 256 
PHE CD2  C Y N 257 
PHE CE1  C Y N 258 
PHE CE2  C Y N 259 
PHE CZ   C Y N 260 
PHE OXT  O N N 261 
PHE H    H N N 262 
PHE H2   H N N 263 
PHE HA   H N N 264 
PHE HB2  H N N 265 
PHE HB3  H N N 266 
PHE HD1  H N N 267 
PHE HD2  H N N 268 
PHE HE1  H N N 269 
PHE HE2  H N N 270 
PHE HZ   H N N 271 
PHE HXT  H N N 272 
PRO N    N N N 273 
PRO CA   C N S 274 
PRO C    C N N 275 
PRO O    O N N 276 
PRO CB   C N N 277 
PRO CG   C N N 278 
PRO CD   C N N 279 
PRO OXT  O N N 280 
PRO H    H N N 281 
PRO HA   H N N 282 
PRO HB2  H N N 283 
PRO HB3  H N N 284 
PRO HG2  H N N 285 
PRO HG3  H N N 286 
PRO HD2  H N N 287 
PRO HD3  H N N 288 
PRO HXT  H N N 289 
SER N    N N N 290 
SER CA   C N S 291 
SER C    C N N 292 
SER O    O N N 293 
SER CB   C N N 294 
SER OG   O N N 295 
SER OXT  O N N 296 
SER H    H N N 297 
SER H2   H N N 298 
SER HA   H N N 299 
SER HB2  H N N 300 
SER HB3  H N N 301 
SER HG   H N N 302 
SER HXT  H N N 303 
THR N    N N N 304 
THR CA   C N S 305 
THR C    C N N 306 
THR O    O N N 307 
THR CB   C N R 308 
THR OG1  O N N 309 
THR CG2  C N N 310 
THR OXT  O N N 311 
THR H    H N N 312 
THR H2   H N N 313 
THR HA   H N N 314 
THR HB   H N N 315 
THR HG1  H N N 316 
THR HG21 H N N 317 
THR HG22 H N N 318 
THR HG23 H N N 319 
THR HXT  H N N 320 
TRP N    N N N 321 
TRP CA   C N S 322 
TRP C    C N N 323 
TRP O    O N N 324 
TRP CB   C N N 325 
TRP CG   C Y N 326 
TRP CD1  C Y N 327 
TRP CD2  C Y N 328 
TRP NE1  N Y N 329 
TRP CE2  C Y N 330 
TRP CE3  C Y N 331 
TRP CZ2  C Y N 332 
TRP CZ3  C Y N 333 
TRP CH2  C Y N 334 
TRP OXT  O N N 335 
TRP H    H N N 336 
TRP H2   H N N 337 
TRP HA   H N N 338 
TRP HB2  H N N 339 
TRP HB3  H N N 340 
TRP HD1  H N N 341 
TRP HE1  H N N 342 
TRP HE3  H N N 343 
TRP HZ2  H N N 344 
TRP HZ3  H N N 345 
TRP HH2  H N N 346 
TRP HXT  H N N 347 
TYR N    N N N 348 
TYR CA   C N S 349 
TYR C    C N N 350 
TYR O    O N N 351 
TYR CB   C N N 352 
TYR CG   C Y N 353 
TYR CD1  C Y N 354 
TYR CD2  C Y N 355 
TYR CE1  C Y N 356 
TYR CE2  C Y N 357 
TYR CZ   C Y N 358 
TYR OH   O N N 359 
TYR OXT  O N N 360 
TYR H    H N N 361 
TYR H2   H N N 362 
TYR HA   H N N 363 
TYR HB2  H N N 364 
TYR HB3  H N N 365 
TYR HD1  H N N 366 
TYR HD2  H N N 367 
TYR HE1  H N N 368 
TYR HE2  H N N 369 
TYR HH   H N N 370 
TYR HXT  H N N 371 
VAL N    N N N 372 
VAL CA   C N S 373 
VAL C    C N N 374 
VAL O    O N N 375 
VAL CB   C N N 376 
VAL CG1  C N N 377 
VAL CG2  C N N 378 
VAL OXT  O N N 379 
VAL H    H N N 380 
VAL H2   H N N 381 
VAL HA   H N N 382 
VAL HB   H N N 383 
VAL HG11 H N N 384 
VAL HG12 H N N 385 
VAL HG13 H N N 386 
VAL HG21 H N N 387 
VAL HG22 H N N 388 
VAL HG23 H N N 389 
VAL HXT  H N N 390 
# 
loop_
_chem_comp_bond.comp_id 
_chem_comp_bond.atom_id_1 
_chem_comp_bond.atom_id_2 
_chem_comp_bond.value_order 
_chem_comp_bond.pdbx_aromatic_flag 
_chem_comp_bond.pdbx_stereo_config 
_chem_comp_bond.pdbx_ordinal 
ALA N   CA   sing N N 1   
ALA N   H    sing N N 2   
ALA N   H2   sing N N 3   
ALA CA  C    sing N N 4   
ALA CA  CB   sing N N 5   
ALA CA  HA   sing N N 6   
ALA C   O    doub N N 7   
ALA C   OXT  sing N N 8   
ALA CB  HB1  sing N N 9   
ALA CB  HB2  sing N N 10  
ALA CB  HB3  sing N N 11  
ALA OXT HXT  sing N N 12  
ARG N   CA   sing N N 13  
ARG N   H    sing N N 14  
ARG N   H2   sing N N 15  
ARG CA  C    sing N N 16  
ARG CA  CB   sing N N 17  
ARG CA  HA   sing N N 18  
ARG C   O    doub N N 19  
ARG C   OXT  sing N N 20  
ARG CB  CG   sing N N 21  
ARG CB  HB2  sing N N 22  
ARG CB  HB3  sing N N 23  
ARG CG  CD   sing N N 24  
ARG CG  HG2  sing N N 25  
ARG CG  HG3  sing N N 26  
ARG CD  NE   sing N N 27  
ARG CD  HD2  sing N N 28  
ARG CD  HD3  sing N N 29  
ARG NE  CZ   sing N N 30  
ARG NE  HE   sing N N 31  
ARG CZ  NH1  sing N N 32  
ARG CZ  NH2  doub N N 33  
ARG NH1 HH11 sing N N 34  
ARG NH1 HH12 sing N N 35  
ARG NH2 HH21 sing N N 36  
ARG NH2 HH22 sing N N 37  
ARG OXT HXT  sing N N 38  
ASN N   CA   sing N N 39  
ASN N   H    sing N N 40  
ASN N   H2   sing N N 41  
ASN CA  C    sing N N 42  
ASN CA  CB   sing N N 43  
ASN CA  HA   sing N N 44  
ASN C   O    doub N N 45  
ASN C   OXT  sing N N 46  
ASN CB  CG   sing N N 47  
ASN CB  HB2  sing N N 48  
ASN CB  HB3  sing N N 49  
ASN CG  OD1  doub N N 50  
ASN CG  ND2  sing N N 51  
ASN ND2 HD21 sing N N 52  
ASN ND2 HD22 sing N N 53  
ASN OXT HXT  sing N N 54  
ASP N   CA   sing N N 55  
ASP N   H    sing N N 56  
ASP N   H2   sing N N 57  
ASP CA  C    sing N N 58  
ASP CA  CB   sing N N 59  
ASP CA  HA   sing N N 60  
ASP C   O    doub N N 61  
ASP C   OXT  sing N N 62  
ASP CB  CG   sing N N 63  
ASP CB  HB2  sing N N 64  
ASP CB  HB3  sing N N 65  
ASP CG  OD1  doub N N 66  
ASP CG  OD2  sing N N 67  
ASP OD2 HD2  sing N N 68  
ASP OXT HXT  sing N N 69  
CYS N   CA   sing N N 70  
CYS N   H    sing N N 71  
CYS N   H2   sing N N 72  
CYS CA  C    sing N N 73  
CYS CA  CB   sing N N 74  
CYS CA  HA   sing N N 75  
CYS C   O    doub N N 76  
CYS C   OXT  sing N N 77  
CYS CB  SG   sing N N 78  
CYS CB  HB2  sing N N 79  
CYS CB  HB3  sing N N 80  
CYS SG  HG   sing N N 81  
CYS OXT HXT  sing N N 82  
GLN N   CA   sing N N 83  
GLN N   H    sing N N 84  
GLN N   H2   sing N N 85  
GLN CA  C    sing N N 86  
GLN CA  CB   sing N N 87  
GLN CA  HA   sing N N 88  
GLN C   O    doub N N 89  
GLN C   OXT  sing N N 90  
GLN CB  CG   sing N N 91  
GLN CB  HB2  sing N N 92  
GLN CB  HB3  sing N N 93  
GLN CG  CD   sing N N 94  
GLN CG  HG2  sing N N 95  
GLN CG  HG3  sing N N 96  
GLN CD  OE1  doub N N 97  
GLN CD  NE2  sing N N 98  
GLN NE2 HE21 sing N N 99  
GLN NE2 HE22 sing N N 100 
GLN OXT HXT  sing N N 101 
GLU N   CA   sing N N 102 
GLU N   H    sing N N 103 
GLU N   H2   sing N N 104 
GLU CA  C    sing N N 105 
GLU CA  CB   sing N N 106 
GLU CA  HA   sing N N 107 
GLU C   O    doub N N 108 
GLU C   OXT  sing N N 109 
GLU CB  CG   sing N N 110 
GLU CB  HB2  sing N N 111 
GLU CB  HB3  sing N N 112 
GLU CG  CD   sing N N 113 
GLU CG  HG2  sing N N 114 
GLU CG  HG3  sing N N 115 
GLU CD  OE1  doub N N 116 
GLU CD  OE2  sing N N 117 
GLU OE2 HE2  sing N N 118 
GLU OXT HXT  sing N N 119 
GLY N   CA   sing N N 120 
GLY N   H    sing N N 121 
GLY N   H2   sing N N 122 
GLY CA  C    sing N N 123 
GLY CA  HA2  sing N N 124 
GLY CA  HA3  sing N N 125 
GLY C   O    doub N N 126 
GLY C   OXT  sing N N 127 
GLY OXT HXT  sing N N 128 
HIS N   CA   sing N N 129 
HIS N   H    sing N N 130 
HIS N   H2   sing N N 131 
HIS CA  C    sing N N 132 
HIS CA  CB   sing N N 133 
HIS CA  HA   sing N N 134 
HIS C   O    doub N N 135 
HIS C   OXT  sing N N 136 
HIS CB  CG   sing N N 137 
HIS CB  HB2  sing N N 138 
HIS CB  HB3  sing N N 139 
HIS CG  ND1  sing Y N 140 
HIS CG  CD2  doub Y N 141 
HIS ND1 CE1  doub Y N 142 
HIS ND1 HD1  sing N N 143 
HIS CD2 NE2  sing Y N 144 
HIS CD2 HD2  sing N N 145 
HIS CE1 NE2  sing Y N 146 
HIS CE1 HE1  sing N N 147 
HIS NE2 HE2  sing N N 148 
HIS OXT HXT  sing N N 149 
HOH O   H1   sing N N 150 
HOH O   H2   sing N N 151 
ILE N   CA   sing N N 152 
ILE N   H    sing N N 153 
ILE N   H2   sing N N 154 
ILE CA  C    sing N N 155 
ILE CA  CB   sing N N 156 
ILE CA  HA   sing N N 157 
ILE C   O    doub N N 158 
ILE C   OXT  sing N N 159 
ILE CB  CG1  sing N N 160 
ILE CB  CG2  sing N N 161 
ILE CB  HB   sing N N 162 
ILE CG1 CD1  sing N N 163 
ILE CG1 HG12 sing N N 164 
ILE CG1 HG13 sing N N 165 
ILE CG2 HG21 sing N N 166 
ILE CG2 HG22 sing N N 167 
ILE CG2 HG23 sing N N 168 
ILE CD1 HD11 sing N N 169 
ILE CD1 HD12 sing N N 170 
ILE CD1 HD13 sing N N 171 
ILE OXT HXT  sing N N 172 
LEU N   CA   sing N N 173 
LEU N   H    sing N N 174 
LEU N   H2   sing N N 175 
LEU CA  C    sing N N 176 
LEU CA  CB   sing N N 177 
LEU CA  HA   sing N N 178 
LEU C   O    doub N N 179 
LEU C   OXT  sing N N 180 
LEU CB  CG   sing N N 181 
LEU CB  HB2  sing N N 182 
LEU CB  HB3  sing N N 183 
LEU CG  CD1  sing N N 184 
LEU CG  CD2  sing N N 185 
LEU CG  HG   sing N N 186 
LEU CD1 HD11 sing N N 187 
LEU CD1 HD12 sing N N 188 
LEU CD1 HD13 sing N N 189 
LEU CD2 HD21 sing N N 190 
LEU CD2 HD22 sing N N 191 
LEU CD2 HD23 sing N N 192 
LEU OXT HXT  sing N N 193 
LYS N   CA   sing N N 194 
LYS N   H    sing N N 195 
LYS N   H2   sing N N 196 
LYS CA  C    sing N N 197 
LYS CA  CB   sing N N 198 
LYS CA  HA   sing N N 199 
LYS C   O    doub N N 200 
LYS C   OXT  sing N N 201 
LYS CB  CG   sing N N 202 
LYS CB  HB2  sing N N 203 
LYS CB  HB3  sing N N 204 
LYS CG  CD   sing N N 205 
LYS CG  HG2  sing N N 206 
LYS CG  HG3  sing N N 207 
LYS CD  CE   sing N N 208 
LYS CD  HD2  sing N N 209 
LYS CD  HD3  sing N N 210 
LYS CE  NZ   sing N N 211 
LYS CE  HE2  sing N N 212 
LYS CE  HE3  sing N N 213 
LYS NZ  HZ1  sing N N 214 
LYS NZ  HZ2  sing N N 215 
LYS NZ  HZ3  sing N N 216 
LYS OXT HXT  sing N N 217 
MET N   CA   sing N N 218 
MET N   H    sing N N 219 
MET N   H2   sing N N 220 
MET CA  C    sing N N 221 
MET CA  CB   sing N N 222 
MET CA  HA   sing N N 223 
MET C   O    doub N N 224 
MET C   OXT  sing N N 225 
MET CB  CG   sing N N 226 
MET CB  HB2  sing N N 227 
MET CB  HB3  sing N N 228 
MET CG  SD   sing N N 229 
MET CG  HG2  sing N N 230 
MET CG  HG3  sing N N 231 
MET SD  CE   sing N N 232 
MET CE  HE1  sing N N 233 
MET CE  HE2  sing N N 234 
MET CE  HE3  sing N N 235 
MET OXT HXT  sing N N 236 
PHE N   CA   sing N N 237 
PHE N   H    sing N N 238 
PHE N   H2   sing N N 239 
PHE CA  C    sing N N 240 
PHE CA  CB   sing N N 241 
PHE CA  HA   sing N N 242 
PHE C   O    doub N N 243 
PHE C   OXT  sing N N 244 
PHE CB  CG   sing N N 245 
PHE CB  HB2  sing N N 246 
PHE CB  HB3  sing N N 247 
PHE CG  CD1  doub Y N 248 
PHE CG  CD2  sing Y N 249 
PHE CD1 CE1  sing Y N 250 
PHE CD1 HD1  sing N N 251 
PHE CD2 CE2  doub Y N 252 
PHE CD2 HD2  sing N N 253 
PHE CE1 CZ   doub Y N 254 
PHE CE1 HE1  sing N N 255 
PHE CE2 CZ   sing Y N 256 
PHE CE2 HE2  sing N N 257 
PHE CZ  HZ   sing N N 258 
PHE OXT HXT  sing N N 259 
PRO N   CA   sing N N 260 
PRO N   CD   sing N N 261 
PRO N   H    sing N N 262 
PRO CA  C    sing N N 263 
PRO CA  CB   sing N N 264 
PRO CA  HA   sing N N 265 
PRO C   O    doub N N 266 
PRO C   OXT  sing N N 267 
PRO CB  CG   sing N N 268 
PRO CB  HB2  sing N N 269 
PRO CB  HB3  sing N N 270 
PRO CG  CD   sing N N 271 
PRO CG  HG2  sing N N 272 
PRO CG  HG3  sing N N 273 
PRO CD  HD2  sing N N 274 
PRO CD  HD3  sing N N 275 
PRO OXT HXT  sing N N 276 
SER N   CA   sing N N 277 
SER N   H    sing N N 278 
SER N   H2   sing N N 279 
SER CA  C    sing N N 280 
SER CA  CB   sing N N 281 
SER CA  HA   sing N N 282 
SER C   O    doub N N 283 
SER C   OXT  sing N N 284 
SER CB  OG   sing N N 285 
SER CB  HB2  sing N N 286 
SER CB  HB3  sing N N 287 
SER OG  HG   sing N N 288 
SER OXT HXT  sing N N 289 
THR N   CA   sing N N 290 
THR N   H    sing N N 291 
THR N   H2   sing N N 292 
THR CA  C    sing N N 293 
THR CA  CB   sing N N 294 
THR CA  HA   sing N N 295 
THR C   O    doub N N 296 
THR C   OXT  sing N N 297 
THR CB  OG1  sing N N 298 
THR CB  CG2  sing N N 299 
THR CB  HB   sing N N 300 
THR OG1 HG1  sing N N 301 
THR CG2 HG21 sing N N 302 
THR CG2 HG22 sing N N 303 
THR CG2 HG23 sing N N 304 
THR OXT HXT  sing N N 305 
TRP N   CA   sing N N 306 
TRP N   H    sing N N 307 
TRP N   H2   sing N N 308 
TRP CA  C    sing N N 309 
TRP CA  CB   sing N N 310 
TRP CA  HA   sing N N 311 
TRP C   O    doub N N 312 
TRP C   OXT  sing N N 313 
TRP CB  CG   sing N N 314 
TRP CB  HB2  sing N N 315 
TRP CB  HB3  sing N N 316 
TRP CG  CD1  doub Y N 317 
TRP CG  CD2  sing Y N 318 
TRP CD1 NE1  sing Y N 319 
TRP CD1 HD1  sing N N 320 
TRP CD2 CE2  doub Y N 321 
TRP CD2 CE3  sing Y N 322 
TRP NE1 CE2  sing Y N 323 
TRP NE1 HE1  sing N N 324 
TRP CE2 CZ2  sing Y N 325 
TRP CE3 CZ3  doub Y N 326 
TRP CE3 HE3  sing N N 327 
TRP CZ2 CH2  doub Y N 328 
TRP CZ2 HZ2  sing N N 329 
TRP CZ3 CH2  sing Y N 330 
TRP CZ3 HZ3  sing N N 331 
TRP CH2 HH2  sing N N 332 
TRP OXT HXT  sing N N 333 
TYR N   CA   sing N N 334 
TYR N   H    sing N N 335 
TYR N   H2   sing N N 336 
TYR CA  C    sing N N 337 
TYR CA  CB   sing N N 338 
TYR CA  HA   sing N N 339 
TYR C   O    doub N N 340 
TYR C   OXT  sing N N 341 
TYR CB  CG   sing N N 342 
TYR CB  HB2  sing N N 343 
TYR CB  HB3  sing N N 344 
TYR CG  CD1  doub Y N 345 
TYR CG  CD2  sing Y N 346 
TYR CD1 CE1  sing Y N 347 
TYR CD1 HD1  sing N N 348 
TYR CD2 CE2  doub Y N 349 
TYR CD2 HD2  sing N N 350 
TYR CE1 CZ   doub Y N 351 
TYR CE1 HE1  sing N N 352 
TYR CE2 CZ   sing Y N 353 
TYR CE2 HE2  sing N N 354 
TYR CZ  OH   sing N N 355 
TYR OH  HH   sing N N 356 
TYR OXT HXT  sing N N 357 
VAL N   CA   sing N N 358 
VAL N   H    sing N N 359 
VAL N   H2   sing N N 360 
VAL CA  C    sing N N 361 
VAL CA  CB   sing N N 362 
VAL CA  HA   sing N N 363 
VAL C   O    doub N N 364 
VAL C   OXT  sing N N 365 
VAL CB  CG1  sing N N 366 
VAL CB  CG2  sing N N 367 
VAL CB  HB   sing N N 368 
VAL CG1 HG11 sing N N 369 
VAL CG1 HG12 sing N N 370 
VAL CG1 HG13 sing N N 371 
VAL CG2 HG21 sing N N 372 
VAL CG2 HG22 sing N N 373 
VAL CG2 HG23 sing N N 374 
VAL OXT HXT  sing N N 375 
# 
_pdbx_audit_support.funding_organization   'German Federal Ministry for Education and Research' 
_pdbx_audit_support.country                Germany 
_pdbx_audit_support.grant_number           03Z22EN11 
_pdbx_audit_support.ordinal                1 
# 
_pdbx_initial_refinement_model.id               1 
_pdbx_initial_refinement_model.entity_id_list   ? 
_pdbx_initial_refinement_model.type             'experimental model' 
_pdbx_initial_refinement_model.source_name      PDB 
_pdbx_initial_refinement_model.accession_code   2VHS 
_pdbx_initial_refinement_model.details          'pdbid 2VHS' 
# 
_atom_sites.entry_id                    6ZQ3 
_atom_sites.Cartn_transf_matrix[1][1]   ? 
_atom_sites.Cartn_transf_matrix[1][2]   ? 
_atom_sites.Cartn_transf_matrix[1][3]   ? 
_atom_sites.Cartn_transf_matrix[2][1]   ? 
_atom_sites.Cartn_transf_matrix[2][2]   ? 
_atom_sites.Cartn_transf_matrix[2][3]   ? 
_atom_sites.Cartn_transf_matrix[3][1]   ? 
_atom_sites.Cartn_transf_matrix[3][2]   ? 
_atom_sites.Cartn_transf_matrix[3][3]   ? 
_atom_sites.Cartn_transf_vector[1]      ? 
_atom_sites.Cartn_transf_vector[2]      ? 
_atom_sites.Cartn_transf_vector[3]      ? 
_atom_sites.fract_transf_matrix[1][1]   -0.01153506 
_atom_sites.fract_transf_matrix[1][2]   -0.01545345 
_atom_sites.fract_transf_matrix[1][3]   0.00187240 
_atom_sites.fract_transf_matrix[2][1]   -0.01466413 
_atom_sites.fract_transf_matrix[2][2]   0.00033487 
_atom_sites.fract_transf_matrix[2][3]   0.01265714 
_atom_sites.fract_transf_matrix[3][1]   -0.00519055 
_atom_sites.fract_transf_matrix[3][2]   0.00313575 
_atom_sites.fract_transf_matrix[3][3]   -0.00609656 
_atom_sites.fract_transf_vector[1]      0.466288 
_atom_sites.fract_transf_vector[2]      -0.236877 
_atom_sites.fract_transf_vector[3]      0.080169 
_atom_sites.solution_primary            ? 
_atom_sites.solution_secondary          ? 
_atom_sites.solution_hydrogens          ? 
_atom_sites.special_details             ? 
# 
loop_
_atom_type.symbol 
C 
N 
O 
S 
# 
loop_
_atom_site.group_PDB 
_atom_site.id 
_atom_site.type_symbol 
_atom_site.label_atom_id 
_atom_site.label_alt_id 
_atom_site.label_comp_id 
_atom_site.label_asym_id 
_atom_site.label_entity_id 
_atom_site.label_seq_id 
_atom_site.pdbx_PDB_ins_code 
_atom_site.Cartn_x 
_atom_site.Cartn_y 
_atom_site.Cartn_z 
_atom_site.occupancy 
_atom_site.B_iso_or_equiv 
_atom_site.pdbx_formal_charge 
_atom_site.auth_seq_id 
_atom_site.auth_comp_id 
_atom_site.auth_asym_id 
_atom_site.auth_atom_id 
_atom_site.pdbx_PDB_model_num 
ATOM   1    N N   . PRO A 1 3   ? -4.209  11.845  18.166  1.00 79.71 ? 3   PRO A N   1 
ATOM   2    C CA  . PRO A 1 3   ? -3.736  10.790  19.083  1.00 78.56 ? 3   PRO A CA  1 
ATOM   3    C C   . PRO A 1 3   ? -2.237  10.473  18.927  1.00 79.52 ? 3   PRO A C   1 
ATOM   4    O O   . PRO A 1 3   ? -1.651  10.720  17.865  1.00 73.79 ? 3   PRO A O   1 
ATOM   5    C CB  . PRO A 1 3   ? -4.615  9.567   18.728  1.00 76.53 ? 3   PRO A CB  1 
ATOM   6    C CG  . PRO A 1 3   ? -5.170  9.833   17.363  1.00 77.61 ? 3   PRO A CG  1 
ATOM   7    C CD  . PRO A 1 3   ? -5.041  11.318  17.064  1.00 79.65 ? 3   PRO A CD  1 
ATOM   8    N N   . GLU A 1 4   ? -1.634  9.933   19.986  1.00 82.52 ? 4   GLU A N   1 
ATOM   9    C CA  . GLU A 1 4   ? -0.187  9.640   20.015  1.00 86.81 ? 4   GLU A CA  1 
ATOM   10   C C   . GLU A 1 4   ? 0.206   8.375   19.231  1.00 85.79 ? 4   GLU A C   1 
ATOM   11   O O   . GLU A 1 4   ? 1.357   8.223   18.815  1.00 80.61 ? 4   GLU A O   1 
ATOM   12   C CB  . GLU A 1 4   ? 0.308   9.527   21.466  1.00 86.62 ? 4   GLU A CB  1 
ATOM   13   C CG  . GLU A 1 4   ? 0.195   10.795  22.274  0.00 30.00 ? 4   GLU A CG  1 
ATOM   14   C CD  . GLU A 1 4   ? 0.607   10.613  23.723  0.00 30.00 ? 4   GLU A CD  1 
ATOM   15   O OE1 . GLU A 1 4   ? 0.771   9.454   24.154  0.00 30.00 ? 4   GLU A OE1 1 
ATOM   16   O OE2 . GLU A 1 4   ? 0.762   11.632  24.431  0.00 30.00 ? 4   GLU A OE2 1 
ATOM   17   N N   . THR A 1 5   ? -0.747  7.467   19.043  1.00 84.61 ? 5   THR A N   1 
ATOM   18   C CA  . THR A 1 5   ? -0.516  6.267   18.258  1.00 81.28 ? 5   THR A CA  1 
ATOM   19   C C   . THR A 1 5   ? -1.830  5.718   17.735  1.00 75.14 ? 5   THR A C   1 
ATOM   20   O O   . THR A 1 5   ? -2.797  5.621   18.494  1.00 69.83 ? 5   THR A O   1 
ATOM   21   C CB  . THR A 1 5   ? 0.161   5.167   19.088  1.00 83.75 ? 5   THR A CB  1 
ATOM   22   O OG1 . THR A 1 5   ? 0.286   3.979   18.292  1.00 88.86 ? 5   THR A OG1 1 
ATOM   23   C CG2 . THR A 1 5   ? -0.660  4.844   20.340  1.00 91.16 ? 5   THR A CG2 1 
ATOM   24   N N   . VAL A 1 6   ? -1.855  5.370   16.444  1.00 67.55 ? 6   VAL A N   1 
ATOM   25   C CA  . VAL A 1 6   ? -2.970  4.630   15.864  1.00 63.37 ? 6   VAL A CA  1 
ATOM   26   C C   . VAL A 1 6   ? -2.456  3.313   15.304  1.00 57.66 ? 6   VAL A C   1 
ATOM   27   O O   . VAL A 1 6   ? -1.286  3.172   15.004  1.00 53.51 ? 6   VAL A O   1 
ATOM   28   C CB  . VAL A 1 6   ? -3.695  5.377   14.708  1.00 66.93 ? 6   VAL A CB  1 
ATOM   29   C CG1 . VAL A 1 6   ? -5.192  5.072   14.733  1.00 65.06 ? 6   VAL A CG1 1 
ATOM   30   C CG2 . VAL A 1 6   ? -3.488  6.872   14.797  1.00 71.78 ? 6   VAL A CG2 1 
ATOM   31   N N   . ASP A 1 7   ? -3.362  2.353   15.182  1.00 55.95 ? 7   ASP A N   1 
ATOM   32   C CA  . ASP A 1 7   ? -3.175  1.199   14.336  1.00 50.36 ? 7   ASP A CA  1 
ATOM   33   C C   . ASP A 1 7   ? -4.566  0.858   13.841  1.00 49.33 ? 7   ASP A C   1 
ATOM   34   O O   . ASP A 1 7   ? -5.472  0.628   14.656  1.00 48.27 ? 7   ASP A O   1 
ATOM   35   C CB  . ASP A 1 7   ? -2.583  0.061   15.150  1.00 51.78 ? 7   ASP A CB  1 
ATOM   36   C CG  . ASP A 1 7   ? -2.504  -1.239  14.382  1.00 50.98 ? 7   ASP A CG  1 
ATOM   37   O OD1 . ASP A 1 7   ? -3.133  -1.376  13.315  1.00 54.12 ? 7   ASP A OD1 1 
ATOM   38   O OD2 . ASP A 1 7   ? -1.808  -2.146  14.860  1.00 55.77 ? 7   ASP A OD2 1 
ATOM   39   N N   . TRP A 1 8   ? -4.753  0.826   12.521  1.00 48.14 ? 8   TRP A N   1 
ATOM   40   C CA  . TRP A 1 8   ? -6.105  0.719   11.956  1.00 48.27 ? 8   TRP A CA  1 
ATOM   41   C C   . TRP A 1 8   ? -6.722  -0.676  12.071  1.00 52.30 ? 8   TRP A C   1 
ATOM   42   O O   . TRP A 1 8   ? -7.900  -0.863  11.732  1.00 47.38 ? 8   TRP A O   1 
ATOM   43   C CB  . TRP A 1 8   ? -6.129  1.202   10.511  1.00 52.85 ? 8   TRP A CB  1 
ATOM   44   C CG  . TRP A 1 8   ? -6.188  2.673   10.432  1.00 52.76 ? 8   TRP A CG  1 
ATOM   45   C CD1 . TRP A 1 8   ? -5.214  3.517   10.004  1.00 51.49 ? 8   TRP A CD1 1 
ATOM   46   C CD2 . TRP A 1 8   ? -7.282  3.491   10.838  1.00 54.65 ? 8   TRP A CD2 1 
ATOM   47   N NE1 . TRP A 1 8   ? -5.638  4.813   10.110  1.00 49.30 ? 8   TRP A NE1 1 
ATOM   48   C CE2 . TRP A 1 8   ? -6.907  4.822   10.620  1.00 49.36 ? 8   TRP A CE2 1 
ATOM   49   C CE3 . TRP A 1 8   ? -8.554  3.221   11.354  1.00 54.91 ? 8   TRP A CE3 1 
ATOM   50   C CZ2 . TRP A 1 8   ? -7.752  5.887   10.905  1.00 53.46 ? 8   TRP A CZ2 1 
ATOM   51   C CZ3 . TRP A 1 8   ? -9.396  4.279   11.627  1.00 54.45 ? 8   TRP A CZ3 1 
ATOM   52   C CH2 . TRP A 1 8   ? -8.991  5.598   11.407  1.00 52.97 ? 8   TRP A CH2 1 
ATOM   53   N N   . ARG A 1 9   ? -5.956  -1.653  12.570  1.00 51.54 ? 9   ARG A N   1 
ATOM   54   C CA  . ARG A 1 9   ? -6.572  -2.906  12.992  1.00 51.00 ? 9   ARG A CA  1 
ATOM   55   C C   . ARG A 1 9   ? -7.510  -2.688  14.170  1.00 51.98 ? 9   ARG A C   1 
ATOM   56   O O   . ARG A 1 9   ? -8.392  -3.507  14.429  1.00 57.46 ? 9   ARG A O   1 
ATOM   57   C CB  . ARG A 1 9   ? -5.537  -3.928  13.368  1.00 51.18 ? 9   ARG A CB  1 
ATOM   58   C CG  . ARG A 1 9   ? -4.795  -4.471  12.179  1.00 52.50 ? 9   ARG A CG  1 
ATOM   59   C CD  . ARG A 1 9   ? -3.698  -5.405  12.638  1.00 53.47 ? 9   ARG A CD  1 
ATOM   60   N NE  . ARG A 1 9   ? -2.709  -4.698  13.451  1.00 55.56 ? 9   ARG A NE  1 
ATOM   61   C CZ  . ARG A 1 9   ? -1.553  -5.220  13.841  1.00 57.47 ? 9   ARG A CZ  1 
ATOM   62   N NH1 . ARG A 1 9   ? -1.234  -6.471  13.503  1.00 58.40 ? 9   ARG A NH1 1 
ATOM   63   N NH2 . ARG A 1 9   ? -0.710  -4.483  14.560  1.00 54.64 ? 9   ARG A NH2 1 
ATOM   64   N N   . THR A 1 10  ? -7.321  -1.590  14.885  1.00 50.06 ? 10  THR A N   1 
ATOM   65   C CA  . THR A 1 10  ? -8.232  -1.215  15.955  1.00 53.00 ? 10  THR A CA  1 
ATOM   66   C C   . THR A 1 10  ? -9.652  -0.955  15.446  1.00 59.05 ? 10  THR A C   1 
ATOM   67   O O   . THR A 1 10  ? -10.619 -1.122  16.189  1.00 62.01 ? 10  THR A O   1 
ATOM   68   C CB  . THR A 1 10  ? -7.691  0.023   16.669  1.00 51.26 ? 10  THR A CB  1 
ATOM   69   O OG1 . THR A 1 10  ? -6.511  -0.363  17.371  1.00 60.82 ? 10  THR A OG1 1 
ATOM   70   C CG2 . THR A 1 10  ? -8.652  0.528   17.657  1.00 56.05 ? 10  THR A CG2 1 
ATOM   71   N N   . LYS A 1 11  ? -9.762  -0.542  14.181  1.00 58.76 ? 11  LYS A N   1 
ATOM   72   C CA  . LYS A 1 11  ? -11.041 -0.300  13.537  1.00 58.14 ? 11  LYS A CA  1 
ATOM   73   C C   . LYS A 1 11  ? -11.424 -1.393  12.526  1.00 54.81 ? 11  LYS A C   1 
ATOM   74   O O   . LYS A 1 11  ? -12.347 -1.213  11.726  1.00 46.72 ? 11  LYS A O   1 
ATOM   75   C CB  . LYS A 1 11  ? -11.010 1.077   12.878  1.00 59.68 ? 11  LYS A CB  1 
ATOM   76   C CG  . LYS A 1 11  ? -11.851 2.109   13.612  1.00 65.23 ? 11  LYS A CG  1 
ATOM   77   C CD  . LYS A 1 11  ? -13.326 1.819   13.394  1.00 72.05 ? 11  LYS A CD  1 
ATOM   78   C CE  . LYS A 1 11  ? -14.206 3.009   13.738  1.00 77.04 ? 11  LYS A CE  1 
ATOM   79   N NZ  . LYS A 1 11  ? -15.517 2.884   13.031  1.00 79.94 ? 11  LYS A NZ  1 
ATOM   80   N N   . GLY A 1 12  ? -10.726 -2.531  12.580  1.00 53.76 ? 12  GLY A N   1 
ATOM   81   C CA  . GLY A 1 12  ? -10.941 -3.634  11.624  1.00 58.09 ? 12  GLY A CA  1 
ATOM   82   C C   . GLY A 1 12  ? -10.730 -3.262  10.153  1.00 57.15 ? 12  GLY A C   1 
ATOM   83   O O   . GLY A 1 12  ? -11.391 -3.812  9.271   1.00 63.84 ? 12  GLY A O   1 
ATOM   84   N N   . ALA A 1 13  ? -9.793  -2.352  9.901   1.00 50.27 ? 13  ALA A N   1 
ATOM   85   C CA  . ALA A 1 13  ? -9.583  -1.769  8.592   1.00 48.96 ? 13  ALA A CA  1 
ATOM   86   C C   . ALA A 1 13  ? -8.366  -2.325  7.842   1.00 47.77 ? 13  ALA A C   1 
ATOM   87   O O   . ALA A 1 13  ? -7.992  -1.764  6.805   1.00 46.41 ? 13  ALA A O   1 
ATOM   88   C CB  . ALA A 1 13  ? -9.430  -0.252  8.744   1.00 51.43 ? 13  ALA A CB  1 
ATOM   89   N N   . VAL A 1 14  ? -7.719  -3.374  8.371   1.00 50.85 ? 14  VAL A N   1 
ATOM   90   C CA  . VAL A 1 14  ? -6.510  -3.960  7.750   1.00 45.47 ? 14  VAL A CA  1 
ATOM   91   C C   . VAL A 1 14  ? -6.611  -5.474  7.623   1.00 45.99 ? 14  VAL A C   1 
ATOM   92   O O   . VAL A 1 14  ? -6.863  -6.142  8.605   1.00 48.65 ? 14  VAL A O   1 
ATOM   93   C CB  . VAL A 1 14  ? -5.229  -3.668  8.572   1.00 43.21 ? 14  VAL A CB  1 
ATOM   94   C CG1 . VAL A 1 14  ? -4.027  -4.382  7.955   1.00 41.69 ? 14  VAL A CG1 1 
ATOM   95   C CG2 . VAL A 1 14  ? -4.957  -2.162  8.685   1.00 42.56 ? 14  VAL A CG2 1 
ATOM   96   N N   . THR A 1 15  ? -6.355  -6.007  6.428   1.00 46.46 ? 15  THR A N   1 
ATOM   97   C CA  . THR A 1 15  ? -6.315  -7.468  6.198   1.00 45.83 ? 15  THR A CA  1 
ATOM   98   C C   . THR A 1 15  ? -4.985  -8.102  6.584   1.00 44.60 ? 15  THR A C   1 
ATOM   99   O O   . THR A 1 15  ? -4.012  -7.431  6.897   1.00 39.08 ? 15  THR A O   1 
ATOM   100  C CB  . THR A 1 15  ? -6.530  -7.822  4.712   1.00 46.66 ? 15  THR A CB  1 
ATOM   101  O OG1 . THR A 1 15  ? -5.491  -7.228  3.908   1.00 48.18 ? 15  THR A OG1 1 
ATOM   102  C CG2 . THR A 1 15  ? -7.868  -7.318  4.249   1.00 49.51 ? 15  THR A CG2 1 
ATOM   103  N N   . GLY A 1 16  ? -4.958  -9.421  6.530   1.00 46.34 ? 16  GLY A N   1 
ATOM   104  C CA  . GLY A 1 16  ? -3.746  -10.157 6.759   1.00 48.97 ? 16  GLY A CA  1 
ATOM   105  C C   . GLY A 1 16  ? -2.663  -9.737  5.797   1.00 48.16 ? 16  GLY A C   1 
ATOM   106  O O   . GLY A 1 16  ? -2.919  -9.061  4.817   1.00 45.46 ? 16  GLY A O   1 
ATOM   107  N N   . ILE A 1 17  ? -1.441  -10.134 6.126   1.00 54.44 ? 17  ILE A N   1 
ATOM   108  C CA  . ILE A 1 17  ? -0.252  -9.913  5.305   1.00 52.23 ? 17  ILE A CA  1 
ATOM   109  C C   . ILE A 1 17  ? -0.273  -10.786 4.051   1.00 53.12 ? 17  ILE A C   1 
ATOM   110  O O   . ILE A 1 17  ? -0.641  -11.952 4.104   1.00 55.49 ? 17  ILE A O   1 
ATOM   111  C CB  . ILE A 1 17  ? 1.041   -10.199 6.122   1.00 50.39 ? 17  ILE A CB  1 
ATOM   112  C CG1 . ILE A 1 17  ? 1.633   -8.915  6.702   1.00 50.10 ? 17  ILE A CG1 1 
ATOM   113  C CG2 . ILE A 1 17  ? 2.159   -10.727 5.236   1.00 54.34 ? 17  ILE A CG2 1 
ATOM   114  C CD1 . ILE A 1 17  ? 0.759   -8.199  7.685   1.00 50.42 ? 17  ILE A CD1 1 
ATOM   115  N N   . LYS A 1 18  ? 0.183   -10.228 2.936   1.00 51.03 ? 18  LYS A N   1 
ATOM   116  C CA  . LYS A 1 18  ? 0.250   -10.951 1.675   1.00 47.76 ? 18  LYS A CA  1 
ATOM   117  C C   . LYS A 1 18  ? 1.698   -11.109 1.230   1.00 44.08 ? 18  LYS A C   1 
ATOM   118  O O   . LYS A 1 18  ? 2.575   -10.425 1.739   1.00 44.40 ? 18  LYS A O   1 
ATOM   119  C CB  . LYS A 1 18  ? -0.553  -10.170 0.639   1.00 52.12 ? 18  LYS A CB  1 
ATOM   120  C CG  . LYS A 1 18  ? -2.038  -10.103 0.993   1.00 58.78 ? 18  LYS A CG  1 
ATOM   121  C CD  . LYS A 1 18  ? -2.757  -8.953  0.314   1.00 65.59 ? 18  LYS A CD  1 
ATOM   122  C CE  . LYS A 1 18  ? -4.083  -8.620  0.997   1.00 70.54 ? 18  LYS A CE  1 
ATOM   123  N NZ  . LYS A 1 18  ? -4.955  -7.777  0.113   1.00 74.38 ? 18  LYS A NZ  1 
ATOM   124  N N   . SER A 1 19  ? 1.955   -12.029 0.312   1.00 43.12 ? 19  SER A N   1 
ATOM   125  C CA  . SER A 1 19  ? 3.280   -12.177 -0.284  1.00 50.58 ? 19  SER A CA  1 
ATOM   126  C C   . SER A 1 19  ? 3.135   -12.033 -1.779  1.00 48.69 ? 19  SER A C   1 
ATOM   127  O O   . SER A 1 19  ? 2.395   -12.771 -2.395  1.00 46.97 ? 19  SER A O   1 
ATOM   128  C CB  . SER A 1 19  ? 3.957   -13.537 0.051   1.00 55.58 ? 19  SER A CB  1 
ATOM   129  O OG  . SER A 1 19  ? 5.365   -13.497 -0.261  1.00 52.23 ? 19  SER A OG  1 
ATOM   130  N N   . GLN A 1 20  ? 3.866   -11.090 -2.357  1.00 47.11 ? 20  GLN A N   1 
ATOM   131  C CA  . GLN A 1 20  ? 3.838   -10.882 -3.786  1.00 47.26 ? 20  GLN A CA  1 
ATOM   132  C C   . GLN A 1 20  ? 4.668   -11.901 -4.579  1.00 47.59 ? 20  GLN A C   1 
ATOM   133  O O   . GLN A 1 20  ? 4.704   -11.849 -5.794  1.00 48.73 ? 20  GLN A O   1 
ATOM   134  C CB  . GLN A 1 20  ? 4.278   -9.452  -4.103  1.00 45.75 ? 20  GLN A CB  1 
ATOM   135  C CG  . GLN A 1 20  ? 5.745   -9.200  -3.898  1.00 46.68 ? 20  GLN A CG  1 
ATOM   136  C CD  . GLN A 1 20  ? 6.068   -7.732  -3.727  1.00 47.57 ? 20  GLN A CD  1 
ATOM   137  O OE1 . GLN A 1 20  ? 5.436   -7.027  -2.946  1.00 54.08 ? 20  GLN A OE1 1 
ATOM   138  N NE2 . GLN A 1 20  ? 7.078   -7.277  -4.427  1.00 48.78 ? 20  GLN A NE2 1 
ATOM   139  N N   . GLY A 1 21  ? 5.330   -12.825 -3.897  1.00 51.88 ? 21  GLY A N   1 
ATOM   140  C CA  . GLY A 1 21  ? 6.090   -13.867 -4.561  1.00 49.37 ? 21  GLY A CA  1 
ATOM   141  C C   . GLY A 1 21  ? 7.268   -13.259 -5.288  1.00 52.69 ? 21  GLY A C   1 
ATOM   142  O O   . GLY A 1 21  ? 7.852   -12.265 -4.834  1.00 45.07 ? 21  GLY A O   1 
ATOM   143  N N   . ASP A 1 22  ? 7.572   -13.848 -6.444  1.00 56.70 ? 22  ASP A N   1 
ATOM   144  C CA  . ASP A 1 22  ? 8.593   -13.359 -7.332  1.00 59.45 ? 22  ASP A CA  1 
ATOM   145  C C   . ASP A 1 22  ? 8.078   -12.274 -8.301  1.00 63.57 ? 22  ASP A C   1 
ATOM   146  O O   . ASP A 1 22  ? 8.790   -11.889 -9.231  1.00 72.80 ? 22  ASP A O   1 
ATOM   147  C CB  . ASP A 1 22  ? 9.170   -14.526 -8.129  1.00 63.45 ? 22  ASP A CB  1 
ATOM   148  C CG  . ASP A 1 22  ? 10.476  -14.169 -8.815  1.00 72.45 ? 22  ASP A CG  1 
ATOM   149  O OD1 . ASP A 1 22  ? 11.232  -13.364 -8.226  1.00 79.44 ? 22  ASP A OD1 1 
ATOM   150  O OD2 . ASP A 1 22  ? 10.760  -14.667 -9.939  1.00 73.26 ? 22  ASP A OD2 1 
ATOM   151  N N   . CYS A 1 23  ? 6.867   -11.767 -8.080  1.00 62.21 ? 23  CYS A N   1 
ATOM   152  C CA  . CYS A 1 23  ? 6.270   -10.725 -8.938  1.00 64.74 ? 23  CYS A CA  1 
ATOM   153  C C   . CYS A 1 23  ? 6.480   -9.323  -8.343  1.00 62.43 ? 23  CYS A C   1 
ATOM   154  O O   . CYS A 1 23  ? 6.143   -9.084  -7.190  1.00 69.80 ? 23  CYS A O   1 
ATOM   155  C CB  . CYS A 1 23  ? 4.778   -11.026 -9.139  1.00 67.04 ? 23  CYS A CB  1 
ATOM   156  S SG  . CYS A 1 23  ? 3.781   -9.714  -9.880  1.00 74.20 ? 23  CYS A SG  1 
ATOM   157  N N   . GLY A 1 24  ? 7.030   -8.402  -9.136  1.00 57.11 ? 24  GLY A N   1 
ATOM   158  C CA  . GLY A 1 24  ? 7.448   -7.083  -8.649  1.00 54.09 ? 24  GLY A CA  1 
ATOM   159  C C   . GLY A 1 24  ? 6.326   -6.063  -8.625  1.00 54.39 ? 24  GLY A C   1 
ATOM   160  O O   . GLY A 1 24  ? 6.452   -4.998  -9.218  1.00 61.87 ? 24  GLY A O   1 
ATOM   161  N N   . ALA A 1 25  ? 5.254   -6.380  -7.902  1.00 51.56 ? 25  ALA A N   1 
ATOM   162  C CA  . ALA A 1 25  ? 3.984   -5.646  -7.937  1.00 50.69 ? 25  ALA A CA  1 
ATOM   163  C C   . ALA A 1 25  ? 3.601   -4.999  -6.598  1.00 49.86 ? 25  ALA A C   1 
ATOM   164  O O   . ALA A 1 25  ? 2.423   -4.976  -6.233  1.00 55.94 ? 25  ALA A O   1 
ATOM   165  C CB  . ALA A 1 25  ? 2.872   -6.604  -8.348  1.00 50.82 ? 25  ALA A CB  1 
ATOM   166  N N   . SER A 1 26  ? 4.559   -4.471  -5.858  1.00 45.57 ? 26  SER A N   1 
ATOM   167  C CA  . SER A 1 26  ? 4.218   -3.756  -4.626  1.00 46.29 ? 26  SER A CA  1 
ATOM   168  C C   . SER A 1 26  ? 3.240   -2.607  -4.875  1.00 39.98 ? 26  SER A C   1 
ATOM   169  O O   . SER A 1 26  ? 2.296   -2.406  -4.106  1.00 35.35 ? 26  SER A O   1 
ATOM   170  C CB  . SER A 1 26  ? 5.469   -3.240  -3.888  1.00 47.19 ? 26  SER A CB  1 
ATOM   171  O OG  . SER A 1 26  ? 6.336   -2.523  -4.741  1.00 46.90 ? 26  SER A OG  1 
ATOM   172  N N   . TYR A 1 27  ? 3.423   -1.888  -5.968  1.00 41.50 ? 27  TYR A N   1 
ATOM   173  C CA  . TYR A 1 27  ? 2.446   -0.844  -6.330  1.00 42.58 ? 27  TYR A CA  1 
ATOM   174  C C   . TYR A 1 27  ? 1.006   -1.333  -6.124  1.00 38.54 ? 27  TYR A C   1 
ATOM   175  O O   . TYR A 1 27  ? 0.205   -0.644  -5.493  1.00 42.29 ? 27  TYR A O   1 
ATOM   176  C CB  . TYR A 1 27  ? 2.673   -0.297  -7.744  1.00 43.47 ? 27  TYR A CB  1 
ATOM   177  C CG  . TYR A 1 27  ? 2.328   -1.239  -8.873  1.00 46.47 ? 27  TYR A CG  1 
ATOM   178  C CD1 . TYR A 1 27  ? 3.259   -2.146  -9.357  1.00 47.23 ? 27  TYR A CD1 1 
ATOM   179  C CD2 . TYR A 1 27  ? 1.077   -1.192  -9.496  1.00 46.84 ? 27  TYR A CD2 1 
ATOM   180  C CE1 . TYR A 1 27  ? 2.946   -2.995  -10.406 1.00 47.93 ? 27  TYR A CE1 1 
ATOM   181  C CE2 . TYR A 1 27  ? 0.755   -2.047  -10.528 1.00 46.59 ? 27  TYR A CE2 1 
ATOM   182  C CZ  . TYR A 1 27  ? 1.696   -2.945  -10.984 1.00 45.00 ? 27  TYR A CZ  1 
ATOM   183  O OH  . TYR A 1 27  ? 1.393   -3.796  -12.019 1.00 47.24 ? 27  TYR A OH  1 
ATOM   184  N N   . ALA A 1 28  ? 0.709   -2.539  -6.585  1.00 36.01 ? 28  ALA A N   1 
ATOM   185  C CA  . ALA A 1 28  ? -0.648  -3.076  -6.524  1.00 36.89 ? 28  ALA A CA  1 
ATOM   186  C C   . ALA A 1 28  ? -1.060  -3.411  -5.141  1.00 38.77 ? 28  ALA A C   1 
ATOM   187  O O   . ALA A 1 28  ? -2.205  -3.191  -4.781  1.00 44.16 ? 28  ALA A O   1 
ATOM   188  C CB  . ALA A 1 28  ? -0.756  -4.350  -7.361  1.00 37.90 ? 28  ALA A CB  1 
ATOM   189  N N   . PHE A 1 29  ? -0.149  -4.037  -4.392  1.00 39.23 ? 29  PHE A N   1 
ATOM   190  C CA  . PHE A 1 29  ? -0.467  -4.503  -3.059  1.00 36.61 ? 29  PHE A CA  1 
ATOM   191  C C   . PHE A 1 29  ? -0.642  -3.282  -2.215  1.00 36.17 ? 29  PHE A C   1 
ATOM   192  O O   . PHE A 1 29  ? -1.564  -3.206  -1.443  1.00 35.20 ? 29  PHE A O   1 
ATOM   193  C CB  . PHE A 1 29  ? 0.618   -5.417  -2.497  1.00 37.44 ? 29  PHE A CB  1 
ATOM   194  C CG  . PHE A 1 29  ? 0.518   -6.851  -2.974  1.00 36.62 ? 29  PHE A CG  1 
ATOM   195  C CD1 . PHE A 1 29  ? 1.144   -7.251  -4.134  1.00 36.31 ? 29  PHE A CD1 1 
ATOM   196  C CD2 . PHE A 1 29  ? -0.207  -7.777  -2.263  1.00 36.06 ? 29  PHE A CD2 1 
ATOM   197  C CE1 . PHE A 1 29  ? 1.067   -8.551  -4.574  1.00 35.96 ? 29  PHE A CE1 1 
ATOM   198  C CE2 . PHE A 1 29  ? -0.315  -9.077  -2.703  1.00 38.46 ? 29  PHE A CE2 1 
ATOM   199  C CZ  . PHE A 1 29  ? 0.332   -9.469  -3.866  1.00 37.29 ? 29  PHE A CZ  1 
ATOM   200  N N   . SER A 1 30  ? 0.247   -2.319  -2.384  1.00 36.31 ? 30  SER A N   1 
ATOM   201  C CA  . SER A 1 30  ? 0.156   -1.059  -1.658  1.00 39.34 ? 30  SER A CA  1 
ATOM   202  C C   . SER A 1 30  ? -1.139  -0.256  -1.963  1.00 45.54 ? 30  SER A C   1 
ATOM   203  O O   . SER A 1 30  ? -1.748  0.317   -1.045  1.00 47.68 ? 30  SER A O   1 
ATOM   204  C CB  . SER A 1 30  ? 1.359   -0.199  -2.001  1.00 38.97 ? 30  SER A CB  1 
ATOM   205  O OG  . SER A 1 30  ? 1.168   1.103   -1.501  1.00 47.61 ? 30  SER A OG  1 
ATOM   206  N N   . ALA A 1 31  ? -1.545  -0.213  -3.237  1.00 40.26 ? 31  ALA A N   1 
ATOM   207  C CA  . ALA A 1 31  ? -2.750  0.508   -3.635  1.00 42.37 ? 31  ALA A CA  1 
ATOM   208  C C   . ALA A 1 31  ? -4.046  -0.114  -3.109  1.00 44.08 ? 31  ALA A C   1 
ATOM   209  O O   . ALA A 1 31  ? -4.914  0.616   -2.605  1.00 40.08 ? 31  ALA A O   1 
ATOM   210  C CB  . ALA A 1 31  ? -2.812  0.637   -5.144  1.00 42.84 ? 31  ALA A CB  1 
ATOM   211  N N   . MET A 1 32  ? -4.147  -1.448  -3.211  1.00 45.82 ? 32  MET A N   1 
ATOM   212  C CA  . MET A 1 32  ? -5.298  -2.226  -2.729  1.00 44.36 ? 32  MET A CA  1 
ATOM   213  C C   . MET A 1 32  ? -5.457  -2.179  -1.234  1.00 45.47 ? 32  MET A C   1 
ATOM   214  O O   . MET A 1 32  ? -6.579  -2.148  -0.725  1.00 50.81 ? 32  MET A O   1 
ATOM   215  C CB  . MET A 1 32  ? -5.159  -3.686  -3.160  1.00 49.20 ? 32  MET A CB  1 
ATOM   216  C CG  . MET A 1 32  ? -5.297  -3.883  -4.659  1.00 55.31 ? 32  MET A CG  1 
ATOM   217  S SD  . MET A 1 32  ? -6.896  -3.303  -5.317  1.00 71.31 ? 32  MET A SD  1 
ATOM   218  C CE  . MET A 1 32  ? -6.580  -1.566  -5.648  1.00 66.16 ? 32  MET A CE  1 
ATOM   219  N N   . GLY A 1 33  ? -4.324  -2.188  -0.539  1.00 42.07 ? 33  GLY A N   1 
ATOM   220  C CA  . GLY A 1 33  ? -4.271  -2.038  0.889   1.00 38.95 ? 33  GLY A CA  1 
ATOM   221  C C   . GLY A 1 33  ? -4.923  -0.761  1.381   1.00 44.50 ? 33  GLY A C   1 
ATOM   222  O O   . GLY A 1 33  ? -5.797  -0.814  2.262   1.00 47.17 ? 33  GLY A O   1 
ATOM   223  N N   . ALA A 1 34  ? -4.526  0.390   0.834   1.00 44.27 ? 34  ALA A N   1 
ATOM   224  C CA  . ALA A 1 34  ? -5.227  1.628   1.169   1.00 44.97 ? 34  ALA A CA  1 
ATOM   225  C C   . ALA A 1 34  ? -6.722  1.531   0.842   1.00 45.95 ? 34  ALA A C   1 
ATOM   226  O O   . ALA A 1 34  ? -7.559  1.832   1.678   1.00 48.67 ? 34  ALA A O   1 
ATOM   227  C CB  . ALA A 1 34  ? -4.587  2.841   0.512   1.00 44.43 ? 34  ALA A CB  1 
ATOM   228  N N   . LEU A 1 35  ? -7.068  1.051   -0.337  1.00 49.83 ? 35  LEU A N   1 
ATOM   229  C CA  . LEU A 1 35  ? -8.498  0.935   -0.733  1.00 48.78 ? 35  LEU A CA  1 
ATOM   230  C C   . LEU A 1 35  ? -9.314  0.032   0.218   1.00 50.25 ? 35  LEU A C   1 
ATOM   231  O O   . LEU A 1 35  ? -10.501 0.279   0.446   1.00 47.56 ? 35  LEU A O   1 
ATOM   232  C CB  . LEU A 1 35  ? -8.613  0.325   -2.128  1.00 47.45 ? 35  LEU A CB  1 
ATOM   233  C CG  . LEU A 1 35  ? -9.610  0.859   -3.147  1.00 50.26 ? 35  LEU A CG  1 
ATOM   234  C CD1 . LEU A 1 35  ? -9.813  -0.231  -4.196  1.00 50.76 ? 35  LEU A CD1 1 
ATOM   235  C CD2 . LEU A 1 35  ? -10.959 1.311   -2.590  1.00 49.10 ? 35  LEU A CD2 1 
ATOM   236  N N   . GLU A 1 36  ? -8.687  -1.050  0.701   1.00 48.66 ? 36  GLU A N   1 
ATOM   237  C CA  . GLU A 1 36  ? -9.359  -2.020  1.561   1.00 46.81 ? 36  GLU A CA  1 
ATOM   238  C C   . GLU A 1 36  ? -9.718  -1.341  2.849   1.00 45.33 ? 36  GLU A C   1 
ATOM   239  O O   . GLU A 1 36  ? -10.767 -1.612  3.438   1.00 40.60 ? 36  GLU A O   1 
ATOM   240  C CB  . GLU A 1 36  ? -8.453  -3.210  1.880   1.00 50.46 ? 36  GLU A CB  1 
ATOM   241  C CG  . GLU A 1 36  ? -8.335  -4.225  0.760   1.00 55.98 ? 36  GLU A CG  1 
ATOM   242  C CD  . GLU A 1 36  ? -7.192  -5.218  0.950   1.00 60.58 ? 36  GLU A CD  1 
ATOM   243  O OE1 . GLU A 1 36  ? -6.366  -5.052  1.876   1.00 62.29 ? 36  GLU A OE1 1 
ATOM   244  O OE2 . GLU A 1 36  ? -7.123  -6.187  0.161   1.00 64.13 ? 36  GLU A OE2 1 
ATOM   245  N N   . GLY A 1 37  ? -8.823  -0.460  3.285   1.00 45.58 ? 37  GLY A N   1 
ATOM   246  C CA  . GLY A 1 37  ? -8.982  0.248   4.536   1.00 46.50 ? 37  GLY A CA  1 
ATOM   247  C C   . GLY A 1 37  ? -10.110 1.222   4.460   1.00 45.66 ? 37  GLY A C   1 
ATOM   248  O O   . GLY A 1 37  ? -11.082 1.111   5.184   1.00 49.33 ? 37  GLY A O   1 
ATOM   249  N N   . ILE A 1 38  ? -9.981  2.156   3.538   1.00 49.80 ? 38  ILE A N   1 
ATOM   250  C CA  . ILE A 1 38  ? -11.011 3.159   3.262   1.00 51.61 ? 38  ILE A CA  1 
ATOM   251  C C   . ILE A 1 38  ? -12.415 2.543   3.127   1.00 48.23 ? 38  ILE A C   1 
ATOM   252  O O   . ILE A 1 38  ? -13.398 3.071   3.629   1.00 43.79 ? 38  ILE A O   1 
ATOM   253  C CB  . ILE A 1 38  ? -10.669 3.901   1.961   1.00 55.69 ? 38  ILE A CB  1 
ATOM   254  C CG1 . ILE A 1 38  ? -9.683  5.073   2.197   1.00 61.99 ? 38  ILE A CG1 1 
ATOM   255  C CG2 . ILE A 1 38  ? -11.922 4.482   1.357   1.00 64.06 ? 38  ILE A CG2 1 
ATOM   256  C CD1 . ILE A 1 38  ? -8.430  4.783   3.014   1.00 62.47 ? 38  ILE A CD1 1 
ATOM   257  N N   . ASN A 1 39  ? -12.482 1.433   2.414   1.00 45.62 ? 39  ASN A N   1 
ATOM   258  C CA  . ASN A 1 39  ? -13.710 0.736   2.176   1.00 44.67 ? 39  ASN A CA  1 
ATOM   259  C C   . ASN A 1 39  ? -14.252 0.087   3.443   1.00 43.80 ? 39  ASN A C   1 
ATOM   260  O O   . ASN A 1 39  ? -15.430 0.145   3.712   1.00 44.51 ? 39  ASN A O   1 
ATOM   261  C CB  . ASN A 1 39  ? -13.474 -0.337  1.108   1.00 51.17 ? 39  ASN A CB  1 
ATOM   262  C CG  . ASN A 1 39  ? -14.713 -1.149  0.834   1.00 57.73 ? 39  ASN A CG  1 
ATOM   263  O OD1 . ASN A 1 39  ? -15.671 -0.648  0.238   1.00 62.00 ? 39  ASN A OD1 1 
ATOM   264  N ND2 . ASN A 1 39  ? -14.728 -2.396  1.305   1.00 59.64 ? 39  ASN A ND2 1 
ATOM   265  N N   . ALA A 1 40  ? -13.373 -0.542  4.207   1.00 42.54 ? 40  ALA A N   1 
ATOM   266  C CA  . ALA A 1 40  ? -13.732 -1.208  5.427   1.00 42.17 ? 40  ALA A CA  1 
ATOM   267  C C   . ALA A 1 40  ? -14.255 -0.241  6.509   1.00 44.21 ? 40  ALA A C   1 
ATOM   268  O O   . ALA A 1 40  ? -15.182 -0.555  7.244   1.00 45.28 ? 40  ALA A O   1 
ATOM   269  C CB  . ALA A 1 40  ? -12.524 -1.961  5.939   1.00 42.00 ? 40  ALA A CB  1 
ATOM   270  N N   . LEU A 1 41  ? -13.611 0.910   6.606   1.00 43.95 ? 41  LEU A N   1 
ATOM   271  C CA  . LEU A 1 41  ? -14.032 2.032   7.442   1.00 45.93 ? 41  LEU A CA  1 
ATOM   272  C C   . LEU A 1 41  ? -15.405 2.585   7.082   1.00 52.53 ? 41  LEU A C   1 
ATOM   273  O O   . LEU A 1 41  ? -16.236 2.782   7.955   1.00 63.98 ? 41  LEU A O   1 
ATOM   274  C CB  . LEU A 1 41  ? -13.024 3.184   7.270   1.00 44.74 ? 41  LEU A CB  1 
ATOM   275  C CG  . LEU A 1 41  ? -11.956 3.480   8.299   1.00 42.51 ? 41  LEU A CG  1 
ATOM   276  C CD1 . LEU A 1 41  ? -11.646 2.284   9.158   1.00 41.30 ? 41  LEU A CD1 1 
ATOM   277  C CD2 . LEU A 1 41  ? -10.731 4.019   7.575   1.00 45.20 ? 41  LEU A CD2 1 
ATOM   278  N N   . ALA A 1 42  ? -15.608 2.887   5.803   1.00 53.17 ? 42  ALA A N   1 
ATOM   279  C CA  . ALA A 1 42  ? -16.873 3.417   5.318   1.00 58.82 ? 42  ALA A CA  1 
ATOM   280  C C   . ALA A 1 42  ? -18.001 2.401   5.420   1.00 61.40 ? 42  ALA A C   1 
ATOM   281  O O   . ALA A 1 42  ? -19.022 2.665   6.043   1.00 66.01 ? 42  ALA A O   1 
ATOM   282  C CB  . ALA A 1 42  ? -16.727 3.865   3.868   1.00 60.66 ? 42  ALA A CB  1 
ATOM   283  N N   . THR A 1 43  ? -17.806 1.243   4.795   1.00 60.69 ? 43  THR A N   1 
ATOM   284  C CA  . THR A 1 43  ? -18.833 0.212   4.733   1.00 58.85 ? 43  THR A CA  1 
ATOM   285  C C   . THR A 1 43  ? -18.990 -0.530  6.053   1.00 57.93 ? 43  THR A C   1 
ATOM   286  O O   . THR A 1 43  ? -20.018 -1.143  6.282   1.00 63.38 ? 43  THR A O   1 
ATOM   287  C CB  . THR A 1 43  ? -18.560 -0.849  3.619   1.00 62.66 ? 43  THR A CB  1 
ATOM   288  O OG1 . THR A 1 43  ? -17.395 -1.610  3.935   1.00 66.32 ? 43  THR A OG1 1 
ATOM   289  C CG2 . THR A 1 43  ? -18.376 -0.212  2.227   1.00 63.84 ? 43  THR A CG2 1 
ATOM   290  N N   . GLY A 1 44  ? -17.969 -0.503  6.906   1.00 61.47 ? 44  GLY A N   1 
ATOM   291  C CA  . GLY A 1 44  ? -17.972 -1.272  8.158   1.00 61.24 ? 44  GLY A CA  1 
ATOM   292  C C   . GLY A 1 44  ? -17.599 -2.746  8.026   1.00 67.55 ? 44  GLY A C   1 
ATOM   293  O O   . GLY A 1 44  ? -17.590 -3.475  9.022   1.00 69.73 ? 44  GLY A O   1 
ATOM   294  N N   . LYS A 1 45  ? -17.294 -3.190  6.805   1.00 71.53 ? 45  LYS A N   1 
ATOM   295  C CA  . LYS A 1 45  ? -16.938 -4.584  6.530   1.00 69.62 ? 45  LYS A CA  1 
ATOM   296  C C   . LYS A 1 45  ? -15.617 -4.625  5.782   1.00 67.46 ? 45  LYS A C   1 
ATOM   297  O O   . LYS A 1 45  ? -15.444 -3.960  4.763   1.00 73.61 ? 45  LYS A O   1 
ATOM   298  C CB  . LYS A 1 45  ? -18.020 -5.269  5.682   1.00 72.89 ? 45  LYS A CB  1 
ATOM   299  C CG  . LYS A 1 45  ? -19.311 -5.460  6.414   0.00 30.00 ? 45  LYS A CG  1 
ATOM   300  C CD  . LYS A 1 45  ? -20.362 -6.109  5.529   0.00 30.00 ? 45  LYS A CD  1 
ATOM   301  C CE  . LYS A 1 45  ? -21.662 -6.330  6.285   0.00 30.00 ? 45  LYS A CE  1 
ATOM   302  N NZ  . LYS A 1 45  ? -22.709 -6.943  5.422   0.00 30.00 ? 45  LYS A NZ  1 
ATOM   303  N N   . LEU A 1 46  ? -14.681 -5.408  6.291   1.00 65.05 ? 46  LEU A N   1 
ATOM   304  C CA  . LEU A 1 46  ? -13.386 -5.545  5.656   1.00 64.84 ? 46  LEU A CA  1 
ATOM   305  C C   . LEU A 1 46  ? -13.526 -6.555  4.527   1.00 61.10 ? 46  LEU A C   1 
ATOM   306  O O   . LEU A 1 46  ? -13.941 -7.675  4.756   1.00 61.40 ? 46  LEU A O   1 
ATOM   307  C CB  . LEU A 1 46  ? -12.374 -6.023  6.689   1.00 67.91 ? 46  LEU A CB  1 
ATOM   308  C CG  . LEU A 1 46  ? -10.898 -6.133  6.322   1.00 65.11 ? 46  LEU A CG  1 
ATOM   309  C CD1 . LEU A 1 46  ? -10.323 -4.790  5.902   1.00 64.57 ? 46  LEU A CD1 1 
ATOM   310  C CD2 . LEU A 1 46  ? -10.182 -6.671  7.546   1.00 66.51 ? 46  LEU A CD2 1 
ATOM   311  N N   . THR A 1 47  ? -13.213 -6.143  3.305   1.00 59.00 ? 47  THR A N   1 
ATOM   312  C CA  . THR A 1 47  ? -13.229 -7.043  2.163   1.00 58.02 ? 47  THR A CA  1 
ATOM   313  C C   . THR A 1 47  ? -11.846 -7.109  1.565   1.00 53.78 ? 47  THR A C   1 
ATOM   314  O O   . THR A 1 47  ? -11.276 -6.097  1.189   1.00 48.57 ? 47  THR A O   1 
ATOM   315  C CB  . THR A 1 47  ? -14.190 -6.558  1.054   1.00 63.13 ? 47  THR A CB  1 
ATOM   316  O OG1 . THR A 1 47  ? -15.420 -6.111  1.630   1.00 67.10 ? 47  THR A OG1 1 
ATOM   317  C CG2 . THR A 1 47  ? -14.478 -7.682  0.079   1.00 66.16 ? 47  THR A CG2 1 
ATOM   318  N N   . TYR A 1 48  ? -11.335 -8.324  1.387   1.00 57.75 ? 48  TYR A N   1 
ATOM   319  C CA  . TYR A 1 48  ? -10.038 -8.506  0.748   1.00 57.04 ? 48  TYR A CA  1 
ATOM   320  C C   . TYR A 1 48  ? -10.228 -8.170  -0.731  1.00 53.46 ? 48  TYR A C   1 
ATOM   321  O O   . TYR A 1 48  ? -11.158 -8.664  -1.369  1.00 51.25 ? 48  TYR A O   1 
ATOM   322  C CB  . TYR A 1 48  ? -9.549  -9.944  0.912   1.00 58.71 ? 48  TYR A CB  1 
ATOM   323  C CG  . TYR A 1 48  ? -9.503  -10.415 2.348   0.00 30.00 ? 48  TYR A CG  1 
ATOM   324  C CD1 . TYR A 1 48  ? -10.583 -10.224 3.197   0.00 30.00 ? 48  TYR A CD1 1 
ATOM   325  C CD2 . TYR A 1 48  ? -8.376  -11.051 2.854   0.00 30.00 ? 48  TYR A CD2 1 
ATOM   326  C CE1 . TYR A 1 48  ? -10.545 -10.654 4.511   0.00 30.00 ? 48  TYR A CE1 1 
ATOM   327  C CE2 . TYR A 1 48  ? -8.329  -11.484 4.166   0.00 30.00 ? 48  TYR A CE2 1 
ATOM   328  C CZ  . TYR A 1 48  ? -9.416  -11.282 4.989   0.00 30.00 ? 48  TYR A CZ  1 
ATOM   329  O OH  . TYR A 1 48  ? -9.373  -11.712 6.296   0.00 30.00 ? 48  TYR A OH  1 
ATOM   330  N N   . LEU A 1 49  ? -9.350  -7.332  -1.276  1.00 51.86 ? 49  LEU A N   1 
ATOM   331  C CA  . LEU A 1 49  ? -9.456  -6.900  -2.687  1.00 50.37 ? 49  LEU A CA  1 
ATOM   332  C C   . LEU A 1 49  ? -8.333  -7.510  -3.538  1.00 50.87 ? 49  LEU A C   1 
ATOM   333  O O   . LEU A 1 49  ? -7.336  -8.004  -2.994  1.00 50.44 ? 49  LEU A O   1 
ATOM   334  C CB  . LEU A 1 49  ? -9.404  -5.377  -2.803  1.00 49.70 ? 49  LEU A CB  1 
ATOM   335  C CG  . LEU A 1 49  ? -10.559 -4.627  -2.145  1.00 49.40 ? 49  LEU A CG  1 
ATOM   336  C CD1 . LEU A 1 49  ? -10.278 -3.143  -2.264  1.00 49.35 ? 49  LEU A CD1 1 
ATOM   337  C CD2 . LEU A 1 49  ? -11.910 -5.012  -2.759  1.00 48.97 ? 49  LEU A CD2 1 
ATOM   338  N N   . SER A 1 50  ? -8.489  -7.473  -4.864  1.00 44.45 ? 50  SER A N   1 
ATOM   339  C CA  . SER A 1 50  ? -7.610  -8.249  -5.729  1.00 43.51 ? 50  SER A CA  1 
ATOM   340  C C   . SER A 1 50  ? -6.479  -7.455  -6.397  1.00 44.81 ? 50  SER A C   1 
ATOM   341  O O   . SER A 1 50  ? -6.704  -6.615  -7.268  1.00 41.37 ? 50  SER A O   1 
ATOM   342  C CB  . SER A 1 50  ? -8.412  -8.956  -6.791  1.00 44.09 ? 50  SER A CB  1 
ATOM   343  O OG  . SER A 1 50  ? -7.516  -9.665  -7.621  1.00 45.50 ? 50  SER A OG  1 
ATOM   344  N N   . GLU A 1 51  ? -5.254  -7.770  -5.990  1.00 44.74 ? 51  GLU A N   1 
ATOM   345  C CA  . GLU A 1 51  ? -4.062  -7.208  -6.575  1.00 45.19 ? 51  GLU A CA  1 
ATOM   346  C C   . GLU A 1 51  ? -3.797  -7.811  -7.948  1.00 45.54 ? 51  GLU A C   1 
ATOM   347  O O   . GLU A 1 51  ? -3.073  -7.226  -8.755  1.00 48.31 ? 51  GLU A O   1 
ATOM   348  C CB  . GLU A 1 51  ? -2.864  -7.520  -5.695  1.00 50.67 ? 51  GLU A CB  1 
ATOM   349  C CG  . GLU A 1 51  ? -2.903  -6.897  -4.314  1.00 57.15 ? 51  GLU A CG  1 
ATOM   350  C CD  . GLU A 1 51  ? -3.604  -7.751  -3.273  1.00 62.48 ? 51  GLU A CD  1 
ATOM   351  O OE1 . GLU A 1 51  ? -3.910  -8.924  -3.583  1.00 69.03 ? 51  GLU A OE1 1 
ATOM   352  O OE2 . GLU A 1 51  ? -3.854  -7.240  -2.152  1.00 66.52 ? 51  GLU A OE2 1 
ATOM   353  N N   . GLN A 1 52  ? -4.331  -9.005  -8.193  1.00 40.93 ? 52  GLN A N   1 
ATOM   354  C CA  . GLN A 1 52  ? -4.142  -9.680  -9.457  1.00 41.55 ? 52  GLN A CA  1 
ATOM   355  C C   . GLN A 1 52  ? -4.904  -8.920  -10.538 1.00 45.49 ? 52  GLN A C   1 
ATOM   356  O O   . GLN A 1 52  ? -4.446  -8.782  -11.701 1.00 42.39 ? 52  GLN A O   1 
ATOM   357  C CB  . GLN A 1 52  ? -4.666  -11.110 -9.312  1.00 43.43 ? 52  GLN A CB  1 
ATOM   358  C CG  . GLN A 1 52  ? -4.368  -12.034 -10.488 1.00 45.35 ? 52  GLN A CG  1 
ATOM   359  C CD  . GLN A 1 52  ? -2.908  -12.098 -10.873 1.00 46.73 ? 52  GLN A CD  1 
ATOM   360  O OE1 . GLN A 1 52  ? -2.026  -12.134 -10.026 1.00 49.26 ? 52  GLN A OE1 1 
ATOM   361  N NE2 . GLN A 1 52  ? -2.646  -12.124 -12.174 1.00 55.84 ? 52  GLN A NE2 1 
ATOM   362  N N   . ASN A 1 53  ? -6.081  -8.430  -10.136 1.00 43.84 ? 53  ASN A N   1 
ATOM   363  C CA  . ASN A 1 53  ? -6.935  -7.608  -10.999 1.00 46.33 ? 53  ASN A CA  1 
ATOM   364  C C   . ASN A 1 53  ? -6.141  -6.428  -11.532 1.00 47.42 ? 53  ASN A C   1 
ATOM   365  O O   . ASN A 1 53  ? -6.153  -6.172  -12.729 1.00 51.95 ? 53  ASN A O   1 
ATOM   366  C CB  . ASN A 1 53  ? -8.147  -7.121  -10.197 1.00 46.18 ? 53  ASN A CB  1 
ATOM   367  C CG  . ASN A 1 53  ? -9.260  -6.624  -11.058 1.00 44.56 ? 53  ASN A CG  1 
ATOM   368  O OD1 . ASN A 1 53  ? -10.390 -6.520  -10.606 1.00 44.49 ? 53  ASN A OD1 1 
ATOM   369  N ND2 . ASN A 1 53  ? -8.954  -6.311  -12.301 1.00 48.49 ? 53  ASN A ND2 1 
ATOM   370  N N   . ILE A 1 54  ? -5.435  -5.742  -10.632 1.00 46.12 ? 54  ILE A N   1 
ATOM   371  C CA  . ILE A 1 54  ? -4.650  -4.572  -10.984 1.00 50.65 ? 54  ILE A CA  1 
ATOM   372  C C   . ILE A 1 54  ? -3.472  -4.977  -11.864 1.00 51.51 ? 54  ILE A C   1 
ATOM   373  O O   . ILE A 1 54  ? -3.097  -4.252  -12.793 1.00 53.57 ? 54  ILE A O   1 
ATOM   374  C CB  . ILE A 1 54  ? -4.092  -3.845  -9.738  1.00 49.66 ? 54  ILE A CB  1 
ATOM   375  C CG1 . ILE A 1 54  ? -5.108  -2.884  -9.144  1.00 58.36 ? 54  ILE A CG1 1 
ATOM   376  C CG2 . ILE A 1 54  ? -2.896  -3.002  -10.104 1.00 50.30 ? 54  ILE A CG2 1 
ATOM   377  C CD1 . ILE A 1 54  ? -6.330  -3.552  -8.580  1.00 62.88 ? 54  ILE A CD1 1 
ATOM   378  N N   . ILE A 1 55  ? -2.863  -6.113  -11.553 1.00 48.19 ? 55  ILE A N   1 
ATOM   379  C CA  . ILE A 1 55  ? -1.704  -6.564  -12.334 1.00 51.37 ? 55  ILE A CA  1 
ATOM   380  C C   . ILE A 1 55  ? -2.109  -6.903  -13.760 1.00 46.65 ? 55  ILE A C   1 
ATOM   381  O O   . ILE A 1 55  ? -1.521  -6.382  -14.707 1.00 40.01 ? 55  ILE A O   1 
ATOM   382  C CB  . ILE A 1 55  ? -0.971  -7.756  -11.675 1.00 51.65 ? 55  ILE A CB  1 
ATOM   383  C CG1 . ILE A 1 55  ? -0.151  -7.244  -10.493 1.00 51.15 ? 55  ILE A CG1 1 
ATOM   384  C CG2 . ILE A 1 55  ? -0.032  -8.437  -12.663 1.00 53.10 ? 55  ILE A CG2 1 
ATOM   385  C CD1 . ILE A 1 55  ? 0.029   -8.252  -9.378  1.00 55.25 ? 55  ILE A CD1 1 
ATOM   386  N N   . ASP A 1 56  ? -3.117  -7.758  -13.900 1.00 44.98 ? 56  ASP A N   1 
ATOM   387  C CA  . ASP A 1 56  ? -3.588  -8.137  -15.219 1.00 47.16 ? 56  ASP A CA  1 
ATOM   388  C C   . ASP A 1 56  ? -4.117  -6.983  -16.075 1.00 48.23 ? 56  ASP A C   1 
ATOM   389  O O   . ASP A 1 56  ? -3.905  -7.001  -17.291 1.00 56.62 ? 56  ASP A O   1 
ATOM   390  C CB  . ASP A 1 56  ? -4.674  -9.209  -15.120 1.00 47.42 ? 56  ASP A CB  1 
ATOM   391  C CG  . ASP A 1 56  ? -4.172  -10.468 -14.498 1.00 46.87 ? 56  ASP A CG  1 
ATOM   392  O OD1 . ASP A 1 56  ? -2.931  -10.636 -14.434 1.00 44.05 ? 56  ASP A OD1 1 
ATOM   393  O OD2 . ASP A 1 56  ? -5.007  -11.288 -14.065 1.00 48.10 ? 56  ASP A OD2 1 
ATOM   394  N N   . CYS A 1 57  ? -4.798  -6.001  -15.482 1.00 45.01 ? 57  CYS A N   1 
ATOM   395  C CA  . CYS A 1 57  ? -5.665  -5.100  -16.293 1.00 46.10 ? 57  CYS A CA  1 
ATOM   396  C C   . CYS A 1 57  ? -5.239  -3.642  -16.388 1.00 46.69 ? 57  CYS A C   1 
ATOM   397  O O   . CYS A 1 57  ? -5.841  -2.885  -17.135 1.00 50.83 ? 57  CYS A O   1 
ATOM   398  C CB  . CYS A 1 57  ? -7.108  -5.144  -15.789 1.00 43.53 ? 57  CYS A CB  1 
ATOM   399  S SG  . CYS A 1 57  ? -7.716  -6.804  -15.411 1.00 52.98 ? 57  CYS A SG  1 
ATOM   400  N N   . SER A 1 58  ? -4.214  -3.233  -15.654 1.00 46.33 ? 58  SER A N   1 
ATOM   401  C CA  . SER A 1 58  ? -3.820  -1.836  -15.677 1.00 45.92 ? 58  SER A CA  1 
ATOM   402  C C   . SER A 1 58  ? -2.637  -1.537  -16.602 1.00 45.43 ? 58  SER A C   1 
ATOM   403  O O   . SER A 1 58  ? -2.051  -0.467  -16.506 1.00 45.01 ? 58  SER A O   1 
ATOM   404  C CB  . SER A 1 58  ? -3.519  -1.348  -14.250 1.00 47.22 ? 58  SER A CB  1 
ATOM   405  O OG  . SER A 1 58  ? -2.264  -1.809  -13.792 1.00 47.95 ? 58  SER A OG  1 
ATOM   406  N N   . VAL A 1 59  ? -2.293  -2.450  -17.507 1.00 49.06 ? 59  VAL A N   1 
ATOM   407  C CA  . VAL A 1 59  ? -1.178  -2.198  -18.455 1.00 50.34 ? 59  VAL A CA  1 
ATOM   408  C C   . VAL A 1 59  ? -1.444  -0.980  -19.341 1.00 51.28 ? 59  VAL A C   1 
ATOM   409  O O   . VAL A 1 59  ? -0.528  -0.192  -19.576 1.00 55.57 ? 59  VAL A O   1 
ATOM   410  C CB  . VAL A 1 59  ? -0.814  -3.437  -19.315 1.00 47.36 ? 59  VAL A CB  1 
ATOM   411  C CG1 . VAL A 1 59  ? 0.145   -3.071  -20.437 1.00 48.87 ? 59  VAL A CG1 1 
ATOM   412  C CG2 . VAL A 1 59  ? -0.159  -4.477  -18.437 1.00 49.07 ? 59  VAL A CG2 1 
ATOM   413  N N   . PRO A 1 60  ? -2.694  -0.814  -19.814 1.00 51.98 ? 60  PRO A N   1 
ATOM   414  C CA  . PRO A 1 60  ? -3.029  0.344   -20.629 1.00 50.60 ? 60  PRO A CA  1 
ATOM   415  C C   . PRO A 1 60  ? -3.120  1.660   -19.873 1.00 55.48 ? 60  PRO A C   1 
ATOM   416  O O   . PRO A 1 60  ? -3.183  2.717   -20.522 1.00 54.04 ? 60  PRO A O   1 
ATOM   417  C CB  . PRO A 1 60  ? -4.393  -0.008  -21.217 1.00 48.62 ? 60  PRO A CB  1 
ATOM   418  C CG  . PRO A 1 60  ? -4.495  -1.493  -21.098 1.00 55.15 ? 60  PRO A CG  1 
ATOM   419  C CD  . PRO A 1 60  ? -3.799  -1.792  -19.806 1.00 55.35 ? 60  PRO A CD  1 
ATOM   420  N N   . TYR A 1 61  ? -3.121  1.623   -18.536 1.00 52.33 ? 61  TYR A N   1 
ATOM   421  C CA  . TYR A 1 61  ? -3.096  2.879   -17.767 1.00 49.95 ? 61  TYR A CA  1 
ATOM   422  C C   . TYR A 1 61  ? -1.673  3.235   -17.413 1.00 50.42 ? 61  TYR A C   1 
ATOM   423  O O   . TYR A 1 61  ? -1.433  4.276   -16.831 1.00 54.06 ? 61  TYR A O   1 
ATOM   424  C CB  . TYR A 1 61  ? -4.011  2.816   -16.548 1.00 45.84 ? 61  TYR A CB  1 
ATOM   425  C CG  . TYR A 1 61  ? -5.421  2.540   -16.968 1.00 45.28 ? 61  TYR A CG  1 
ATOM   426  C CD1 . TYR A 1 61  ? -5.833  1.246   -17.249 1.00 48.91 ? 61  TYR A CD1 1 
ATOM   427  C CD2 . TYR A 1 61  ? -6.335  3.574   -17.156 1.00 46.33 ? 61  TYR A CD2 1 
ATOM   428  C CE1 . TYR A 1 61  ? -7.120  0.977   -17.676 1.00 51.34 ? 61  TYR A CE1 1 
ATOM   429  C CE2 . TYR A 1 61  ? -7.639  3.314   -17.589 1.00 48.98 ? 61  TYR A CE2 1 
ATOM   430  C CZ  . TYR A 1 61  ? -8.022  2.010   -17.837 1.00 52.01 ? 61  TYR A CZ  1 
ATOM   431  O OH  . TYR A 1 61  ? -9.297  1.706   -18.243 1.00 58.39 ? 61  TYR A OH  1 
ATOM   432  N N   . GLY A 1 62  ? -0.729  2.382   -17.807 1.00 51.28 ? 62  GLY A N   1 
ATOM   433  C CA  . GLY A 1 62  ? 0.683   2.710   -17.712 1.00 51.19 ? 62  GLY A CA  1 
ATOM   434  C C   . GLY A 1 62  ? 1.439   1.964   -16.637 1.00 49.94 ? 62  GLY A C   1 
ATOM   435  O O   . GLY A 1 62  ? 2.542   2.353   -16.313 1.00 53.23 ? 62  GLY A O   1 
ATOM   436  N N   . ASN A 1 63  ? 0.853   0.901   -16.085 1.00 46.17 ? 63  ASN A N   1 
ATOM   437  C CA  . ASN A 1 63  ? 1.588   -0.037  -15.242 1.00 45.90 ? 63  ASN A CA  1 
ATOM   438  C C   . ASN A 1 63  ? 2.288   -1.146  -16.090 1.00 46.98 ? 63  ASN A C   1 
ATOM   439  O O   . ASN A 1 63  ? 1.971   -1.318  -17.267 1.00 43.49 ? 63  ASN A O   1 
ATOM   440  C CB  . ASN A 1 63  ? 0.636   -0.675  -14.229 1.00 43.82 ? 63  ASN A CB  1 
ATOM   441  C CG  . ASN A 1 63  ? 0.187   0.295   -13.150 1.00 44.37 ? 63  ASN A CG  1 
ATOM   442  O OD1 . ASN A 1 63  ? 0.879   1.263   -12.852 1.00 43.96 ? 63  ASN A OD1 1 
ATOM   443  N ND2 . ASN A 1 63  ? -0.980  0.030   -12.544 1.00 42.36 ? 63  ASN A ND2 1 
ATOM   444  N N   . HIS A 1 64  ? 3.223   -1.880  -15.477 1.00 45.34 ? 64  HIS A N   1 
ATOM   445  C CA  . HIS A 1 64  ? 4.022   -2.900  -16.159 1.00 51.49 ? 64  HIS A CA  1 
ATOM   446  C C   . HIS A 1 64  ? 3.758   -4.324  -15.626 1.00 49.52 ? 64  HIS A C   1 
ATOM   447  O O   . HIS A 1 64  ? 4.668   -5.094  -15.405 1.00 47.14 ? 64  HIS A O   1 
ATOM   448  C CB  . HIS A 1 64  ? 5.513   -2.593  -16.001 1.00 56.91 ? 64  HIS A CB  1 
ATOM   449  C CG  . HIS A 1 64  ? 5.896   -1.192  -16.362 1.00 64.11 ? 64  HIS A CG  1 
ATOM   450  N ND1 . HIS A 1 64  ? 6.802   -0.906  -17.362 1.00 70.96 ? 64  HIS A ND1 1 
ATOM   451  C CD2 . HIS A 1 64  ? 5.516   0.000   -15.846 1.00 69.56 ? 64  HIS A CD2 1 
ATOM   452  C CE1 . HIS A 1 64  ? 6.957   0.403   -17.451 1.00 75.24 ? 64  HIS A CE1 1 
ATOM   453  N NE2 . HIS A 1 64  ? 6.184   0.976   -16.545 1.00 75.44 ? 64  HIS A NE2 1 
ATOM   454  N N   . GLY A 1 65  ? 2.510   -4.674  -15.400 1.00 54.15 ? 65  GLY A N   1 
ATOM   455  C CA  . GLY A 1 65  ? 2.221   -5.977  -14.846 1.00 56.03 ? 65  GLY A CA  1 
ATOM   456  C C   . GLY A 1 65  ? 3.121   -6.265  -13.657 1.00 53.13 ? 65  GLY A C   1 
ATOM   457  O O   . GLY A 1 65  ? 3.160   -5.487  -12.709 1.00 44.57 ? 65  GLY A O   1 
ATOM   458  N N   . CYS A 1 66  ? 3.834   -7.394  -13.722 1.00 56.41 ? 66  CYS A N   1 
ATOM   459  C CA  . CYS A 1 66  ? 4.712   -7.855  -12.631 1.00 55.81 ? 66  CYS A CA  1 
ATOM   460  C C   . CYS A 1 66  ? 6.072   -7.197  -12.576 1.00 56.46 ? 66  CYS A C   1 
ATOM   461  O O   . CYS A 1 66  ? 6.820   -7.447  -11.637 1.00 58.14 ? 66  CYS A O   1 
ATOM   462  C CB  . CYS A 1 66  ? 4.903   -9.374  -12.681 1.00 54.93 ? 66  CYS A CB  1 
ATOM   463  S SG  . CYS A 1 66  ? 3.572   -10.268 -11.840 1.00 65.04 ? 66  CYS A SG  1 
ATOM   464  N N   . LYS A 1 67  ? 6.378   -6.335  -13.543 1.00 56.39 ? 67  LYS A N   1 
ATOM   465  C CA  . LYS A 1 67  ? 7.678   -5.664  -13.590 1.00 59.38 ? 67  LYS A CA  1 
ATOM   466  C C   . LYS A 1 67  ? 7.730   -4.297  -12.899 1.00 60.78 ? 67  LYS A C   1 
ATOM   467  O O   . LYS A 1 67  ? 8.781   -3.658  -12.864 1.00 62.08 ? 67  LYS A O   1 
ATOM   468  C CB  . LYS A 1 67  ? 8.150   -5.528  -15.041 1.00 52.62 ? 67  LYS A CB  1 
ATOM   469  C CG  . LYS A 1 67  ? 9.626   -5.827  -15.246 0.00 30.00 ? 67  LYS A CG  1 
ATOM   470  C CD  . LYS A 1 67  ? 10.045  -5.574  -16.684 0.00 30.00 ? 67  LYS A CD  1 
ATOM   471  C CE  . LYS A 1 67  ? 9.158   -4.529  -17.343 0.00 30.00 ? 67  LYS A CE  1 
ATOM   472  N NZ  . LYS A 1 67  ? 9.018   -4.762  -18.808 0.00 30.00 ? 67  LYS A NZ  1 
ATOM   473  N N   . GLY A 1 68  ? 6.604   -3.851  -12.351 1.00 60.08 ? 68  GLY A N   1 
ATOM   474  C CA  . GLY A 1 68  ? 6.545   -2.553  -11.666 1.00 50.47 ? 68  GLY A CA  1 
ATOM   475  C C   . GLY A 1 68  ? 5.355   -1.718  -12.079 1.00 52.02 ? 68  GLY A C   1 
ATOM   476  O O   . GLY A 1 68  ? 4.575   -2.123  -12.938 1.00 52.86 ? 68  GLY A O   1 
ATOM   477  N N   . GLY A 1 69  ? 5.232   -0.538  -11.463 1.00 54.77 ? 69  GLY A N   1 
ATOM   478  C CA  . GLY A 1 69  ? 4.155   0.423   -11.725 1.00 54.15 ? 69  GLY A CA  1 
ATOM   479  C C   . GLY A 1 69  ? 3.940   1.404   -10.569 1.00 52.71 ? 69  GLY A C   1 
ATOM   480  O O   . GLY A 1 69  ? 4.766   1.488   -9.701  1.00 48.52 ? 69  GLY A O   1 
ATOM   481  N N   . ASN A 1 70  ? 2.829   2.139   -10.586 1.00 52.06 ? 70  ASN A N   1 
ATOM   482  C CA  . ASN A 1 70  ? 2.482   3.143   -9.577  1.00 58.54 ? 70  ASN A CA  1 
ATOM   483  C C   . ASN A 1 70  ? 1.178   2.860   -8.847  1.00 53.02 ? 70  ASN A C   1 
ATOM   484  O O   . ASN A 1 70  ? 0.301   2.190   -9.367  1.00 59.68 ? 70  ASN A O   1 
ATOM   485  C CB  . ASN A 1 70  ? 2.248   4.503   -10.251 1.00 64.01 ? 70  ASN A CB  1 
ATOM   486  C CG  . ASN A 1 70  ? 3.505   5.115   -10.771 1.00 71.46 ? 70  ASN A CG  1 
ATOM   487  O OD1 . ASN A 1 70  ? 3.470   6.180   -11.368 1.00 78.79 ? 70  ASN A OD1 1 
ATOM   488  N ND2 . ASN A 1 70  ? 4.634   4.457   -10.542 1.00 82.54 ? 70  ASN A ND2 1 
ATOM   489  N N   . MET A 1 71  ? 1.029   3.458   -7.672  1.00 51.07 ? 71  MET A N   1 
ATOM   490  C CA  . MET A 1 71  ? -0.286  3.559   -7.030  1.00 49.70 ? 71  MET A CA  1 
ATOM   491  C C   . MET A 1 71  ? -1.243  4.450   -7.846  1.00 45.63 ? 71  MET A C   1 
ATOM   492  O O   . MET A 1 71  ? -2.376  4.039   -8.083  1.00 38.18 ? 71  MET A O   1 
ATOM   493  C CB  . MET A 1 71  ? -0.158  4.081   -5.607  1.00 50.44 ? 71  MET A CB  1 
ATOM   494  C CG  . MET A 1 71  ? 0.581   3.113   -4.683  1.00 56.97 ? 71  MET A CG  1 
ATOM   495  S SD  . MET A 1 71  ? 2.366   3.038   -4.915  1.00 59.05 ? 71  MET A SD  1 
ATOM   496  C CE  . MET A 1 71  ? 2.841   4.631   -4.250  1.00 56.15 ? 71  MET A CE  1 
ATOM   497  N N   . TYR A 1 72  ? -0.809  5.649   -8.222  1.00 42.16 ? 72  TYR A N   1 
ATOM   498  C CA  . TYR A 1 72  ? -1.660  6.559   -8.981  1.00 43.42 ? 72  TYR A CA  1 
ATOM   499  C C   . TYR A 1 72  ? -2.346  5.847   -10.142 1.00 42.83 ? 72  TYR A C   1 
ATOM   500  O O   . TYR A 1 72  ? -3.573  5.788   -10.217 1.00 41.86 ? 72  TYR A O   1 
ATOM   501  C CB  . TYR A 1 72  ? -0.844  7.747   -9.499  1.00 45.47 ? 72  TYR A CB  1 
ATOM   502  C CG  . TYR A 1 72  ? -1.560  8.570   -10.546 1.00 45.74 ? 72  TYR A CG  1 
ATOM   503  C CD1 . TYR A 1 72  ? -2.674  9.332   -10.216 0.00 30.00 ? 72  TYR A CD1 1 
ATOM   504  C CD2 . TYR A 1 72  ? -1.122  8.587   -11.863 0.00 30.00 ? 72  TYR A CD2 1 
ATOM   505  C CE1 . TYR A 1 72  ? -3.330  10.087  -11.170 0.00 30.00 ? 72  TYR A CE1 1 
ATOM   506  C CE2 . TYR A 1 72  ? -1.772  9.338   -12.823 0.00 30.00 ? 72  TYR A CE2 1 
ATOM   507  C CZ  . TYR A 1 72  ? -2.876  10.085  -12.471 0.00 30.00 ? 72  TYR A CZ  1 
ATOM   508  O OH  . TYR A 1 72  ? -3.526  10.835  -13.424 0.00 30.00 ? 72  TYR A OH  1 
ATOM   509  N N   . VAL A 1 73  ? -1.533  5.311   -11.043 1.00 42.39 ? 73  VAL A N   1 
ATOM   510  C CA  . VAL A 1 73  ? -2.007  4.601   -12.212 1.00 41.97 ? 73  VAL A CA  1 
ATOM   511  C C   . VAL A 1 73  ? -2.937  3.412   -11.856 1.00 42.08 ? 73  VAL A C   1 
ATOM   512  O O   . VAL A 1 73  ? -3.842  3.116   -12.608 1.00 41.73 ? 73  VAL A O   1 
ATOM   513  C CB  . VAL A 1 73  ? -0.799  4.111   -13.029 1.00 43.67 ? 73  VAL A CB  1 
ATOM   514  C CG1 . VAL A 1 73  ? -1.261  3.237   -14.181 1.00 48.27 ? 73  VAL A CG1 1 
ATOM   515  C CG2 . VAL A 1 73  ? 0.051   5.287   -13.530 1.00 42.36 ? 73  VAL A CG2 1 
ATOM   516  N N   . ALA A 1 74  ? -2.723  2.745   -10.723 1.00 45.17 ? 74  ALA A N   1 
ATOM   517  C CA  . ALA A 1 74  ? -3.666  1.701   -10.232 1.00 51.61 ? 74  ALA A CA  1 
ATOM   518  C C   . ALA A 1 74  ? -5.022  2.285   -9.809  1.00 50.35 ? 74  ALA A C   1 
ATOM   519  O O   . ALA A 1 74  ? -6.083  1.682   -10.013 1.00 53.48 ? 74  ALA A O   1 
ATOM   520  C CB  . ALA A 1 74  ? -3.059  0.908   -9.067  1.00 49.21 ? 74  ALA A CB  1 
ATOM   521  N N   . PHE A 1 75  ? -4.989  3.463   -9.212  1.00 48.84 ? 75  PHE A N   1 
ATOM   522  C CA  . PHE A 1 75  ? -6.219  4.137   -8.819  1.00 46.54 ? 75  PHE A CA  1 
ATOM   523  C C   . PHE A 1 75  ? -7.053  4.603   -10.033 1.00 45.83 ? 75  PHE A C   1 
ATOM   524  O O   . PHE A 1 75  ? -8.286  4.486   -10.016 1.00 45.54 ? 75  PHE A O   1 
ATOM   525  C CB  . PHE A 1 75  ? -5.889  5.315   -7.917  1.00 43.96 ? 75  PHE A CB  1 
ATOM   526  C CG  . PHE A 1 75  ? -5.373  4.930   -6.560  1.00 46.71 ? 75  PHE A CG  1 
ATOM   527  C CD1 . PHE A 1 75  ? -5.893  3.851   -5.870  1.00 50.26 ? 75  PHE A CD1 1 
ATOM   528  C CD2 . PHE A 1 75  ? -4.418  5.703   -5.936  1.00 48.34 ? 75  PHE A CD2 1 
ATOM   529  C CE1 . PHE A 1 75  ? -5.440  3.526   -4.602  1.00 52.58 ? 75  PHE A CE1 1 
ATOM   530  C CE2 . PHE A 1 75  ? -3.970  5.390   -4.663  1.00 50.28 ? 75  PHE A CE2 1 
ATOM   531  C CZ  . PHE A 1 75  ? -4.476  4.295   -3.997  1.00 51.64 ? 75  PHE A CZ  1 
ATOM   532  N N   . LEU A 1 76  ? -6.375  5.124   -11.058 1.00 44.55 ? 76  LEU A N   1 
ATOM   533  C CA  . LEU A 1 76  ? -6.987  5.522   -12.354 1.00 48.56 ? 76  LEU A CA  1 
ATOM   534  C C   . LEU A 1 76  ? -7.712  4.338   -13.014 1.00 49.14 ? 76  LEU A C   1 
ATOM   535  O O   . LEU A 1 76  ? -8.878  4.435   -13.388 1.00 49.28 ? 76  LEU A O   1 
ATOM   536  C CB  . LEU A 1 76  ? -5.878  6.026   -13.284 1.00 53.48 ? 76  LEU A CB  1 
ATOM   537  C CG  . LEU A 1 76  ? -6.111  7.076   -14.364 1.00 61.30 ? 76  LEU A CG  1 
ATOM   538  C CD1 . LEU A 1 76  ? -7.019  8.206   -13.879 1.00 66.56 ? 76  LEU A CD1 1 
ATOM   539  C CD2 . LEU A 1 76  ? -4.756  7.633   -14.804 1.00 61.58 ? 76  LEU A CD2 1 
ATOM   540  N N   . TYR A 1 77  ? -7.021  3.201   -13.117 1.00 46.56 ? 77  TYR A N   1 
ATOM   541  C CA  . TYR A 1 77  ? -7.663  1.971   -13.527 1.00 45.96 ? 77  TYR A CA  1 
ATOM   542  C C   . TYR A 1 77  ? -8.937  1.697   -12.710 1.00 44.01 ? 77  TYR A C   1 
ATOM   543  O O   . TYR A 1 77  ? -10.008 1.521   -13.272 1.00 42.60 ? 77  TYR A O   1 
ATOM   544  C CB  . TYR A 1 77  ? -6.715  0.780   -13.402 1.00 48.78 ? 77  TYR A CB  1 
ATOM   545  C CG  . TYR A 1 77  ? -7.462  -0.517  -13.602 1.00 49.99 ? 77  TYR A CG  1 
ATOM   546  C CD1 . TYR A 1 77  ? -7.792  -0.958  -14.873 1.00 47.22 ? 77  TYR A CD1 1 
ATOM   547  C CD2 . TYR A 1 77  ? -7.894  -1.265  -12.522 1.00 48.93 ? 77  TYR A CD2 1 
ATOM   548  C CE1 . TYR A 1 77  ? -8.494  -2.128  -15.054 1.00 46.77 ? 77  TYR A CE1 1 
ATOM   549  C CE2 . TYR A 1 77  ? -8.610  -2.431  -12.703 1.00 48.51 ? 77  TYR A CE2 1 
ATOM   550  C CZ  . TYR A 1 77  ? -8.905  -2.855  -13.971 1.00 47.12 ? 77  TYR A CZ  1 
ATOM   551  O OH  . TYR A 1 77  ? -9.601  -4.027  -14.149 1.00 49.80 ? 77  TYR A OH  1 
ATOM   552  N N   . VAL A 1 78  ? -8.844  1.662   -11.386 1.00 45.52 ? 78  VAL A N   1 
ATOM   553  C CA  . VAL A 1 78  ? -10.061 1.442   -10.600 1.00 45.93 ? 78  VAL A CA  1 
ATOM   554  C C   . VAL A 1 78  ? -11.170 2.436   -10.955 1.00 48.79 ? 78  VAL A C   1 
ATOM   555  O O   . VAL A 1 78  ? -12.318 2.019   -11.094 1.00 48.26 ? 78  VAL A O   1 
ATOM   556  C CB  . VAL A 1 78  ? -9.823  1.472   -9.090  1.00 47.37 ? 78  VAL A CB  1 
ATOM   557  C CG1 . VAL A 1 78  ? -11.127 1.231   -8.347  1.00 42.39 ? 78  VAL A CG1 1 
ATOM   558  C CG2 . VAL A 1 78  ? -8.799  0.402   -8.683  1.00 51.51 ? 78  VAL A CG2 1 
ATOM   559  N N   . VAL A 1 79  ? -10.838 3.732   -11.089 1.00 51.12 ? 79  VAL A N   1 
ATOM   560  C CA  . VAL A 1 79  ? -11.848 4.787   -11.339 1.00 48.42 ? 79  VAL A CA  1 
ATOM   561  C C   . VAL A 1 79  ? -12.463 4.613   -12.754 1.00 48.12 ? 79  VAL A C   1 
ATOM   562  O O   . VAL A 1 79  ? -13.690 4.568   -12.903 1.00 41.21 ? 79  VAL A O   1 
ATOM   563  C CB  . VAL A 1 79  ? -11.249 6.228   -11.228 1.00 51.17 ? 79  VAL A CB  1 
ATOM   564  C CG1 . VAL A 1 79  ? -12.281 7.301   -11.621 1.00 49.91 ? 79  VAL A CG1 1 
ATOM   565  C CG2 . VAL A 1 79  ? -10.688 6.521   -9.844  1.00 52.45 ? 79  VAL A CG2 1 
ATOM   566  N N   . ALA A 1 80  ? -11.591 4.511   -13.764 1.00 43.00 ? 80  ALA A N   1 
ATOM   567  C CA  . ALA A 1 80  ? -11.980 4.302   -15.162 1.00 48.10 ? 80  ALA A CA  1 
ATOM   568  C C   . ALA A 1 80  ? -12.741 2.998   -15.359 1.00 51.85 ? 80  ALA A C   1 
ATOM   569  O O   . ALA A 1 80  ? -13.685 2.943   -16.139 1.00 56.68 ? 80  ALA A O   1 
ATOM   570  C CB  . ALA A 1 80  ? -10.741 4.323   -16.074 1.00 48.81 ? 80  ALA A CB  1 
ATOM   571  N N   . ASN A 1 81  ? -12.319 1.946   -14.666 1.00 53.80 ? 81  ASN A N   1 
ATOM   572  C CA  . ASN A 1 81  ? -12.984 0.663   -14.753 1.00 52.48 ? 81  ASN A CA  1 
ATOM   573  C C   . ASN A 1 81  ? -14.141 0.572   -13.784 1.00 55.26 ? 81  ASN A C   1 
ATOM   574  O O   . ASN A 1 81  ? -14.814 -0.449  -13.734 1.00 54.15 ? 81  ASN A O   1 
ATOM   575  C CB  . ASN A 1 81  ? -12.022 -0.478  -14.462 1.00 55.81 ? 81  ASN A CB  1 
ATOM   576  C CG  . ASN A 1 81  ? -12.577 -1.823  -14.900 1.00 56.24 ? 81  ASN A CG  1 
ATOM   577  O OD1 . ASN A 1 81  ? -12.889 -2.018  -16.066 1.00 61.82 ? 81  ASN A OD1 1 
ATOM   578  N ND2 . ASN A 1 81  ? -12.694 -2.748  -13.970 1.00 55.91 ? 81  ASN A ND2 1 
ATOM   579  N N   . GLU A 1 82  ? -14.406 1.654   -13.060 1.00 58.99 ? 82  GLU A N   1 
ATOM   580  C CA  . GLU A 1 82  ? -15.528 1.712   -12.121 1.00 59.59 ? 82  GLU A CA  1 
ATOM   581  C C   . GLU A 1 82  ? -15.648 0.516   -11.176 1.00 60.59 ? 82  GLU A C   1 
ATOM   582  O O   . GLU A 1 82  ? -16.744 0.007   -10.941 1.00 58.30 ? 82  GLU A O   1 
ATOM   583  C CB  . GLU A 1 82  ? -16.844 1.903   -12.883 1.00 59.25 ? 82  GLU A CB  1 
ATOM   584  C CG  . GLU A 1 82  ? -16.949 3.228   -13.618 0.00 30.00 ? 82  GLU A CG  1 
ATOM   585  C CD  . GLU A 1 82  ? -18.212 3.334   -14.450 0.00 30.00 ? 82  GLU A CD  1 
ATOM   586  O OE1 . GLU A 1 82  ? -18.893 2.304   -14.633 0.00 30.00 ? 82  GLU A OE1 1 
ATOM   587  O OE2 . GLU A 1 82  ? -18.523 4.447   -14.922 0.00 30.00 ? 82  GLU A OE2 1 
ATOM   588  N N   . GLY A 1 83  ? -14.518 0.078   -10.638 1.00 65.26 ? 83  GLY A N   1 
ATOM   589  C CA  . GLY A 1 83  ? -14.482 -1.039  -9.683  1.00 65.31 ? 83  GLY A CA  1 
ATOM   590  C C   . GLY A 1 83  ? -13.235 -1.919  -9.677  1.00 63.32 ? 83  GLY A C   1 
ATOM   591  O O   . GLY A 1 83  ? -12.506 -2.030  -10.671 1.00 61.89 ? 83  GLY A O   1 
ATOM   592  N N   . VAL A 1 84  ? -12.999 -2.554  -8.537  1.00 62.11 ? 84  VAL A N   1 
ATOM   593  C CA  . VAL A 1 84  ? -11.973 -3.583  -8.424  1.00 58.86 ? 84  VAL A CA  1 
ATOM   594  C C   . VAL A 1 84  ? -12.606 -4.852  -7.865  1.00 51.92 ? 84  VAL A C   1 
ATOM   595  O O   . VAL A 1 84  ? -13.488 -4.774  -7.019  1.00 45.27 ? 84  VAL A O   1 
ATOM   596  C CB  . VAL A 1 84  ? -10.804 -3.093  -7.536  1.00 63.99 ? 84  VAL A CB  1 
ATOM   597  C CG1 . VAL A 1 84  ? -11.141 -3.219  -6.061  1.00 64.29 ? 84  VAL A CG1 1 
ATOM   598  C CG2 . VAL A 1 84  ? -9.510  -3.824  -7.899  1.00 58.99 ? 84  VAL A CG2 1 
ATOM   599  N N   . ASP A 1 85  ? -12.188 -6.011  -8.367  1.00 46.60 ? 85  ASP A N   1 
ATOM   600  C CA  . ASP A 1 85  ? -12.678 -7.266  -7.825  1.00 49.99 ? 85  ASP A CA  1 
ATOM   601  C C   . ASP A 1 85  ? -11.998 -7.571  -6.481  1.00 53.02 ? 85  ASP A C   1 
ATOM   602  O O   . ASP A 1 85  ? -10.869 -7.122  -6.210  1.00 51.97 ? 85  ASP A O   1 
ATOM   603  C CB  . ASP A 1 85  ? -12.417 -8.443  -8.781  1.00 52.56 ? 85  ASP A CB  1 
ATOM   604  C CG  . ASP A 1 85  ? -13.404 -8.512  -9.930  1.00 58.90 ? 85  ASP A CG  1 
ATOM   605  O OD1 . ASP A 1 85  ? -14.476 -7.851  -9.887  1.00 57.88 ? 85  ASP A OD1 1 
ATOM   606  O OD2 . ASP A 1 85  ? -13.101 -9.268  -10.881 1.00 65.43 ? 85  ASP A OD2 1 
ATOM   607  N N   . ASP A 1 86  ? -12.679 -8.372  -5.668  1.00 48.75 ? 86  ASP A N   1 
ATOM   608  C CA  . ASP A 1 86  ? -12.112 -8.832  -4.430  1.00 57.32 ? 86  ASP A CA  1 
ATOM   609  C C   . ASP A 1 86  ? -11.340 -10.117 -4.644  1.00 54.04 ? 86  ASP A C   1 
ATOM   610  O O   . ASP A 1 86  ? -11.542 -10.799 -5.638  1.00 51.80 ? 86  ASP A O   1 
ATOM   611  C CB  . ASP A 1 86  ? -13.184 -8.986  -3.351  1.00 66.30 ? 86  ASP A CB  1 
ATOM   612  C CG  . ASP A 1 86  ? -14.336 -9.789  -3.803  1.00 66.43 ? 86  ASP A CG  1 
ATOM   613  O OD1 . ASP A 1 86  ? -14.111 -10.954 -4.207  1.00 67.90 ? 86  ASP A OD1 1 
ATOM   614  O OD2 . ASP A 1 86  ? -15.459 -9.239  -3.747  1.00 75.96 ? 86  ASP A OD2 1 
ATOM   615  N N   . GLY A 1 87  ? -10.463 -10.421 -3.687  1.00 53.37 ? 87  GLY A N   1 
ATOM   616  C CA  . GLY A 1 87  ? -9.475  -11.482 -3.815  1.00 55.25 ? 87  GLY A CA  1 
ATOM   617  C C   . GLY A 1 87  ? -10.140 -12.823 -3.987  1.00 58.71 ? 87  GLY A C   1 
ATOM   618  O O   . GLY A 1 87  ? -9.782  -13.578 -4.895  1.00 59.54 ? 87  GLY A O   1 
ATOM   619  N N   . GLY A 1 88  ? -11.131 -13.091 -3.125  1.00 62.27 ? 88  GLY A N   1 
ATOM   620  C CA  . GLY A 1 88  ? -11.882 -14.361 -3.096  1.00 61.00 ? 88  GLY A CA  1 
ATOM   621  C C   . GLY A 1 88  ? -12.056 -14.864 -4.505  1.00 66.10 ? 88  GLY A C   1 
ATOM   622  O O   . GLY A 1 88  ? -11.616 -15.961 -4.838  1.00 65.74 ? 88  GLY A O   1 
ATOM   623  N N   . SER A 1 89  ? -12.631 -14.011 -5.349  1.00 65.63 ? 89  SER A N   1 
ATOM   624  C CA  . SER A 1 89  ? -12.950 -14.375 -6.721  1.00 66.45 ? 89  SER A CA  1 
ATOM   625  C C   . SER A 1 89  ? -11.896 -13.988 -7.793  1.00 64.16 ? 89  SER A C   1 
ATOM   626  O O   . SER A 1 89  ? -12.018 -14.425 -8.937  1.00 65.68 ? 89  SER A O   1 
ATOM   627  C CB  . SER A 1 89  ? -14.332 -13.801 -7.073  1.00 71.12 ? 89  SER A CB  1 
ATOM   628  O OG  . SER A 1 89  ? -15.356 -14.413 -6.275  1.00 73.95 ? 89  SER A OG  1 
ATOM   629  N N   . TYR A 1 90  ? -10.879 -13.189 -7.450  1.00 58.77 ? 90  TYR A N   1 
ATOM   630  C CA  . TYR A 1 90  ? -9.799  -12.831 -8.398  1.00 54.62 ? 90  TYR A CA  1 
ATOM   631  C C   . TYR A 1 90  ? -8.434  -12.962 -7.710  1.00 57.58 ? 90  TYR A C   1 
ATOM   632  O O   . TYR A 1 90  ? -7.858  -11.973 -7.292  1.00 57.10 ? 90  TYR A O   1 
ATOM   633  C CB  . TYR A 1 90  ? -9.994  -11.413 -8.950  1.00 51.38 ? 90  TYR A CB  1 
ATOM   634  C CG  . TYR A 1 90  ? -9.329  -11.143 -10.301 1.00 53.26 ? 90  TYR A CG  1 
ATOM   635  C CD1 . TYR A 1 90  ? -8.190  -11.867 -10.731 1.00 51.15 ? 90  TYR A CD1 1 
ATOM   636  C CD2 . TYR A 1 90  ? -9.843  -10.172 -11.163 1.00 48.82 ? 90  TYR A CD2 1 
ATOM   637  C CE1 . TYR A 1 90  ? -7.595  -11.618 -11.960 1.00 47.77 ? 90  TYR A CE1 1 
ATOM   638  C CE2 . TYR A 1 90  ? -9.247  -9.922  -12.392 1.00 49.87 ? 90  TYR A CE2 1 
ATOM   639  C CZ  . TYR A 1 90  ? -8.124  -10.642 -12.789 1.00 50.77 ? 90  TYR A CZ  1 
ATOM   640  O OH  . TYR A 1 90  ? -7.545  -10.391 -14.036 1.00 54.43 ? 90  TYR A OH  1 
ATOM   641  N N   . PRO A 1 91  ? -7.908  -14.196 -7.603  1.00 64.20 ? 91  PRO A N   1 
ATOM   642  C CA  . PRO A 1 91  ? -6.843  -14.481 -6.650  1.00 61.44 ? 91  PRO A CA  1 
ATOM   643  C C   . PRO A 1 91  ? -5.475  -14.317 -7.253  1.00 55.55 ? 91  PRO A C   1 
ATOM   644  O O   . PRO A 1 91  ? -5.329  -14.321 -8.471  1.00 59.51 ? 91  PRO A O   1 
ATOM   645  C CB  . PRO A 1 91  ? -7.088  -15.959 -6.289  1.00 63.48 ? 91  PRO A CB  1 
ATOM   646  C CG  . PRO A 1 91  ? -7.814  -16.542 -7.468  1.00 68.17 ? 91  PRO A CG  1 
ATOM   647  C CD  . PRO A 1 91  ? -8.240  -15.409 -8.382  1.00 72.19 ? 91  PRO A CD  1 
ATOM   648  N N   . PHE A 1 92  ? -4.483  -14.183 -6.384  1.00 51.93 ? 92  PHE A N   1 
ATOM   649  C CA  . PHE A 1 92  ? -3.126  -13.882 -6.788  1.00 50.02 ? 92  PHE A CA  1 
ATOM   650  C C   . PHE A 1 92  ? -2.531  -15.162 -7.361  1.00 52.41 ? 92  PHE A C   1 
ATOM   651  O O   . PHE A 1 92  ? -2.642  -16.216 -6.774  1.00 54.65 ? 92  PHE A O   1 
ATOM   652  C CB  . PHE A 1 92  ? -2.331  -13.357 -5.592  1.00 45.72 ? 92  PHE A CB  1 
ATOM   653  C CG  . PHE A 1 92  ? -0.989  -12.800 -5.952  1.00 45.84 ? 92  PHE A CG  1 
ATOM   654  C CD1 . PHE A 1 92  ? -0.885  -11.613 -6.630  1.00 47.30 ? 92  PHE A CD1 1 
ATOM   655  C CD2 . PHE A 1 92  ? 0.181   -13.469 -5.600  1.00 47.94 ? 92  PHE A CD2 1 
ATOM   656  C CE1 . PHE A 1 92  ? 0.357   -11.094 -6.983  1.00 48.26 ? 92  PHE A CE1 1 
ATOM   657  C CE2 . PHE A 1 92  ? 1.424   -12.954 -5.949  1.00 47.72 ? 92  PHE A CE2 1 
ATOM   658  C CZ  . PHE A 1 92  ? 1.512   -11.763 -6.655  1.00 44.90 ? 92  PHE A CZ  1 
ATOM   659  N N   . ARG A 1 93  ? -1.970  -15.063 -8.560  1.00 55.43 ? 93  ARG A N   1 
ATOM   660  C CA  . ARG A 1 93  ? -1.394  -16.226 -9.222  1.00 56.21 ? 93  ARG A CA  1 
ATOM   661  C C   . ARG A 1 93  ? 0.122   -16.164 -9.206  1.00 52.88 ? 93  ARG A C   1 
ATOM   662  O O   . ARG A 1 93  ? 0.799   -17.140 -9.527  1.00 55.56 ? 93  ARG A O   1 
ATOM   663  C CB  . ARG A 1 93  ? -1.899  -16.327 -10.662 1.00 50.60 ? 93  ARG A CB  1 
ATOM   664  C CG  . ARG A 1 93  ? -3.413  -16.392 -10.785 0.00 30.00 ? 93  ARG A CG  1 
ATOM   665  C CD  . ARG A 1 93  ? -3.832  -17.021 -12.104 0.00 30.00 ? 93  ARG A CD  1 
ATOM   666  N NE  . ARG A 1 93  ? -5.244  -17.395 -12.107 0.00 30.00 ? 93  ARG A NE  1 
ATOM   667  C CZ  . ARG A 1 93  ? -6.002  -17.438 -13.198 0.00 30.00 ? 93  ARG A CZ  1 
ATOM   668  N NH1 . ARG A 1 93  ? -5.487  -17.131 -14.380 0.00 30.00 ? 93  ARG A NH1 1 
ATOM   669  N NH2 . ARG A 1 93  ? -7.278  -17.790 -13.107 0.00 30.00 ? 93  ARG A NH2 1 
ATOM   670  N N   . GLY A 1 94  ? 0.653   -15.007 -8.829  1.00 48.47 ? 94  GLY A N   1 
ATOM   671  C CA  . GLY A 1 94  ? 2.091   -14.832 -8.776  1.00 48.29 ? 94  GLY A CA  1 
ATOM   672  C C   . GLY A 1 94  ? 2.679   -14.244 -10.026 1.00 49.16 ? 94  GLY A C   1 
ATOM   673  O O   . GLY A 1 94  ? 3.867   -13.972 -10.069 1.00 50.72 ? 94  GLY A O   1 
ATOM   674  N N   . LYS A 1 95  ? 1.857   -14.067 -11.052 1.00 51.70 ? 95  LYS A N   1 
ATOM   675  C CA  . LYS A 1 95  ? 2.339   -13.512 -12.305 1.00 53.59 ? 95  LYS A CA  1 
ATOM   676  C C   . LYS A 1 95  ? 1.195   -12.984 -13.156 1.00 52.40 ? 95  LYS A C   1 
ATOM   677  O O   . LYS A 1 95  ? 0.026   -13.265 -12.896 1.00 54.88 ? 95  LYS A O   1 
ATOM   678  C CB  . LYS A 1 95  ? 3.134   -14.561 -13.085 1.00 54.09 ? 95  LYS A CB  1 
ATOM   679  C CG  . LYS A 1 95  ? 2.440   -15.066 -14.339 1.00 58.51 ? 95  LYS A CG  1 
ATOM   680  C CD  . LYS A 1 95  ? 3.444   -15.383 -15.435 0.00 30.00 ? 95  LYS A CD  1 
ATOM   681  C CE  . LYS A 1 95  ? 4.384   -16.502 -15.017 0.00 30.00 ? 95  LYS A CE  1 
ATOM   682  N NZ  . LYS A 1 95  ? 4.960   -17.212 -16.193 0.00 30.00 ? 95  LYS A NZ  1 
ATOM   683  N N   . GLN A 1 96  ? 1.549   -12.213 -14.176 1.00 47.58 ? 96  GLN A N   1 
ATOM   684  C CA  . GLN A 1 96  ? 0.573   -11.639 -15.074 1.00 50.81 ? 96  GLN A CA  1 
ATOM   685  C C   . GLN A 1 96  ? -0.224  -12.698 -15.875 1.00 55.42 ? 96  GLN A C   1 
ATOM   686  O O   . GLN A 1 96  ? 0.328   -13.551 -16.582 1.00 51.45 ? 96  GLN A O   1 
ATOM   687  C CB  . GLN A 1 96  ? 1.248   -10.673 -16.029 1.00 53.15 ? 96  GLN A CB  1 
ATOM   688  C CG  . GLN A 1 96  ? 0.275   -9.750  -16.718 1.00 54.59 ? 96  GLN A CG  1 
ATOM   689  C CD  . GLN A 1 96  ? 0.961   -8.785  -17.653 1.00 61.80 ? 96  GLN A CD  1 
ATOM   690  O OE1 . GLN A 1 96  ? 2.163   -8.493  -17.532 1.00 66.56 ? 96  GLN A OE1 1 
ATOM   691  N NE2 . GLN A 1 96  ? 0.191   -8.267  -18.597 1.00 69.27 ? 96  GLN A NE2 1 
ATOM   692  N N   . SER A 1 97  ? -1.540  -12.621 -15.756 1.00 55.69 ? 97  SER A N   1 
ATOM   693  C CA  . SER A 1 97  ? -2.423  -13.504 -16.482 1.00 58.48 ? 97  SER A CA  1 
ATOM   694  C C   . SER A 1 97  ? -3.362  -12.663 -17.322 1.00 54.75 ? 97  SER A C   1 
ATOM   695  O O   . SER A 1 97  ? -3.252  -11.431 -17.360 1.00 60.47 ? 97  SER A O   1 
ATOM   696  C CB  . SER A 1 97  ? -3.204  -14.375 -15.497 1.00 60.21 ? 97  SER A CB  1 
ATOM   697  O OG  . SER A 1 97  ? -2.311  -14.992 -14.583 1.00 64.91 ? 97  SER A OG  1 
ATOM   698  N N   . SER A 1 98  ? -4.277  -13.329 -18.010 1.00 54.06 ? 98  SER A N   1 
ATOM   699  C CA  . SER A 1 98  ? -5.324  -12.634 -18.743 1.00 61.35 ? 98  SER A CA  1 
ATOM   700  C C   . SER A 1 98  ? -6.193  -11.799 -17.791 1.00 59.04 ? 98  SER A C   1 
ATOM   701  O O   . SER A 1 98  ? -6.322  -12.141 -16.610 1.00 60.09 ? 98  SER A O   1 
ATOM   702  C CB  . SER A 1 98  ? -6.166  -13.649 -19.511 1.00 63.92 ? 98  SER A CB  1 
ATOM   703  O OG  . SER A 1 98  ? -6.319  -14.828 -18.738 1.00 69.82 ? 98  SER A OG  1 
ATOM   704  N N   . CYS A 1 99  ? -6.746  -10.686 -18.286 1.00 57.93 ? 99  CYS A N   1 
ATOM   705  C CA  . CYS A 1 99  ? -7.644  -9.875  -17.473 1.00 59.37 ? 99  CYS A CA  1 
ATOM   706  C C   . CYS A 1 99  ? -8.975  -10.608 -17.405 1.00 57.71 ? 99  CYS A C   1 
ATOM   707  O O   . CYS A 1 99  ? -9.672  -10.723 -18.395 1.00 58.82 ? 99  CYS A O   1 
ATOM   708  C CB  . CYS A 1 99  ? -7.823  -8.448  -18.015 1.00 60.11 ? 99  CYS A CB  1 
ATOM   709  S SG  . CYS A 1 99  ? -8.901  -7.365  -16.994 1.00 63.74 ? 99  CYS A SG  1 
ATOM   710  N N   . THR A 1 100 ? -9.307  -11.133 -16.235 1.00 55.29 ? 100 THR A N   1 
ATOM   711  C CA  . THR A 1 100 ? -10.598 -11.763 -16.046 1.00 57.19 ? 100 THR A CA  1 
ATOM   712  C C   . THR A 1 100 ? -11.464 -10.871 -15.161 1.00 52.67 ? 100 THR A C   1 
ATOM   713  O O   . THR A 1 100 ? -12.243 -11.355 -14.373 1.00 48.66 ? 100 THR A O   1 
ATOM   714  C CB  . THR A 1 100 ? -10.467 -13.172 -15.424 1.00 65.35 ? 100 THR A CB  1 
ATOM   715  O OG1 . THR A 1 100 ? -9.319  -13.851 -15.962 1.00 68.63 ? 100 THR A OG1 1 
ATOM   716  C CG2 . THR A 1 100 ? -11.741 -14.006 -15.702 1.00 67.55 ? 100 THR A CG2 1 
ATOM   717  N N   . TYR A 1 101 ? -11.354 -9.557  -15.293 1.00 54.37 ? 101 TYR A N   1 
ATOM   718  C CA  . TYR A 1 101 ? -12.195 -8.703  -14.478 1.00 57.16 ? 101 TYR A CA  1 
ATOM   719  C C   . TYR A 1 101 ? -13.683 -8.995  -14.746 1.00 58.07 ? 101 TYR A C   1 
ATOM   720  O O   . TYR A 1 101 ? -14.137 -8.941  -15.895 1.00 52.03 ? 101 TYR A O   1 
ATOM   721  C CB  . TYR A 1 101 ? -11.902 -7.213  -14.706 1.00 58.00 ? 101 TYR A CB  1 
ATOM   722  C CG  . TYR A 1 101 ? -12.922 -6.356  -14.003 1.00 58.13 ? 101 TYR A CG  1 
ATOM   723  C CD1 . TYR A 1 101 ? -12.782 -6.057  -12.656 1.00 56.40 ? 101 TYR A CD1 1 
ATOM   724  C CD2 . TYR A 1 101 ? -14.062 -5.901  -14.663 1.00 59.92 ? 101 TYR A CD2 1 
ATOM   725  C CE1 . TYR A 1 101 ? -13.706 -5.282  -11.995 1.00 56.18 ? 101 TYR A CE1 1 
ATOM   726  C CE2 . TYR A 1 101 ? -15.006 -5.124  -14.004 1.00 61.63 ? 101 TYR A CE2 1 
ATOM   727  C CZ  . TYR A 1 101 ? -14.821 -4.818  -12.663 1.00 62.86 ? 101 TYR A CZ  1 
ATOM   728  O OH  . TYR A 1 101 ? -15.744 -4.048  -11.966 1.00 72.37 ? 101 TYR A OH  1 
ATOM   729  N N   . GLN A 1 102 ? -14.417 -9.276  -13.668 1.00 60.41 ? 102 GLN A N   1 
ATOM   730  C CA  . GLN A 1 102 ? -15.866 -9.536  -13.696 1.00 63.13 ? 102 GLN A CA  1 
ATOM   731  C C   . GLN A 1 102 ? -16.622 -8.546  -12.783 1.00 61.43 ? 102 GLN A C   1 
ATOM   732  O O   . GLN A 1 102 ? -16.339 -8.441  -11.588 1.00 58.64 ? 102 GLN A O   1 
ATOM   733  C CB  . GLN A 1 102 ? -16.150 -10.976 -13.228 1.00 63.49 ? 102 GLN A CB  1 
ATOM   734  C CG  . GLN A 1 102 ? -15.733 -12.000 -14.301 0.00 30.00 ? 102 GLN A CG  1 
ATOM   735  C CD  . GLN A 1 102 ? -16.004 -13.414 -13.833 0.00 30.00 ? 102 GLN A CD  1 
ATOM   736  O OE1 . GLN A 1 102 ? -16.126 -13.665 -12.633 0.00 30.00 ? 102 GLN A OE1 1 
ATOM   737  N NE2 . GLN A 1 102 ? -16.099 -14.344 -14.777 0.00 30.00 ? 102 GLN A NE2 1 
ATOM   738  N N   . GLU A 1 103 ? -17.586 -7.830  -13.350 1.00 63.26 ? 103 GLU A N   1 
ATOM   739  C CA  . GLU A 1 103 ? -18.440 -6.892  -12.589 1.00 67.10 ? 103 GLU A CA  1 
ATOM   740  C C   . GLU A 1 103 ? -19.166 -7.548  -11.395 1.00 68.95 ? 103 GLU A C   1 
ATOM   741  O O   . GLU A 1 103 ? -19.270 -6.939  -10.331 1.00 74.93 ? 103 GLU A O   1 
ATOM   742  C CB  . GLU A 1 103 ? -19.468 -6.223  -13.527 1.00 62.97 ? 103 GLU A CB  1 
ATOM   743  C CG  . GLU A 1 103 ? -18.878 -5.266  -14.584 0.00 30.00 ? 103 GLU A CG  1 
ATOM   744  C CD  . GLU A 1 103 ? -19.928 -4.704  -15.525 0.00 30.00 ? 103 GLU A CD  1 
ATOM   745  O OE1 . GLU A 1 103 ? -21.085 -5.170  -15.471 0.00 30.00 ? 103 GLU A OE1 1 
ATOM   746  O OE2 . GLU A 1 103 ? -19.595 -3.799  -16.319 0.00 30.00 ? 103 GLU A OE2 1 
ATOM   747  N N   . GLN A 1 104 ? -19.646 -8.782  -11.572 1.00 68.52 ? 104 GLN A N   1 
ATOM   748  C CA  . GLN A 1 104 ? -20.378 -9.501  -10.514 1.00 70.40 ? 104 GLN A CA  1 
ATOM   749  C C   . GLN A 1 104 ? -19.595 -9.617  -9.203  1.00 69.22 ? 104 GLN A C   1 
ATOM   750  O O   . GLN A 1 104 ? -20.196 -9.702  -8.133  1.00 71.58 ? 104 GLN A O   1 
ATOM   751  C CB  . GLN A 1 104 ? -20.793 -10.911 -10.977 1.00 65.14 ? 104 GLN A CB  1 
ATOM   752  C CG  . GLN A 1 104 ? -21.219 -11.883 -10.039 0.00 30.00 ? 104 GLN A CG  1 
ATOM   753  C CD  . GLN A 1 104 ? -22.225 -12.980 -10.474 0.00 30.00 ? 104 GLN A CD  1 
ATOM   754  O OE1 . GLN A 1 104 ? -23.299 -13.140 -9.865  0.00 30.00 ? 104 GLN A OE1 1 
ATOM   755  N NE2 . GLN A 1 104 ? -21.863 -13.767 -11.492 0.00 30.00 ? 104 GLN A NE2 1 
ATOM   756  N N   . TYR A 1 105 ? -18.267 -9.618  -9.292  1.00 66.84 ? 105 TYR A N   1 
ATOM   757  C CA  . TYR A 1 105 ? -17.417 -9.746  -8.108  1.00 64.16 ? 105 TYR A CA  1 
ATOM   758  C C   . TYR A 1 105 ? -16.738 -8.440  -7.694  1.00 62.03 ? 105 TYR A C   1 
ATOM   759  O O   . TYR A 1 105 ? -15.751 -8.451  -6.958  1.00 58.57 ? 105 TYR A O   1 
ATOM   760  C CB  . TYR A 1 105 ? -16.362 -10.834 -8.326  1.00 67.44 ? 105 TYR A CB  1 
ATOM   761  C CG  . TYR A 1 105 ? -16.941 -12.188 -8.668  1.00 67.75 ? 105 TYR A CG  1 
ATOM   762  C CD1 . TYR A 1 105 ? -17.237 -12.528 -9.980  0.00 30.00 ? 105 TYR A CD1 1 
ATOM   763  C CD2 . TYR A 1 105 ? -17.193 -13.127 -7.676  0.00 30.00 ? 105 TYR A CD2 1 
ATOM   764  C CE1 . TYR A 1 105 ? -17.766 -13.764 -10.297 0.00 30.00 ? 105 TYR A CE1 1 
ATOM   765  C CE2 . TYR A 1 105 ? -17.722 -14.367 -7.982  0.00 30.00 ? 105 TYR A CE2 1 
ATOM   766  C CZ  . TYR A 1 105 ? -18.007 -14.679 -9.294  0.00 30.00 ? 105 TYR A CZ  1 
ATOM   767  O OH  . TYR A 1 105 ? -18.534 -15.912 -9.605  0.00 30.00 ? 105 TYR A OH  1 
ATOM   768  N N   . ARG A 1 106 ? -17.276 -7.320  -8.168  1.00 57.06 ? 106 ARG A N   1 
ATOM   769  C CA  . ARG A 1 106 ? -16.729 -6.011  -7.836  1.00 57.31 ? 106 ARG A CA  1 
ATOM   770  C C   . ARG A 1 106 ? -16.804 -5.782  -6.332  1.00 64.32 ? 106 ARG A C   1 
ATOM   771  O O   . ARG A 1 106 ? -17.890 -5.639  -5.770  1.00 75.09 ? 106 ARG A O   1 
ATOM   772  C CB  . ARG A 1 106 ? -17.488 -4.908  -8.577  1.00 54.23 ? 106 ARG A CB  1 
ATOM   773  C CG  . ARG A 1 106 ? -16.806 -3.550  -8.535  1.00 48.09 ? 106 ARG A CG  1 
ATOM   774  C CD  . ARG A 1 106 ? -17.403 -2.601  -9.561  0.00 30.00 ? 106 ARG A CD  1 
ATOM   775  N NE  . ARG A 1 106 ? -18.606 -1.941  -9.062  0.00 30.00 ? 106 ARG A NE  1 
ATOM   776  C CZ  . ARG A 1 106 ? -19.487 -1.313  -9.832  0.00 30.00 ? 106 ARG A CZ  1 
ATOM   777  N NH1 . ARG A 1 106 ? -20.554 -0.740  -9.291  0.00 30.00 ? 106 ARG A NH1 1 
ATOM   778  N NH2 . ARG A 1 106 ? -19.304 -1.257  -11.144 0.00 30.00 ? 106 ARG A NH2 1 
ATOM   779  N N   . GLY A 1 107 ? -15.644 -5.751  -5.685  1.00 62.35 ? 107 GLY A N   1 
ATOM   780  C CA  . GLY A 1 107 ? -15.580 -5.556  -4.247  1.00 65.74 ? 107 GLY A CA  1 
ATOM   781  C C   . GLY A 1 107 ? -15.695 -4.097  -3.855  1.00 71.29 ? 107 GLY A C   1 
ATOM   782  O O   . GLY A 1 107 ? -16.283 -3.774  -2.820  1.00 75.06 ? 107 GLY A O   1 
ATOM   783  N N   . ALA A 1 108 ? -15.144 -3.204  -4.672  1.00 73.67 ? 108 ALA A N   1 
ATOM   784  C CA  . ALA A 1 108 ? -15.087 -1.789  -4.307  1.00 72.36 ? 108 ALA A CA  1 
ATOM   785  C C   . ALA A 1 108 ? -14.874 -0.884  -5.505  1.00 70.03 ? 108 ALA A C   1 
ATOM   786  O O   . ALA A 1 108 ? -14.361 -1.306  -6.544  1.00 70.91 ? 108 ALA A O   1 
ATOM   787  C CB  . ALA A 1 108 ? -13.978 -1.564  -3.290  1.00 73.26 ? 108 ALA A CB  1 
ATOM   788  N N   . SER A 1 109 ? -15.276 0.370   -5.343  1.00 65.94 ? 109 SER A N   1 
ATOM   789  C CA  . SER A 1 109 ? -15.069 1.384   -6.361  1.00 62.51 ? 109 SER A CA  1 
ATOM   790  C C   . SER A 1 109 ? -14.565 2.666   -5.720  1.00 59.63 ? 109 SER A C   1 
ATOM   791  O O   . SER A 1 109 ? -14.506 2.789   -4.493  1.00 56.65 ? 109 SER A O   1 
ATOM   792  C CB  . SER A 1 109 ? -16.373 1.652   -7.102  1.00 70.22 ? 109 SER A CB  1 
ATOM   793  O OG  . SER A 1 109 ? -16.244 2.706   -8.055  1.00 80.37 ? 109 SER A OG  1 
ATOM   794  N N   . MET A 1 110 ? -14.215 3.625   -6.564  1.00 60.46 ? 110 MET A N   1 
ATOM   795  C CA  . MET A 1 110 ? -13.731 4.923   -6.114  1.00 58.67 ? 110 MET A CA  1 
ATOM   796  C C   . MET A 1 110 ? -13.826 6.026   -7.175  1.00 53.11 ? 110 MET A C   1 
ATOM   797  O O   . MET A 1 110 ? -14.039 5.786   -8.381  1.00 54.53 ? 110 MET A O   1 
ATOM   798  C CB  . MET A 1 110 ? -12.304 4.786   -5.627  1.00 62.22 ? 110 MET A CB  1 
ATOM   799  C CG  . MET A 1 110 ? -11.492 3.883   -6.501  1.00 67.26 ? 110 MET A CG  1 
ATOM   800  S SD  . MET A 1 110 ? -9.801  3.869   -5.937  1.00 77.47 ? 110 MET A SD  1 
ATOM   801  C CE  . MET A 1 110 ? -9.217  5.415   -6.640  1.00 71.47 ? 110 MET A CE  1 
ATOM   802  N N   . SER A 1 111 ? -13.694 7.243   -6.679  1.00 47.26 ? 111 SER A N   1 
ATOM   803  C CA  . SER A 1 111 ? -13.918 8.464   -7.444  1.00 49.24 ? 111 SER A CA  1 
ATOM   804  C C   . SER A 1 111 ? -12.632 9.270   -7.688  1.00 48.36 ? 111 SER A C   1 
ATOM   805  O O   . SER A 1 111 ? -12.596 10.093  -8.572  1.00 53.66 ? 111 SER A O   1 
ATOM   806  C CB  . SER A 1 111 ? -14.876 9.346   -6.655  1.00 49.91 ? 111 SER A CB  1 
ATOM   807  O OG  . SER A 1 111 ? -14.146 10.043  -5.646  1.00 50.94 ? 111 SER A OG  1 
ATOM   808  N N   . GLY A 1 112 ? -11.601 9.063   -6.871  1.00 45.40 ? 112 GLY A N   1 
ATOM   809  C CA  . GLY A 1 112 ? -10.313 9.727   -7.039  1.00 42.17 ? 112 GLY A CA  1 
ATOM   810  C C   . GLY A 1 112 ? -9.230  9.277   -6.046  1.00 43.07 ? 112 GLY A C   1 
ATOM   811  O O   . GLY A 1 112 ? -9.331  8.242   -5.388  1.00 44.06 ? 112 GLY A O   1 
ATOM   812  N N   . SER A 1 113 ? -8.168  10.063  -5.974  1.00 47.08 ? 113 SER A N   1 
ATOM   813  C CA  . SER A 1 113 ? -7.103  9.879   -5.020  1.00 49.18 ? 113 SER A CA  1 
ATOM   814  C C   . SER A 1 113 ? -6.638  11.249  -4.577  1.00 52.33 ? 113 SER A C   1 
ATOM   815  O O   . SER A 1 113 ? -6.683  12.192  -5.356  1.00 50.72 ? 113 SER A O   1 
ATOM   816  C CB  . SER A 1 113 ? -5.940  9.128   -5.658  1.00 51.80 ? 113 SER A CB  1 
ATOM   817  O OG  . SER A 1 113 ? -5.558  9.790   -6.838  1.00 54.53 ? 113 SER A OG  1 
ATOM   818  N N   . VAL A 1 114 ? -6.213  11.354  -3.318  1.00 55.83 ? 114 VAL A N   1 
ATOM   819  C CA  . VAL A 1 114 ? -5.643  12.575  -2.784  1.00 55.83 ? 114 VAL A CA  1 
ATOM   820  C C   . VAL A 1 114 ? -4.169  12.300  -2.604  1.00 53.83 ? 114 VAL A C   1 
ATOM   821  O O   . VAL A 1 114 ? -3.796  11.271  -2.061  1.00 55.77 ? 114 VAL A O   1 
ATOM   822  C CB  . VAL A 1 114 ? -6.240  12.952  -1.416  1.00 59.96 ? 114 VAL A CB  1 
ATOM   823  C CG1 . VAL A 1 114 ? -5.726  14.325  -0.997  1.00 64.48 ? 114 VAL A CG1 1 
ATOM   824  C CG2 . VAL A 1 114 ? -7.760  12.932  -1.467  1.00 59.87 ? 114 VAL A CG2 1 
ATOM   825  N N   . GLN A 1 115 ? -3.334  13.209  -3.085  1.00 52.95 ? 115 GLN A N   1 
ATOM   826  C CA  . GLN A 1 115 ? -1.902  13.052  -3.020  1.00 50.48 ? 115 GLN A CA  1 
ATOM   827  C C   . GLN A 1 115 ? -1.475  13.920  -1.875  1.00 55.09 ? 115 GLN A C   1 
ATOM   828  O O   . GLN A 1 115 ? -1.849  15.096  -1.837  1.00 57.10 ? 115 GLN A O   1 
ATOM   829  C CB  . GLN A 1 115 ? -1.232  13.518  -4.314  1.00 48.03 ? 115 GLN A CB  1 
ATOM   830  C CG  . GLN A 1 115 ? -1.363  12.630  -5.483  0.00 30.00 ? 115 GLN A CG  1 
ATOM   831  C CD  . GLN A 1 115 ? -0.707  13.157  -6.743  0.00 30.00 ? 115 GLN A CD  1 
ATOM   832  O OE1 . GLN A 1 115 ? -0.494  14.362  -6.883  0.00 30.00 ? 115 GLN A OE1 1 
ATOM   833  N NE2 . GLN A 1 115 ? -0.382  12.255  -7.664  0.00 30.00 ? 115 GLN A NE2 1 
ATOM   834  N N   . ILE A 1 116 ? -0.729  13.339  -0.929  1.00 55.16 ? 116 ILE A N   1 
ATOM   835  C CA  . ILE A 1 116 ? -0.200  14.082  0.204   1.00 56.02 ? 116 ILE A CA  1 
ATOM   836  C C   . ILE A 1 116 ? 1.028   14.903  -0.229  1.00 61.48 ? 116 ILE A C   1 
ATOM   837  O O   . ILE A 1 116 ? 1.875   14.421  -1.007  1.00 60.41 ? 116 ILE A O   1 
ATOM   838  C CB  . ILE A 1 116 ? 0.109   13.130  1.363   1.00 62.19 ? 116 ILE A CB  1 
ATOM   839  C CG1 . ILE A 1 116 ? -1.216  12.670  1.990   1.00 63.76 ? 116 ILE A CG1 1 
ATOM   840  C CG2 . ILE A 1 116 ? 0.987   13.803  2.403   1.00 63.46 ? 116 ILE A CG2 1 
ATOM   841  C CD1 . ILE A 1 116 ? -1.182  11.269  2.519   1.00 65.47 ? 116 ILE A CD1 1 
ATOM   842  N N   . ASN A 1 117 ? 1.090   16.150  0.250   1.00 54.85 ? 117 ASN A N   1 
ATOM   843  C CA  . ASN A 1 117 ? 2.148   17.074  -0.117  1.00 59.16 ? 117 ASN A CA  1 
ATOM   844  C C   . ASN A 1 117 ? 3.523   16.424  0.026   1.00 58.95 ? 117 ASN A C   1 
ATOM   845  O O   . ASN A 1 117 ? 3.912   16.003  1.126   1.00 56.47 ? 117 ASN A O   1 
ATOM   846  C CB  . ASN A 1 117 ? 2.077   18.348  0.740   1.00 63.84 ? 117 ASN A CB  1 
ATOM   847  C CG  . ASN A 1 117 ? 0.948   19.233  0.460   0.00 30.00 ? 117 ASN A CG  1 
ATOM   848  O OD1 . ASN A 1 117 ? 0.431   19.194  -0.656  0.00 30.00 ? 117 ASN A OD1 1 
ATOM   849  N ND2 . ASN A 1 117 ? 0.529   20.056  1.414   0.00 30.00 ? 117 ASN A ND2 1 
ATOM   850  N N   . SER A 1 118 ? 4.241   16.330  -1.087  1.00 51.53 ? 118 SER A N   1 
ATOM   851  C CA  . SER A 1 118 ? 5.516   15.652  -1.110  1.00 55.22 ? 118 SER A CA  1 
ATOM   852  C C   . SER A 1 118 ? 6.447   16.131  0.014   1.00 55.20 ? 118 SER A C   1 
ATOM   853  O O   . SER A 1 118 ? 6.641   17.332  0.191   1.00 61.50 ? 118 SER A O   1 
ATOM   854  C CB  . SER A 1 118 ? 6.183   15.852  -2.471  1.00 53.66 ? 118 SER A CB  1 
ATOM   855  O OG  . SER A 1 118 ? 7.452   15.219  -2.473  1.00 55.60 ? 118 SER A OG  1 
ATOM   856  N N   . GLY A 1 119 ? 6.995   15.182  0.778   1.00 56.18 ? 119 GLY A N   1 
ATOM   857  C CA  . GLY A 1 119 ? 7.928   15.472  1.873   1.00 54.80 ? 119 GLY A CA  1 
ATOM   858  C C   . GLY A 1 119 ? 7.330   15.854  3.227   1.00 56.62 ? 119 GLY A C   1 
ATOM   859  O O   . GLY A 1 119 ? 8.065   15.988  4.207   1.00 60.99 ? 119 GLY A O   1 
ATOM   860  N N   . SER A 1 120 ? 6.014   16.019  3.315   1.00 53.96 ? 120 SER A N   1 
ATOM   861  C CA  . SER A 1 120 ? 5.410   16.474  4.558   1.00 53.95 ? 120 SER A CA  1 
ATOM   862  C C   . SER A 1 120 ? 4.860   15.312  5.364   1.00 54.22 ? 120 SER A C   1 
ATOM   863  O O   . SER A 1 120 ? 3.838   14.731  4.995   1.00 54.84 ? 120 SER A O   1 
ATOM   864  C CB  . SER A 1 120 ? 4.291   17.483  4.300   1.00 54.58 ? 120 SER A CB  1 
ATOM   865  O OG  . SER A 1 120 ? 3.615   17.764  5.519   1.00 58.34 ? 120 SER A OG  1 
ATOM   866  N N   . GLU A 1 121 ? 5.532   15.005  6.477   1.00 58.27 ? 121 GLU A N   1 
ATOM   867  C CA  . GLU A 1 121 ? 5.126   13.928  7.384   1.00 57.36 ? 121 GLU A CA  1 
ATOM   868  C C   . GLU A 1 121 ? 4.008   14.332  8.352   1.00 57.21 ? 121 GLU A C   1 
ATOM   869  O O   . GLU A 1 121 ? 3.333   13.470  8.929   1.00 58.85 ? 121 GLU A O   1 
ATOM   870  C CB  . GLU A 1 121 ? 6.330   13.425  8.179   1.00 57.26 ? 121 GLU A CB  1 
ATOM   871  C CG  . GLU A 1 121 ? 7.380   12.714  7.339   1.00 59.70 ? 121 GLU A CG  1 
ATOM   872  C CD  . GLU A 1 121 ? 8.471   12.061  8.187   1.00 61.60 ? 121 GLU A CD  1 
ATOM   873  O OE1 . GLU A 1 121 ? 9.538   12.686  8.354   1.00 60.36 ? 121 GLU A OE1 1 
ATOM   874  O OE2 . GLU A 1 121 ? 8.260   10.932  8.699   1.00 59.73 ? 121 GLU A OE2 1 
ATOM   875  N N   . SER A 1 122 ? 3.822   15.632  8.558   1.00 56.33 ? 122 SER A N   1 
ATOM   876  C CA  . SER A 1 122 ? 2.708   16.110  9.391   1.00 56.89 ? 122 SER A CA  1 
ATOM   877  C C   . SER A 1 122 ? 1.370   16.037  8.632   1.00 53.45 ? 122 SER A C   1 
ATOM   878  O O   . SER A 1 122 ? 0.345   15.744  9.228   1.00 59.00 ? 122 SER A O   1 
ATOM   879  C CB  . SER A 1 122 ? 2.978   17.524  9.863   1.00 54.24 ? 122 SER A CB  1 
ATOM   880  O OG  . SER A 1 122 ? 3.133   18.367  8.746   1.00 58.47 ? 122 SER A OG  1 
ATOM   881  N N   . ASP A 1 123 ? 1.452   16.158  7.310   1.00 51.86 ? 123 ASP A N   1 
ATOM   882  C CA  . ASP A 1 123 ? 0.291   16.016  6.450   1.00 55.19 ? 123 ASP A CA  1 
ATOM   883  C C   . ASP A 1 123 ? 0.021   14.514  6.332   1.00 54.02 ? 123 ASP A C   1 
ATOM   884  O O   . ASP A 1 123 ? -1.131  14.082  6.303   1.00 47.94 ? 123 ASP A O   1 
ATOM   885  C CB  . ASP A 1 123 ? 0.559   16.622  5.073   1.00 57.30 ? 123 ASP A CB  1 
ATOM   886  C CG  . ASP A 1 123 ? 0.271   18.108  5.024   0.00 30.00 ? 123 ASP A CG  1 
ATOM   887  O OD1 . ASP A 1 123 ? -0.283  18.641  6.010   0.00 30.00 ? 123 ASP A OD1 1 
ATOM   888  O OD2 . ASP A 1 123 ? 0.596   18.746  4.001   0.00 30.00 ? 123 ASP A OD2 1 
ATOM   889  N N   . LEU A 1 124 ? 1.095   13.723  6.263   1.00 52.31 ? 124 LEU A N   1 
ATOM   890  C CA  . LEU A 1 124 ? 0.982   12.275  6.185   1.00 54.22 ? 124 LEU A CA  1 
ATOM   891  C C   . LEU A 1 124 ? 0.332   11.726  7.470   1.00 55.78 ? 124 LEU A C   1 
ATOM   892  O O   . LEU A 1 124 ? -0.561  10.880  7.405   1.00 58.19 ? 124 LEU A O   1 
ATOM   893  C CB  . LEU A 1 124 ? 2.356   11.640  5.936   1.00 58.47 ? 124 LEU A CB  1 
ATOM   894  C CG  . LEU A 1 124 ? 2.473   10.108  5.897   1.00 58.42 ? 124 LEU A CG  1 
ATOM   895  C CD1 . LEU A 1 124 ? 1.433   9.446   5.010   1.00 56.13 ? 124 LEU A CD1 1 
ATOM   896  C CD2 . LEU A 1 124 ? 3.869   9.710   5.436   1.00 59.89 ? 124 LEU A CD2 1 
ATOM   897  N N   . GLU A 1 125 ? 0.749   12.226  8.627   1.00 54.33 ? 125 GLU A N   1 
ATOM   898  C CA  . GLU A 1 125 ? 0.159   11.780  9.895   1.00 57.13 ? 125 GLU A CA  1 
ATOM   899  C C   . GLU A 1 125 ? -1.302  12.178  9.949   1.00 53.70 ? 125 GLU A C   1 
ATOM   900  O O   . GLU A 1 125 ? -2.159  11.380  10.287  1.00 54.46 ? 125 GLU A O   1 
ATOM   901  C CB  . GLU A 1 125 ? 0.908   12.357  11.108  1.00 61.33 ? 125 GLU A CB  1 
ATOM   902  C CG  . GLU A 1 125 ? 0.125   12.653  12.330  0.00 30.00 ? 125 GLU A CG  1 
ATOM   903  C CD  . GLU A 1 125 ? 0.671   13.706  13.274  0.00 30.00 ? 125 GLU A CD  1 
ATOM   904  O OE1 . GLU A 1 125 ? -0.026  14.717  13.507  0.00 30.00 ? 125 GLU A OE1 1 
ATOM   905  O OE2 . GLU A 1 125 ? 1.797   13.524  13.782  0.00 30.00 ? 125 GLU A OE2 1 
ATOM   906  N N   . ALA A 1 126 ? -1.588  13.411  9.571   1.00 53.89 ? 126 ALA A N   1 
ATOM   907  C CA  . ALA A 1 126 ? -2.962  13.877  9.520   1.00 51.16 ? 126 ALA A CA  1 
ATOM   908  C C   . ALA A 1 126 ? -3.819  12.971  8.627   1.00 46.29 ? 126 ALA A C   1 
ATOM   909  O O   . ALA A 1 126 ? -4.954  12.653  8.974   1.00 48.94 ? 126 ALA A O   1 
ATOM   910  C CB  . ALA A 1 126 ? -3.012  15.336  9.059   1.00 51.04 ? 126 ALA A CB  1 
ATOM   911  N N   . ALA A 1 127 ? -3.284  12.529  7.489   1.00 47.30 ? 127 ALA A N   1 
ATOM   912  C CA  . ALA A 1 127 ? -4.028  11.600  6.613   1.00 45.01 ? 127 ALA A CA  1 
ATOM   913  C C   . ALA A 1 127 ? -4.276  10.276  7.298   1.00 48.47 ? 127 ALA A C   1 
ATOM   914  O O   . ALA A 1 127 ? -5.387  9.751   7.261   1.00 47.15 ? 127 ALA A O   1 
ATOM   915  C CB  . ALA A 1 127 ? -3.294  11.370  5.316   1.00 44.47 ? 127 ALA A CB  1 
ATOM   916  N N   . VAL A 1 128 ? -3.235  9.761   7.952   1.00 50.55 ? 128 VAL A N   1 
ATOM   917  C CA  . VAL A 1 128 ? -3.275  8.422   8.534   1.00 53.28 ? 128 VAL A CA  1 
ATOM   918  C C   . VAL A 1 128 ? -4.200  8.368   9.749   1.00 53.58 ? 128 VAL A C   1 
ATOM   919  O O   . VAL A 1 128 ? -4.940  7.392   9.939   1.00 52.30 ? 128 VAL A O   1 
ATOM   920  C CB  . VAL A 1 128 ? -1.863  7.921   8.912   1.00 53.50 ? 128 VAL A CB  1 
ATOM   921  C CG1 . VAL A 1 128 ? -1.956  6.558   9.552   1.00 58.55 ? 128 VAL A CG1 1 
ATOM   922  C CG2 . VAL A 1 128 ? -0.954  7.852   7.684   1.00 52.84 ? 128 VAL A CG2 1 
ATOM   923  N N   . ALA A 1 129 ? -4.150  9.413   10.566  1.00 49.03 ? 129 ALA A N   1 
ATOM   924  C CA  . ALA A 1 129 ? -5.010  9.511   11.745  1.00 51.66 ? 129 ALA A CA  1 
ATOM   925  C C   . ALA A 1 129 ? -6.473  9.728   11.392  1.00 51.73 ? 129 ALA A C   1 
ATOM   926  O O   . ALA A 1 129 ? -7.349  9.040   11.893  1.00 56.76 ? 129 ALA A O   1 
ATOM   927  C CB  . ALA A 1 129 ? -4.535  10.649  12.635  1.00 51.97 ? 129 ALA A CB  1 
ATOM   928  N N   . ASN A 1 130 ? -6.722  10.696  10.523  1.00 54.33 ? 130 ASN A N   1 
ATOM   929  C CA  . ASN A 1 130 ? -8.070  11.194  10.251  1.00 57.04 ? 130 ASN A CA  1 
ATOM   930  C C   . ASN A 1 130 ? -8.806  10.529  9.082   1.00 57.22 ? 130 ASN A C   1 
ATOM   931  O O   . ASN A 1 130 ? -10.034 10.586  9.013   1.00 66.26 ? 130 ASN A O   1 
ATOM   932  C CB  . ASN A 1 130 ? -8.009  12.715  10.036  1.00 55.46 ? 130 ASN A CB  1 
ATOM   933  C CG  . ASN A 1 130 ? -7.700  13.531  11.167  0.00 30.00 ? 130 ASN A CG  1 
ATOM   934  O OD1 . ASN A 1 130 ? -7.917  13.081  12.292  0.00 30.00 ? 130 ASN A OD1 1 
ATOM   935  N ND2 . ASN A 1 130 ? -7.174  14.734  10.965  0.00 30.00 ? 130 ASN A ND2 1 
ATOM   936  N N   . VAL A 1 131 ? -8.077  9.898   8.163   1.00 60.29 ? 131 VAL A N   1 
ATOM   937  C CA  . VAL A 1 131 ? -8.714  9.286   6.978   1.00 56.20 ? 131 VAL A CA  1 
ATOM   938  C C   . VAL A 1 131 ? -8.581  7.750   6.961   1.00 56.59 ? 131 VAL A C   1 
ATOM   939  O O   . VAL A 1 131 ? -9.583  7.025   6.811   1.00 53.57 ? 131 VAL A O   1 
ATOM   940  C CB  . VAL A 1 131 ? -8.151  9.872   5.663   1.00 54.86 ? 131 VAL A CB  1 
ATOM   941  C CG1 . VAL A 1 131 ? -9.007  9.427   4.499   1.00 58.96 ? 131 VAL A CG1 1 
ATOM   942  C CG2 . VAL A 1 131 ? -8.074  11.405  5.713   1.00 53.68 ? 131 VAL A CG2 1 
ATOM   943  N N   . GLY A 1 132 ? -7.355  7.252   7.123   1.00 51.82 ? 132 GLY A N   1 
ATOM   944  C CA  . GLY A 1 132 ? -7.119  5.824   6.987   1.00 47.70 ? 132 GLY A CA  1 
ATOM   945  C C   . GLY A 1 132 ? -5.730  5.446   6.495   1.00 47.93 ? 132 GLY A C   1 
ATOM   946  O O   . GLY A 1 132 ? -4.820  6.298   6.391   1.00 46.26 ? 132 GLY A O   1 
ATOM   947  N N   . PRO A 1 133 ? -5.549  4.144   6.213   1.00 44.09 ? 133 PRO A N   1 
ATOM   948  C CA  . PRO A 1 133 ? -4.279  3.634   5.714   1.00 42.38 ? 133 PRO A CA  1 
ATOM   949  C C   . PRO A 1 133 ? -3.886  4.315   4.409   1.00 42.97 ? 133 PRO A C   1 
ATOM   950  O O   . PRO A 1 133 ? -4.730  4.463   3.522   1.00 49.90 ? 133 PRO A O   1 
ATOM   951  C CB  . PRO A 1 133 ? -4.567  2.152   5.483   1.00 42.03 ? 133 PRO A CB  1 
ATOM   952  C CG  . PRO A 1 133 ? -5.686  1.825   6.420   1.00 40.67 ? 133 PRO A CG  1 
ATOM   953  C CD  . PRO A 1 133 ? -6.506  3.064   6.520   1.00 40.03 ? 133 PRO A CD  1 
ATOM   954  N N   . VAL A 1 134 ? -2.621  4.725   4.313   1.00 41.39 ? 134 VAL A N   1 
ATOM   955  C CA  . VAL A 1 134 ? -2.098  5.514   3.206   1.00 39.32 ? 134 VAL A CA  1 
ATOM   956  C C   . VAL A 1 134 ? -1.030  4.733   2.458   1.00 39.95 ? 134 VAL A C   1 
ATOM   957  O O   . VAL A 1 134 ? -0.118  4.171   3.055   1.00 46.87 ? 134 VAL A O   1 
ATOM   958  C CB  . VAL A 1 134 ? -1.503  6.830   3.724   1.00 40.87 ? 134 VAL A CB  1 
ATOM   959  C CG1 . VAL A 1 134 ? -0.915  7.686   2.601   1.00 42.61 ? 134 VAL A CG1 1 
ATOM   960  C CG2 . VAL A 1 134 ? -2.584  7.608   4.443   1.00 44.48 ? 134 VAL A CG2 1 
ATOM   961  N N   . ALA A 1 135 ? -1.143  4.714   1.142   1.00 39.23 ? 135 ALA A N   1 
ATOM   962  C CA  . ALA A 1 135 ? -0.197  4.042   0.317   1.00 41.14 ? 135 ALA A CA  1 
ATOM   963  C C   . ALA A 1 135 ? 1.009   4.954   0.203   1.00 42.99 ? 135 ALA A C   1 
ATOM   964  O O   . ALA A 1 135 ? 0.872   6.154   -0.030  1.00 38.65 ? 135 ALA A O   1 
ATOM   965  C CB  . ALA A 1 135 ? -0.801  3.753   -1.038  1.00 43.65 ? 135 ALA A CB  1 
ATOM   966  N N   . VAL A 1 136 ? 2.185   4.378   0.447   1.00 47.20 ? 136 VAL A N   1 
ATOM   967  C CA  . VAL A 1 136 ? 3.468   5.060   0.268   1.00 47.30 ? 136 VAL A CA  1 
ATOM   968  C C   . VAL A 1 136 ? 4.456   4.234   -0.572  1.00 47.14 ? 136 VAL A C   1 
ATOM   969  O O   . VAL A 1 136 ? 4.252   3.047   -0.813  1.00 44.55 ? 136 VAL A O   1 
ATOM   970  C CB  . VAL A 1 136 ? 4.136   5.356   1.620   1.00 47.43 ? 136 VAL A CB  1 
ATOM   971  C CG1 . VAL A 1 136 ? 3.219   6.174   2.526   1.00 44.36 ? 136 VAL A CG1 1 
ATOM   972  C CG2 . VAL A 1 136 ? 4.591   4.056   2.293   1.00 50.00 ? 136 VAL A CG2 1 
ATOM   973  N N   . ALA A 1 137 ? 5.521   4.889   -1.011  1.00 49.08 ? 137 ALA A N   1 
ATOM   974  C CA  . ALA A 1 137 ? 6.685   4.221   -1.588  1.00 51.24 ? 137 ALA A CA  1 
ATOM   975  C C   . ALA A 1 137 ? 7.975   4.711   -0.929  1.00 54.11 ? 137 ALA A C   1 
ATOM   976  O O   . ALA A 1 137 ? 8.110   5.883   -0.553  1.00 50.25 ? 137 ALA A O   1 
ATOM   977  C CB  . ALA A 1 137 ? 6.764   4.463   -3.074  1.00 51.67 ? 137 ALA A CB  1 
ATOM   978  N N   . ILE A 1 138 ? 8.935   3.803   -0.821  1.00 57.63 ? 138 ILE A N   1 
ATOM   979  C CA  . ILE A 1 138 ? 10.195  4.102   -0.155  1.00 56.90 ? 138 ILE A CA  1 
ATOM   980  C C   . ILE A 1 138 ? 11.367  3.629   -0.972  1.00 59.75 ? 138 ILE A C   1 
ATOM   981  O O   . ILE A 1 138 ? 11.212  2.947   -2.003  1.00 59.06 ? 138 ILE A O   1 
ATOM   982  C CB  . ILE A 1 138 ? 10.278  3.438   1.221   1.00 54.59 ? 138 ILE A CB  1 
ATOM   983  C CG1 . ILE A 1 138 ? 10.207  1.922   1.080   1.00 57.01 ? 138 ILE A CG1 1 
ATOM   984  C CG2 . ILE A 1 138 ? 9.162   3.944   2.126   1.00 53.53 ? 138 ILE A CG2 1 
ATOM   985  C CD1 . ILE A 1 138 ? 10.394  1.216   2.397   1.00 63.29 ? 138 ILE A CD1 1 
ATOM   986  N N   . ASP A 1 139 ? 12.531  4.062   -0.506  1.00 62.29 ? 139 ASP A N   1 
ATOM   987  C CA  . ASP A 1 139 ? 13.796  3.435   -0.815  1.00 64.22 ? 139 ASP A CA  1 
ATOM   988  C C   . ASP A 1 139 ? 13.985  2.199   0.089   1.00 60.12 ? 139 ASP A C   1 
ATOM   989  O O   . ASP A 1 139 ? 14.218  2.326   1.295   1.00 53.32 ? 139 ASP A O   1 
ATOM   990  C CB  . ASP A 1 139 ? 14.921  4.445   -0.567  1.00 68.62 ? 139 ASP A CB  1 
ATOM   991  C CG  . ASP A 1 139 ? 16.261  3.963   -1.074  1.00 72.50 ? 139 ASP A CG  1 
ATOM   992  O OD1 . ASP A 1 139 ? 16.328  2.864   -1.690  1.00 70.79 ? 139 ASP A OD1 1 
ATOM   993  O OD2 . ASP A 1 139 ? 17.245  4.699   -0.865  1.00 74.01 ? 139 ASP A OD2 1 
ATOM   994  N N   . GLY A 1 140 ? 13.824  1.014   -0.492  1.00 57.03 ? 140 GLY A N   1 
ATOM   995  C CA  . GLY A 1 140 ? 14.169  -0.236  0.171   1.00 60.12 ? 140 GLY A CA  1 
ATOM   996  C C   . GLY A 1 140 ? 15.399  -0.899  -0.439  1.00 62.31 ? 140 GLY A C   1 
ATOM   997  O O   . GLY A 1 140 ? 15.480  -2.122  -0.475  1.00 64.40 ? 140 GLY A O   1 
ATOM   998  N N   . GLU A 1 141 ? 16.354  -0.091  -0.910  1.00 66.26 ? 141 GLU A N   1 
ATOM   999  C CA  . GLU A 1 141 ? 17.599  -0.585  -1.527  1.00 64.56 ? 141 GLU A CA  1 
ATOM   1000 C C   . GLU A 1 141 ? 18.486  -1.364  -0.528  1.00 64.39 ? 141 GLU A C   1 
ATOM   1001 O O   . GLU A 1 141 ? 19.026  -2.422  -0.853  1.00 70.11 ? 141 GLU A O   1 
ATOM   1002 C CB  . GLU A 1 141 ? 18.375  0.539   -2.116  0.00 30.00 ? 141 GLU A CB  1 
ATOM   1003 C CG  . GLU A 1 141 ? 17.678  1.194   -3.298  0.00 30.00 ? 141 GLU A CG  1 
ATOM   1004 C CD  . GLU A 1 141 ? 18.452  2.378   -3.846  0.00 30.00 ? 141 GLU A CD  1 
ATOM   1005 O OE1 . GLU A 1 141 ? 19.427  2.805   -3.194  0.00 30.00 ? 141 GLU A OE1 1 
ATOM   1006 O OE2 . GLU A 1 141 ? 18.082  2.884   -4.926  0.00 30.00 ? 141 GLU A OE2 1 
ATOM   1007 N N   . SER A 1 142 ? 18.614  -0.840  0.687   1.00 59.04 ? 142 SER A N   1 
ATOM   1008 C CA  . SER A 1 142 ? 19.482  -1.406  1.706   1.00 51.21 ? 142 SER A CA  1 
ATOM   1009 C C   . SER A 1 142 ? 19.253  -2.896  1.989   1.00 55.39 ? 142 SER A C   1 
ATOM   1010 O O   . SER A 1 142 ? 18.123  -3.407  2.013   1.00 55.92 ? 142 SER A O   1 
ATOM   1011 C CB  . SER A 1 142 ? 19.319  -0.626  3.013   1.00 50.77 ? 142 SER A CB  1 
ATOM   1012 O OG  . SER A 1 142 ? 20.069  -1.201  4.082   1.00 51.18 ? 142 SER A OG  1 
ATOM   1013 N N   . ASN A 1 143 ? 20.358  -3.573  2.276   1.00 57.40 ? 143 ASN A N   1 
ATOM   1014 C CA  . ASN A 1 143 ? 20.330  -4.939  2.709   1.00 54.80 ? 143 ASN A CA  1 
ATOM   1015 C C   . ASN A 1 143 ? 19.629  -5.029  4.066   1.00 50.23 ? 143 ASN A C   1 
ATOM   1016 O O   . ASN A 1 143 ? 19.112  -6.080  4.464   1.00 43.77 ? 143 ASN A O   1 
ATOM   1017 C CB  . ASN A 1 143 ? 21.762  -5.427  2.791   1.00 62.63 ? 143 ASN A CB  1 
ATOM   1018 C CG  . ASN A 1 143 ? 21.881  -6.924  2.649   1.00 70.89 ? 143 ASN A CG  1 
ATOM   1019 O OD1 . ASN A 1 143 ? 21.165  -7.532  1.864   1.00 74.00 ? 143 ASN A OD1 1 
ATOM   1020 N ND2 . ASN A 1 143 ? 22.817  -7.526  3.397   1.00 73.84 ? 143 ASN A ND2 1 
ATOM   1021 N N   . ALA A 1 144 ? 19.607  -3.905  4.771   1.00 48.37 ? 144 ALA A N   1 
ATOM   1022 C CA  . ALA A 1 144 ? 18.998  -3.844  6.091   1.00 52.37 ? 144 ALA A CA  1 
ATOM   1023 C C   . ALA A 1 144 ? 17.490  -3.940  5.980   1.00 53.14 ? 144 ALA A C   1 
ATOM   1024 O O   . ALA A 1 144 ? 16.832  -4.612  6.803   1.00 51.04 ? 144 ALA A O   1 
ATOM   1025 C CB  . ALA A 1 144 ? 19.408  -2.559  6.808   1.00 53.79 ? 144 ALA A CB  1 
ATOM   1026 N N   . PHE A 1 145 ? 16.953  -3.249  4.972   1.00 50.09 ? 145 PHE A N   1 
ATOM   1027 C CA  . PHE A 1 145 ? 15.544  -3.379  4.620   1.00 47.36 ? 145 PHE A CA  1 
ATOM   1028 C C   . PHE A 1 145 ? 15.221  -4.757  4.043   1.00 42.48 ? 145 PHE A C   1 
ATOM   1029 O O   . PHE A 1 145 ? 14.293  -5.447  4.474   1.00 40.83 ? 145 PHE A O   1 
ATOM   1030 C CB  . PHE A 1 145 ? 15.139  -2.323  3.586   1.00 50.98 ? 145 PHE A CB  1 
ATOM   1031 C CG  . PHE A 1 145 ? 13.656  -2.291  3.353   1.00 50.29 ? 145 PHE A CG  1 
ATOM   1032 C CD1 . PHE A 1 145 ? 12.836  -1.558  4.202   1.00 44.83 ? 145 PHE A CD1 1 
ATOM   1033 C CD2 . PHE A 1 145 ? 13.074  -3.068  2.347   1.00 46.48 ? 145 PHE A CD2 1 
ATOM   1034 C CE1 . PHE A 1 145 ? 11.487  -1.567  4.027   1.00 45.23 ? 145 PHE A CE1 1 
ATOM   1035 C CE2 . PHE A 1 145 ? 11.719  -3.071  2.175   1.00 42.43 ? 145 PHE A CE2 1 
ATOM   1036 C CZ  . PHE A 1 145 ? 10.928  -2.324  3.010   1.00 44.79 ? 145 PHE A CZ  1 
ATOM   1037 N N   . ARG A 1 146 ? 15.982  -5.143  3.042   1.00 39.71 ? 146 ARG A N   1 
ATOM   1038 C CA  . ARG A 1 146 ? 15.793  -6.430  2.408   1.00 44.92 ? 146 ARG A CA  1 
ATOM   1039 C C   . ARG A 1 146 ? 15.750  -7.531  3.440   1.00 45.63 ? 146 ARG A C   1 
ATOM   1040 O O   . ARG A 1 146 ? 14.941  -8.427  3.342   1.00 47.65 ? 146 ARG A O   1 
ATOM   1041 C CB  . ARG A 1 146 ? 16.927  -6.640  1.412   1.00 53.15 ? 146 ARG A CB  1 
ATOM   1042 C CG  . ARG A 1 146 ? 16.787  -7.822  0.468   1.00 62.10 ? 146 ARG A CG  1 
ATOM   1043 C CD  . ARG A 1 146 ? 17.762  -8.917  0.846   1.00 72.64 ? 146 ARG A CD  1 
ATOM   1044 N NE  . ARG A 1 146 ? 18.340  -9.663  -0.275  1.00 80.55 ? 146 ARG A NE  1 
ATOM   1045 C CZ  . ARG A 1 146 ? 17.670  -10.496 -1.065  1.00 84.57 ? 146 ARG A CZ  1 
ATOM   1046 N NH1 . ARG A 1 146 ? 16.361  -10.661 -0.926  1.00 89.52 ? 146 ARG A NH1 1 
ATOM   1047 N NH2 . ARG A 1 146 ? 18.315  -11.145 -2.023  1.00 83.09 ? 146 ARG A NH2 1 
ATOM   1048 N N   . PHE A 1 147 ? 16.593  -7.423  4.466   1.00 51.81 ? 147 PHE A N   1 
ATOM   1049 C CA  . PHE A 1 147 ? 16.627  -8.381  5.581   1.00 53.84 ? 147 PHE A CA  1 
ATOM   1050 C C   . PHE A 1 147 ? 16.213  -7.827  6.943   1.00 51.65 ? 147 PHE A C   1 
ATOM   1051 O O   . PHE A 1 147 ? 16.666  -8.311  7.957   1.00 49.24 ? 147 PHE A O   1 
ATOM   1052 C CB  . PHE A 1 147 ? 18.032  -8.962  5.698   1.00 50.90 ? 147 PHE A CB  1 
ATOM   1053 C CG  . PHE A 1 147 ? 18.421  -9.805  4.525   1.00 50.30 ? 147 PHE A CG  1 
ATOM   1054 C CD1 . PHE A 1 147 ? 17.674  -10.933 4.205   1.00 50.46 ? 147 PHE A CD1 1 
ATOM   1055 C CD2 . PHE A 1 147 ? 19.532  -9.475  3.744   1.00 48.35 ? 147 PHE A CD2 1 
ATOM   1056 C CE1 . PHE A 1 147 ? 18.016  -11.722 3.120   1.00 53.42 ? 147 PHE A CE1 1 
ATOM   1057 C CE2 . PHE A 1 147 ? 19.895  -10.259 2.680   1.00 48.26 ? 147 PHE A CE2 1 
ATOM   1058 C CZ  . PHE A 1 147 ? 19.138  -11.380 2.358   1.00 55.87 ? 147 PHE A CZ  1 
ATOM   1059 N N   . TYR A 1 148 ? 15.332  -6.843  6.974   1.00 52.17 ? 148 TYR A N   1 
ATOM   1060 C CA  . TYR A 1 148 ? 14.816  -6.338  8.245   1.00 52.49 ? 148 TYR A CA  1 
ATOM   1061 C C   . TYR A 1 148 ? 14.097  -7.428  9.003   1.00 51.06 ? 148 TYR A C   1 
ATOM   1062 O O   . TYR A 1 148 ? 13.333  -8.176  8.401   1.00 62.40 ? 148 TYR A O   1 
ATOM   1063 C CB  . TYR A 1 148 ? 13.860  -5.189  7.985   1.00 51.72 ? 148 TYR A CB  1 
ATOM   1064 C CG  . TYR A 1 148 ? 12.999  -4.798  9.159   1.00 49.26 ? 148 TYR A CG  1 
ATOM   1065 C CD1 . TYR A 1 148 ? 11.787  -5.431  9.389   1.00 49.29 ? 148 TYR A CD1 1 
ATOM   1066 C CD2 . TYR A 1 148 ? 13.368  -3.769  10.006  1.00 47.58 ? 148 TYR A CD2 1 
ATOM   1067 C CE1 . TYR A 1 148 ? 10.963  -5.066  10.446  1.00 46.21 ? 148 TYR A CE1 1 
ATOM   1068 C CE2 . TYR A 1 148 ? 12.557  -3.394  11.067  1.00 47.43 ? 148 TYR A CE2 1 
ATOM   1069 C CZ  . TYR A 1 148 ? 11.353  -4.048  11.278  1.00 45.28 ? 148 TYR A CZ  1 
ATOM   1070 O OH  . TYR A 1 148 ? 10.535  -3.692  12.330  1.00 48.19 ? 148 TYR A OH  1 
ATOM   1071 N N   . TYR A 1 149 ? 14.295  -7.481  10.318  1.00 51.60 ? 149 TYR A N   1 
ATOM   1072 C CA  . TYR A 1 149 ? 13.657  -8.500  11.148  1.00 52.48 ? 149 TYR A CA  1 
ATOM   1073 C C   . TYR A 1 149 ? 12.871  -7.954  12.348  1.00 50.07 ? 149 TYR A C   1 
ATOM   1074 O O   . TYR A 1 149 ? 11.826  -8.499  12.701  1.00 63.24 ? 149 TYR A O   1 
ATOM   1075 C CB  . TYR A 1 149 ? 14.696  -9.517  11.629  1.00 56.56 ? 149 TYR A CB  1 
ATOM   1076 C CG  . TYR A 1 149 ? 14.096  -10.740 12.285  1.00 52.14 ? 149 TYR A CG  1 
ATOM   1077 C CD1 . TYR A 1 149 ? 13.591  -11.784 11.521  0.00 30.00 ? 149 TYR A CD1 1 
ATOM   1078 C CD2 . TYR A 1 149 ? 14.038  -10.852 13.668  0.00 30.00 ? 149 TYR A CD2 1 
ATOM   1079 C CE1 . TYR A 1 149 ? 13.042  -12.904 12.117  0.00 30.00 ? 149 TYR A CE1 1 
ATOM   1080 C CE2 . TYR A 1 149 ? 13.491  -11.969 14.271  0.00 30.00 ? 149 TYR A CE2 1 
ATOM   1081 C CZ  . TYR A 1 149 ? 12.995  -12.991 13.492  0.00 30.00 ? 149 TYR A CZ  1 
ATOM   1082 O OH  . TYR A 1 149 ? 12.450  -14.105 14.088  0.00 30.00 ? 149 TYR A OH  1 
ATOM   1083 N N   . SER A 1 150 ? 13.365  -6.887  12.973  1.00 49.22 ? 150 SER A N   1 
ATOM   1084 C CA  . SER A 1 150 ? 12.688  -6.325  14.141  1.00 52.09 ? 150 SER A CA  1 
ATOM   1085 C C   . SER A 1 150 ? 13.305  -4.975  14.533  1.00 51.83 ? 150 SER A C   1 
ATOM   1086 O O   . SER A 1 150 ? 14.419  -4.656  14.126  1.00 57.55 ? 150 SER A O   1 
ATOM   1087 C CB  . SER A 1 150 ? 12.803  -7.276  15.340  1.00 61.42 ? 150 SER A CB  1 
ATOM   1088 O OG  . SER A 1 150 ? 14.120  -7.263  15.897  1.00 65.88 ? 150 SER A OG  1 
ATOM   1089 N N   . GLY A 1 151 ? 12.588  -4.205  15.349  1.00 50.24 ? 151 GLY A N   1 
ATOM   1090 C CA  . GLY A 1 151 ? 13.028  -2.862  15.750  1.00 48.46 ? 151 GLY A CA  1 
ATOM   1091 C C   . GLY A 1 151 ? 12.632  -1.749  14.791  1.00 53.58 ? 151 GLY A C   1 
ATOM   1092 O O   . GLY A 1 151 ? 11.903  -1.983  13.804  1.00 53.29 ? 151 GLY A O   1 
ATOM   1093 N N   . VAL A 1 152 ? 13.101  -0.531  15.086  1.00 56.35 ? 152 VAL A N   1 
ATOM   1094 C CA  . VAL A 1 152 ? 12.843  0.647   14.242  1.00 58.78 ? 152 VAL A CA  1 
ATOM   1095 C C   . VAL A 1 152 ? 13.958  0.798   13.211  1.00 53.43 ? 152 VAL A C   1 
ATOM   1096 O O   . VAL A 1 152 ? 15.117  0.959   13.554  1.00 57.39 ? 152 VAL A O   1 
ATOM   1097 C CB  . VAL A 1 152 ? 12.709  1.956   15.075  1.00 65.33 ? 152 VAL A CB  1 
ATOM   1098 C CG1 . VAL A 1 152 ? 12.734  3.196   14.186  1.00 65.18 ? 152 VAL A CG1 1 
ATOM   1099 C CG2 . VAL A 1 152 ? 11.424  1.951   15.901  1.00 67.33 ? 152 VAL A CG2 1 
ATOM   1100 N N   . TYR A 1 153 ? 13.579  0.744   11.945  1.00 55.42 ? 153 TYR A N   1 
ATOM   1101 C CA  . TYR A 1 153 ? 14.496  0.936   10.841  1.00 55.37 ? 153 TYR A CA  1 
ATOM   1102 C C   . TYR A 1 153 ? 14.859  2.404   10.803  1.00 58.73 ? 153 TYR A C   1 
ATOM   1103 O O   . TYR A 1 153 ? 13.985  3.284   10.782  1.00 63.60 ? 153 TYR A O   1 
ATOM   1104 C CB  . TYR A 1 153 ? 13.810  0.517   9.555   1.00 54.05 ? 153 TYR A CB  1 
ATOM   1105 C CG  . TYR A 1 153 ? 14.671  0.501   8.327   1.00 53.65 ? 153 TYR A CG  1 
ATOM   1106 C CD1 . TYR A 1 153 ? 15.513  -0.562  8.077   1.00 55.65 ? 153 TYR A CD1 1 
ATOM   1107 C CD2 . TYR A 1 153 ? 14.599  1.530   7.372   1.00 53.16 ? 153 TYR A CD2 1 
ATOM   1108 C CE1 . TYR A 1 153 ? 16.294  -0.603  6.936   1.00 54.81 ? 153 TYR A CE1 1 
ATOM   1109 C CE2 . TYR A 1 153 ? 15.376  1.491   6.224   1.00 49.23 ? 153 TYR A CE2 1 
ATOM   1110 C CZ  . TYR A 1 153 ? 16.211  0.414   6.014   1.00 51.31 ? 153 TYR A CZ  1 
ATOM   1111 O OH  . TYR A 1 153 ? 16.992  0.351   4.885   1.00 58.07 ? 153 TYR A OH  1 
ATOM   1112 N N   . ASP A 1 154 ? 16.155  2.669   10.812  1.00 59.38 ? 154 ASP A N   1 
ATOM   1113 C CA  . ASP A 1 154 ? 16.666  4.022   10.957  1.00 59.03 ? 154 ASP A CA  1 
ATOM   1114 C C   . ASP A 1 154 ? 17.981  4.037   10.214  1.00 62.01 ? 154 ASP A C   1 
ATOM   1115 O O   . ASP A 1 154 ? 19.036  3.826   10.798  1.00 71.90 ? 154 ASP A O   1 
ATOM   1116 C CB  . ASP A 1 154 ? 16.848  4.325   12.442  1.00 62.32 ? 154 ASP A CB  1 
ATOM   1117 C CG  . ASP A 1 154 ? 16.955  5.808   12.746  1.00 61.34 ? 154 ASP A CG  1 
ATOM   1118 O OD1 . ASP A 1 154 ? 17.187  6.647   11.844  1.00 57.75 ? 154 ASP A OD1 1 
ATOM   1119 O OD2 . ASP A 1 154 ? 16.799  6.123   13.933  1.00 67.18 ? 154 ASP A OD2 1 
ATOM   1120 N N   . SER A 1 155 ? 17.885  4.230   8.905   1.00 64.94 ? 155 SER A N   1 
ATOM   1121 C CA  . SER A 1 155 ? 18.979  4.002   7.983   1.00 67.55 ? 155 SER A CA  1 
ATOM   1122 C C   . SER A 1 155 ? 19.688  5.318   7.673   1.00 67.37 ? 155 SER A C   1 
ATOM   1123 O O   . SER A 1 155 ? 19.062  6.351   7.447   1.00 65.30 ? 155 SER A O   1 
ATOM   1124 C CB  . SER A 1 155 ? 18.443  3.358   6.693   1.00 72.76 ? 155 SER A CB  1 
ATOM   1125 O OG  . SER A 1 155 ? 19.450  3.150   5.706   1.00 73.69 ? 155 SER A OG  1 
ATOM   1126 N N   . SER A 1 156 ? 21.009  5.251   7.655   1.00 68.06 ? 156 SER A N   1 
ATOM   1127 C CA  . SER A 1 156 ? 21.859  6.383   7.331   1.00 73.30 ? 156 SER A CA  1 
ATOM   1128 C C   . SER A 1 156 ? 22.009  6.531   5.811   1.00 73.74 ? 156 SER A C   1 
ATOM   1129 O O   . SER A 1 156 ? 22.147  7.636   5.306   1.00 69.81 ? 156 SER A O   1 
ATOM   1130 C CB  . SER A 1 156 ? 23.242  6.178   7.981   1.00 75.27 ? 156 SER A CB  1 
ATOM   1131 O OG  . SER A 1 156 ? 23.145  5.375   9.157   1.00 73.92 ? 156 SER A OG  1 
ATOM   1132 N N   . ARG A 1 157 ? 21.977  5.408   5.090   1.00 80.44 ? 157 ARG A N   1 
ATOM   1133 C CA  . ARG A 1 157 ? 22.216  5.393   3.631   1.00 80.38 ? 157 ARG A CA  1 
ATOM   1134 C C   . ARG A 1 157 ? 20.950  5.601   2.743   1.00 72.84 ? 157 ARG A C   1 
ATOM   1135 O O   . ARG A 1 157 ? 21.052  5.588   1.521   1.00 66.33 ? 157 ARG A O   1 
ATOM   1136 C CB  . ARG A 1 157 ? 22.940  4.081   3.255   1.00 75.18 ? 157 ARG A CB  1 
ATOM   1137 C CG  . ARG A 1 157 ? 24.319  4.509   2.602   0.00 30.00 ? 157 ARG A CG  1 
ATOM   1138 C CD  . ARG A 1 157 ? 24.833  3.371   1.737   0.00 30.00 ? 157 ARG A CD  1 
ATOM   1139 N NE  . ARG A 1 157 ? 26.283  3.222   1.831   0.00 30.00 ? 157 ARG A NE  1 
ATOM   1140 C CZ  . ARG A 1 157 ? 27.045  2.700   0.876   0.00 30.00 ? 157 ARG A CZ  1 
ATOM   1141 N NH1 . ARG A 1 157 ? 26.495  2.273   -0.254  0.00 30.00 ? 157 ARG A NH1 1 
ATOM   1142 N NH2 . ARG A 1 157 ? 28.355  2.604   1.048   0.00 30.00 ? 157 ARG A NH2 1 
ATOM   1143 N N   . CYS A 1 158 ? 19.786  5.811   3.366   1.00 73.80 ? 158 CYS A N   1 
ATOM   1144 C CA  . CYS A 1 158 ? 18.479  5.882   2.681   1.00 68.14 ? 158 CYS A CA  1 
ATOM   1145 C C   . CYS A 1 158 ? 18.363  7.183   1.893   1.00 70.23 ? 158 CYS A C   1 
ATOM   1146 O O   . CYS A 1 158 ? 18.696  8.260   2.406   1.00 72.82 ? 158 CYS A O   1 
ATOM   1147 C CB  . CYS A 1 158 ? 17.323  5.829   3.705   1.00 62.66 ? 158 CYS A CB  1 
ATOM   1148 S SG  . CYS A 1 158 ? 16.115  4.551   3.346   1.00 69.18 ? 158 CYS A SG  1 
ATOM   1149 N N   . SER A 1 159 ? 17.872  7.079   0.662   1.00 67.29 ? 159 SER A N   1 
ATOM   1150 C CA  . SER A 1 159 ? 17.566  8.242   -0.175  1.00 64.14 ? 159 SER A CA  1 
ATOM   1151 C C   . SER A 1 159 ? 16.098  8.663   -0.017  1.00 61.23 ? 159 SER A C   1 
ATOM   1152 O O   . SER A 1 159 ? 15.231  7.844   0.286   1.00 60.03 ? 159 SER A O   1 
ATOM   1153 C CB  . SER A 1 159 ? 17.858  7.909   -1.629  1.00 64.89 ? 159 SER A CB  1 
ATOM   1154 O OG  . SER A 1 159 ? 17.697  9.049   -2.441  1.00 79.13 ? 159 SER A OG  1 
ATOM   1155 N N   . SER A 1 160 ? 15.823  9.942   -0.229  1.00 62.54 ? 160 SER A N   1 
ATOM   1156 C CA  . SER A 1 160 ? 14.471  10.482  -0.069  1.00 66.84 ? 160 SER A CA  1 
ATOM   1157 C C   . SER A 1 160 ? 13.826  10.867  -1.398  1.00 68.00 ? 160 SER A C   1 
ATOM   1158 O O   . SER A 1 160 ? 12.904  11.663  -1.408  1.00 67.76 ? 160 SER A O   1 
ATOM   1159 C CB  . SER A 1 160 ? 14.492  11.718  0.837   1.00 67.07 ? 160 SER A CB  1 
ATOM   1160 O OG  . SER A 1 160 ? 15.375  11.539  1.924   1.00 76.19 ? 160 SER A OG  1 
ATOM   1161 N N   . SER A 1 161 ? 14.278  10.294  -2.512  1.00 75.95 ? 161 SER A N   1 
ATOM   1162 C CA  . SER A 1 161 ? 13.811  10.737  -3.835  1.00 78.25 ? 161 SER A CA  1 
ATOM   1163 C C   . SER A 1 161 ? 13.587  9.620   -4.849  1.00 84.82 ? 161 SER A C   1 
ATOM   1164 O O   . SER A 1 161 ? 12.561  9.622   -5.554  1.00 95.98 ? 161 SER A O   1 
ATOM   1165 C CB  . SER A 1 161 ? 14.801  11.740  -4.405  1.00 79.57 ? 161 SER A CB  1 
ATOM   1166 O OG  . SER A 1 161 ? 15.107  12.714  -3.421  1.00 87.80 ? 161 SER A OG  1 
ATOM   1167 N N   . SER A 1 162 ? 14.555  8.705   -4.964  1.00 85.52 ? 162 SER A N   1 
ATOM   1168 C CA  . SER A 1 162 ? 14.427  7.542   -5.852  1.00 81.95 ? 162 SER A CA  1 
ATOM   1169 C C   . SER A 1 162 ? 13.985  6.338   -5.036  1.00 73.49 ? 162 SER A C   1 
ATOM   1170 O O   . SER A 1 162 ? 14.780  5.716   -4.311  1.00 62.98 ? 162 SER A O   1 
ATOM   1171 C CB  . SER A 1 162 ? 15.728  7.231   -6.596  1.00 91.28 ? 162 SER A CB  1 
ATOM   1172 O OG  . SER A 1 162 ? 16.591  6.429   -5.810  1.00 90.26 ? 162 SER A OG  1 
ATOM   1173 N N   . LEU A 1 163 ? 12.705  6.025   -5.207  1.00 61.22 ? 163 LEU A N   1 
ATOM   1174 C CA  . LEU A 1 163 ? 11.974  5.083   -4.401  1.00 60.95 ? 163 LEU A CA  1 
ATOM   1175 C C   . LEU A 1 163 ? 11.732  3.847   -5.252  1.00 57.92 ? 163 LEU A C   1 
ATOM   1176 O O   . LEU A 1 163 ? 11.456  3.947   -6.444  1.00 58.62 ? 163 LEU A O   1 
ATOM   1177 C CB  . LEU A 1 163 ? 10.626  5.700   -4.001  1.00 60.36 ? 163 LEU A CB  1 
ATOM   1178 C CG  . LEU A 1 163 ? 10.656  7.189   -3.617  1.00 59.39 ? 163 LEU A CG  1 
ATOM   1179 C CD1 . LEU A 1 163 ? 9.295   7.848   -3.809  1.00 54.80 ? 163 LEU A CD1 1 
ATOM   1180 C CD2 . LEU A 1 163 ? 11.167  7.374   -2.196  1.00 59.97 ? 163 LEU A CD2 1 
ATOM   1181 N N   . ASN A 1 164 ? 11.780  2.685   -4.630  1.00 50.92 ? 164 ASN A N   1 
ATOM   1182 C CA  . ASN A 1 164 ? 11.739  1.452   -5.372  1.00 53.05 ? 164 ASN A CA  1 
ATOM   1183 C C   . ASN A 1 164 ? 10.765  0.425   -4.797  1.00 50.51 ? 164 ASN A C   1 
ATOM   1184 O O   . ASN A 1 164 ? 10.694  -0.704  -5.296  1.00 49.35 ? 164 ASN A O   1 
ATOM   1185 C CB  . ASN A 1 164 ? 13.148  0.878   -5.390  1.00 57.91 ? 164 ASN A CB  1 
ATOM   1186 C CG  . ASN A 1 164 ? 13.731  0.784   -3.999  1.00 65.95 ? 164 ASN A CG  1 
ATOM   1187 O OD1 . ASN A 1 164 ? 13.174  0.104   -3.137  1.00 83.57 ? 164 ASN A OD1 1 
ATOM   1188 N ND2 . ASN A 1 164 ? 14.818  1.510   -3.749  1.00 73.42 ? 164 ASN A ND2 1 
ATOM   1189 N N   . HIS A 1 165 ? 10.016  0.781   -3.760  1.00 45.52 ? 165 HIS A N   1 
ATOM   1190 C CA  . HIS A 1 165 ? 9.138   -0.216  -3.143  1.00 49.11 ? 165 HIS A CA  1 
ATOM   1191 C C   . HIS A 1 165 ? 8.003   0.490   -2.426  1.00 45.78 ? 165 HIS A C   1 
ATOM   1192 O O   . HIS A 1 165 ? 8.211   1.528   -1.800  1.00 41.15 ? 165 HIS A O   1 
ATOM   1193 C CB  . HIS A 1 165 ? 9.930   -1.139  -2.186  1.00 51.51 ? 165 HIS A CB  1 
ATOM   1194 C CG  . HIS A 1 165 ? 9.101   -2.231  -1.586  1.00 60.63 ? 165 HIS A CG  1 
ATOM   1195 N ND1 . HIS A 1 165 ? 8.746   -3.364  -2.286  1.00 64.62 ? 165 HIS A ND1 1 
ATOM   1196 C CD2 . HIS A 1 165 ? 8.558   -2.367  -0.351  1.00 66.10 ? 165 HIS A CD2 1 
ATOM   1197 C CE1 . HIS A 1 165 ? 8.013   -4.147  -1.512  1.00 67.13 ? 165 HIS A CE1 1 
ATOM   1198 N NE2 . HIS A 1 165 ? 7.888   -3.567  -0.332  1.00 64.81 ? 165 HIS A NE2 1 
ATOM   1199 N N   . ALA A 1 166 ? 6.811   -0.081  -2.547  1.00 41.72 ? 166 ALA A N   1 
ATOM   1200 C CA  . ALA A 1 166 ? 5.586   0.541   -2.095  1.00 41.34 ? 166 ALA A CA  1 
ATOM   1201 C C   . ALA A 1 166 ? 4.946   -0.312  -1.027  1.00 41.81 ? 166 ALA A C   1 
ATOM   1202 O O   . ALA A 1 166 ? 4.997   -1.543  -1.093  1.00 39.65 ? 166 ALA A O   1 
ATOM   1203 C CB  . ALA A 1 166 ? 4.609   0.719   -3.266  1.00 40.49 ? 166 ALA A CB  1 
ATOM   1204 N N   . MET A 1 167 ? 4.302   0.337   -0.059  1.00 45.38 ? 167 MET A N   1 
ATOM   1205 C CA  . MET A 1 167 ? 3.637   -0.389  1.041   1.00 49.56 ? 167 MET A CA  1 
ATOM   1206 C C   . MET A 1 167 ? 2.484   0.425   1.580   1.00 45.88 ? 167 MET A C   1 
ATOM   1207 O O   . MET A 1 167 ? 2.227   1.510   1.092   1.00 50.11 ? 167 MET A O   1 
ATOM   1208 C CB  . MET A 1 167 ? 4.637   -0.686  2.173   1.00 52.64 ? 167 MET A CB  1 
ATOM   1209 C CG  . MET A 1 167 ? 6.105   -0.661  1.770   1.00 55.18 ? 167 MET A CG  1 
ATOM   1210 S SD  . MET A 1 167 ? 7.220   -0.624  3.177   1.00 64.60 ? 167 MET A SD  1 
ATOM   1211 C CE  . MET A 1 167 ? 6.773   -2.221  3.819   1.00 60.16 ? 167 MET A CE  1 
ATOM   1212 N N   . VAL A 1 168 ? 1.789   -0.093  2.587   1.00 50.78 ? 168 VAL A N   1 
ATOM   1213 C CA  . VAL A 1 168 ? 0.668   0.634   3.219   1.00 50.17 ? 168 VAL A CA  1 
ATOM   1214 C C   . VAL A 1 168 ? 1.058   1.072   4.604   1.00 47.44 ? 168 VAL A C   1 
ATOM   1215 O O   . VAL A 1 168 ? 1.383   0.237   5.425   1.00 52.63 ? 168 VAL A O   1 
ATOM   1216 C CB  . VAL A 1 168 ? -0.589  -0.227  3.443   1.00 49.59 ? 168 VAL A CB  1 
ATOM   1217 C CG1 . VAL A 1 168 ? -1.819  0.664   3.488   1.00 53.01 ? 168 VAL A CG1 1 
ATOM   1218 C CG2 . VAL A 1 168 ? -0.742  -1.281  2.376   1.00 51.87 ? 168 VAL A CG2 1 
ATOM   1219 N N   . ILE A 1 169 ? 1.023   2.365   4.876   1.00 45.69 ? 169 ILE A N   1 
ATOM   1220 C CA  . ILE A 1 169 ? 1.094   2.831   6.254   1.00 43.84 ? 169 ILE A CA  1 
ATOM   1221 C C   . ILE A 1 169 ? -0.252  2.542   6.949   1.00 43.39 ? 169 ILE A C   1 
ATOM   1222 O O   . ILE A 1 169 ? -1.304  2.999   6.495   1.00 42.48 ? 169 ILE A O   1 
ATOM   1223 C CB  . ILE A 1 169 ? 1.506   4.329   6.298   1.00 44.91 ? 169 ILE A CB  1 
ATOM   1224 C CG1 . ILE A 1 169 ? 2.951   4.461   5.785   1.00 46.15 ? 169 ILE A CG1 1 
ATOM   1225 C CG2 . ILE A 1 169 ? 1.427   4.908   7.706   1.00 42.94 ? 169 ILE A CG2 1 
ATOM   1226 C CD1 . ILE A 1 169 ? 3.638   5.738   6.199   1.00 47.69 ? 169 ILE A CD1 1 
ATOM   1227 N N   . THR A 1 170 ? -0.220  1.781   8.041   1.00 41.70 ? 170 THR A N   1 
ATOM   1228 C CA  . THR A 1 170 ? -1.439  1.428   8.788   1.00 44.59 ? 170 THR A CA  1 
ATOM   1229 C C   . THR A 1 170 ? -1.545  2.092   10.170  1.00 46.96 ? 170 THR A C   1 
ATOM   1230 O O   . THR A 1 170 ? -2.497  1.843   10.904  1.00 45.82 ? 170 THR A O   1 
ATOM   1231 C CB  . THR A 1 170 ? -1.518  -0.082  9.012   1.00 44.91 ? 170 THR A CB  1 
ATOM   1232 O OG1 . THR A 1 170 ? -0.326  -0.502  9.663   1.00 48.00 ? 170 THR A OG1 1 
ATOM   1233 C CG2 . THR A 1 170 ? -1.683  -0.861  7.693   1.00 44.87 ? 170 THR A CG2 1 
ATOM   1234 N N   . GLY A 1 171 ? -0.575  2.931   10.520  1.00 49.53 ? 171 GLY A N   1 
ATOM   1235 C CA  . GLY A 1 171 ? -0.573  3.628   11.796  1.00 49.81 ? 171 GLY A CA  1 
ATOM   1236 C C   . GLY A 1 171 ? 0.780   4.258   12.066  1.00 52.76 ? 171 GLY A C   1 
ATOM   1237 O O   . GLY A 1 171 ? 1.604   4.422   11.162  1.00 51.74 ? 171 GLY A O   1 
ATOM   1238 N N   . TYR A 1 172 ? 1.010   4.623   13.321  1.00 52.13 ? 172 TYR A N   1 
ATOM   1239 C CA  . TYR A 1 172 ? 2.283   5.213   13.741  1.00 52.37 ? 172 TYR A CA  1 
ATOM   1240 C C   . TYR A 1 172 ? 2.307   5.139   15.242  1.00 53.10 ? 172 TYR A C   1 
ATOM   1241 O O   . TYR A 1 172 ? 1.274   4.874   15.875  1.00 48.51 ? 172 TYR A O   1 
ATOM   1242 C CB  . TYR A 1 172 ? 2.427   6.665   13.280  1.00 49.41 ? 172 TYR A CB  1 
ATOM   1243 C CG  . TYR A 1 172 ? 1.263   7.515   13.703  1.00 52.33 ? 172 TYR A CG  1 
ATOM   1244 C CD1 . TYR A 1 172 ? 1.182   8.011   15.003  1.00 54.85 ? 172 TYR A CD1 1 
ATOM   1245 C CD2 . TYR A 1 172 ? 0.212   7.790   12.826  1.00 47.64 ? 172 TYR A CD2 1 
ATOM   1246 C CE1 . TYR A 1 172 ? 0.099   8.765   15.408  1.00 56.65 ? 172 TYR A CE1 1 
ATOM   1247 C CE2 . TYR A 1 172 ? -0.872  8.544   13.230  1.00 47.65 ? 172 TYR A CE2 1 
ATOM   1248 C CZ  . TYR A 1 172 ? -0.920  9.034   14.515  1.00 50.92 ? 172 TYR A CZ  1 
ATOM   1249 O OH  . TYR A 1 172 ? -1.980  9.797   14.938  1.00 56.02 ? 172 TYR A OH  1 
ATOM   1250 N N   . GLY A 1 173 ? 3.487   5.368   15.809  1.00 56.36 ? 173 GLY A N   1 
ATOM   1251 C CA  . GLY A 1 173 ? 3.667   5.243   17.252  1.00 56.51 ? 173 GLY A CA  1 
ATOM   1252 C C   . GLY A 1 173 ? 5.018   5.695   17.762  1.00 53.76 ? 173 GLY A C   1 
ATOM   1253 O O   . GLY A 1 173 ? 5.803   6.316   17.041  1.00 46.06 ? 173 GLY A O   1 
ATOM   1254 N N   . ILE A 1 174 ? 5.295   5.380   19.022  1.00 63.39 ? 174 ILE A N   1 
ATOM   1255 C CA  . ILE A 1 174 ? 6.560   5.751   19.645  1.00 68.78 ? 174 ILE A CA  1 
ATOM   1256 C C   . ILE A 1 174 ? 7.191   4.564   20.365  1.00 65.00 ? 174 ILE A C   1 
ATOM   1257 O O   . ILE A 1 174 ? 7.778   3.685   19.735  1.00 63.35 ? 174 ILE A O   1 
ATOM   1258 C CB  . ILE A 1 174 ? 6.378   6.908   20.645  1.00 66.81 ? 174 ILE A CB  1 
ATOM   1259 C CG1 . ILE A 1 174 ? 5.626   8.068   19.989  0.00 30.00 ? 174 ILE A CG1 1 
ATOM   1260 C CG2 . ILE A 1 174 ? 7.727   7.373   21.173  0.00 30.00 ? 174 ILE A CG2 1 
ATOM   1261 C CD1 . ILE A 1 174 ? 4.613   8.730   20.896  0.00 30.00 ? 174 ILE A CD1 1 
ATOM   1262 N N   . GLU A 1 179 ? 9.877   7.464   17.709  1.00 62.23 ? 179 GLU A N   1 
ATOM   1263 C CA  . GLU A 1 179 ? 8.838   7.896   16.779  1.00 63.79 ? 179 GLU A CA  1 
ATOM   1264 C C   . GLU A 1 179 ? 8.911   7.116   15.471  1.00 55.96 ? 179 GLU A C   1 
ATOM   1265 O O   . GLU A 1 179 ? 9.854   7.273   14.695  1.00 58.40 ? 179 GLU A O   1 
ATOM   1266 C CB  . GLU A 1 179 ? 8.955   9.397   16.506  1.00 60.96 ? 179 GLU A CB  1 
ATOM   1267 C CG  . GLU A 1 179 ? 8.115   10.263  17.428  1.00 64.14 ? 179 GLU A CG  1 
ATOM   1268 C CD  . GLU A 1 179 ? 8.336   11.745  17.197  1.00 62.96 ? 179 GLU A CD  1 
ATOM   1269 O OE1 . GLU A 1 179 ? 8.836   12.111  16.113  0.00 30.00 ? 179 GLU A OE1 1 
ATOM   1270 O OE2 . GLU A 1 179 ? 8.009   12.544  18.100  0.00 30.00 ? 179 GLU A OE2 1 
ATOM   1271 N N   . TYR A 1 180 ? 7.909   6.277   15.232  1.00 54.05 ? 180 TYR A N   1 
ATOM   1272 C CA  . TYR A 1 180 ? 7.856   5.461   14.001  1.00 51.09 ? 180 TYR A CA  1 
ATOM   1273 C C   . TYR A 1 180 ? 6.550   5.521   13.125  1.00 48.99 ? 180 TYR A C   1 
ATOM   1274 O O   . TYR A 1 180 ? 5.485   5.966   13.550  1.00 43.33 ? 180 TYR A O   1 
ATOM   1275 C CB  . TYR A 1 180 ? 8.183   4.015   14.373  1.00 50.41 ? 180 TYR A CB  1 
ATOM   1276 C CG  . TYR A 1 180 ? 7.118   3.314   15.189  1.00 50.24 ? 180 TYR A CG  1 
ATOM   1277 C CD1 . TYR A 1 180 ? 6.064   2.670   14.577  1.00 53.15 ? 180 TYR A CD1 1 
ATOM   1278 C CD2 . TYR A 1 180 ? 7.181   3.275   16.570  1.00 55.88 ? 180 TYR A CD2 1 
ATOM   1279 C CE1 . TYR A 1 180 ? 5.094   2.019   15.318  1.00 55.11 ? 180 TYR A CE1 1 
ATOM   1280 C CE2 . TYR A 1 180 ? 6.210   2.625   17.325  1.00 55.68 ? 180 TYR A CE2 1 
ATOM   1281 C CZ  . TYR A 1 180 ? 5.165   2.004   16.690  1.00 55.81 ? 180 TYR A CZ  1 
ATOM   1282 O OH  . TYR A 1 180 ? 4.190   1.367   17.414  1.00 57.66 ? 180 TYR A OH  1 
ATOM   1283 N N   . TRP A 1 181 ? 6.667   5.083   11.879  1.00 47.85 ? 181 TRP A N   1 
ATOM   1284 C CA  . TRP A 1 181 ? 5.493   4.750   11.074  1.00 49.93 ? 181 TRP A CA  1 
ATOM   1285 C C   . TRP A 1 181 ? 5.325   3.252   11.117  1.00 46.41 ? 181 TRP A C   1 
ATOM   1286 O O   . TRP A 1 181 ? 6.301   2.538   11.152  1.00 48.96 ? 181 TRP A O   1 
ATOM   1287 C CB  . TRP A 1 181 ? 5.670   5.167   9.608   1.00 49.32 ? 181 TRP A CB  1 
ATOM   1288 C CG  . TRP A 1 181 ? 5.774   6.623   9.389   1.00 46.72 ? 181 TRP A CG  1 
ATOM   1289 C CD1 . TRP A 1 181 ? 6.882   7.303   9.051   1.00 48.27 ? 181 TRP A CD1 1 
ATOM   1290 C CD2 . TRP A 1 181 ? 4.720   7.589   9.493   1.00 49.87 ? 181 TRP A CD2 1 
ATOM   1291 N NE1 . TRP A 1 181 ? 6.606   8.647   8.922   1.00 51.58 ? 181 TRP A NE1 1 
ATOM   1292 C CE2 . TRP A 1 181 ? 5.281   8.849   9.188   1.00 50.30 ? 181 TRP A CE2 1 
ATOM   1293 C CE3 . TRP A 1 181 ? 3.360   7.516   9.818   1.00 48.04 ? 181 TRP A CE3 1 
ATOM   1294 C CZ2 . TRP A 1 181 ? 4.537   10.025  9.208   1.00 47.30 ? 181 TRP A CZ2 1 
ATOM   1295 C CZ3 . TRP A 1 181 ? 2.621   8.689   9.838   1.00 46.90 ? 181 TRP A CZ3 1 
ATOM   1296 C CH2 . TRP A 1 181 ? 3.214   9.926   9.546   1.00 46.48 ? 181 TRP A CH2 1 
ATOM   1297 N N   . LEU A 1 182 ? 4.090   2.778   11.104  1.00 45.97 ? 182 LEU A N   1 
ATOM   1298 C CA  . LEU A 1 182 ? 3.825   1.351   11.010  1.00 44.02 ? 182 LEU A CA  1 
ATOM   1299 C C   . LEU A 1 182 ? 3.430   1.023   9.578   1.00 42.85 ? 182 LEU A C   1 
ATOM   1300 O O   . LEU A 1 182 ? 2.387   1.443   9.097   1.00 40.57 ? 182 LEU A O   1 
ATOM   1301 C CB  . LEU A 1 182 ? 2.716   0.946   11.985  1.00 47.20 ? 182 LEU A CB  1 
ATOM   1302 C CG  . LEU A 1 182 ? 2.437   -0.560  12.062  1.00 48.74 ? 182 LEU A CG  1 
ATOM   1303 C CD1 . LEU A 1 182 ? 3.667   -1.322  12.555  1.00 44.92 ? 182 LEU A CD1 1 
ATOM   1304 C CD2 . LEU A 1 182 ? 1.228   -0.823  12.955  1.00 50.33 ? 182 LEU A CD2 1 
ATOM   1305 N N   . ALA A 1 183 ? 4.279   0.291   8.879   1.00 41.99 ? 183 ALA A N   1 
ATOM   1306 C CA  . ALA A 1 183 ? 4.053   0.056   7.476   1.00 41.27 ? 183 ALA A CA  1 
ATOM   1307 C C   . ALA A 1 183 ? 3.828   -1.423  7.264   1.00 38.81 ? 183 ALA A C   1 
ATOM   1308 O O   . ALA A 1 183 ? 4.560   -2.245  7.786   1.00 38.60 ? 183 ALA A O   1 
ATOM   1309 C CB  . ALA A 1 183 ? 5.254   0.556   6.666   1.00 39.92 ? 183 ALA A CB  1 
ATOM   1310 N N   . LYS A 1 184 ? 2.829   -1.756  6.478   1.00 37.41 ? 184 LYS A N   1 
ATOM   1311 C CA  . LYS A 1 184 ? 2.547   -3.150  6.133   1.00 41.81 ? 184 LYS A CA  1 
ATOM   1312 C C   . LYS A 1 184 ? 3.193   -3.516  4.775   1.00 39.76 ? 184 LYS A C   1 
ATOM   1313 O O   . LYS A 1 184 ? 2.889   -2.887  3.771   1.00 41.27 ? 184 LYS A O   1 
ATOM   1314 C CB  . LYS A 1 184 ? 1.021   -3.330  6.089   1.00 43.24 ? 184 LYS A CB  1 
ATOM   1315 C CG  . LYS A 1 184 ? 0.537   -4.707  5.714   1.00 45.55 ? 184 LYS A CG  1 
ATOM   1316 C CD  . LYS A 1 184 ? -0.947  -4.632  5.377   1.00 50.37 ? 184 LYS A CD  1 
ATOM   1317 C CE  . LYS A 1 184 ? -1.611  -5.986  5.527   1.00 52.41 ? 184 LYS A CE  1 
ATOM   1318 N NZ  . LYS A 1 184 ? -2.696  -6.135  4.540   1.00 57.17 ? 184 LYS A NZ  1 
ATOM   1319 N N   . ASN A 1 185 ? 4.090   -4.496  4.754   1.00 38.28 ? 185 ASN A N   1 
ATOM   1320 C CA  . ASN A 1 185 ? 4.740   -4.946  3.504   1.00 38.31 ? 185 ASN A CA  1 
ATOM   1321 C C   . ASN A 1 185 ? 3.945   -6.132  2.938   1.00 38.20 ? 185 ASN A C   1 
ATOM   1322 O O   . ASN A 1 185 ? 2.964   -6.593  3.538   1.00 38.60 ? 185 ASN A O   1 
ATOM   1323 C CB  . ASN A 1 185 ? 6.212   -5.358  3.767   1.00 36.56 ? 185 ASN A CB  1 
ATOM   1324 C CG  . ASN A 1 185 ? 7.118   -5.147  2.570   1.00 40.12 ? 185 ASN A CG  1 
ATOM   1325 O OD1 . ASN A 1 185 ? 6.671   -4.816  1.465   1.00 42.61 ? 185 ASN A OD1 1 
ATOM   1326 N ND2 . ASN A 1 185 ? 8.413   -5.340  2.777   1.00 43.32 ? 185 ASN A ND2 1 
ATOM   1327 N N   . SER A 1 186 ? 4.367   -6.618  1.785   1.00 37.61 ? 186 SER A N   1 
ATOM   1328 C CA  . SER A 1 186 ? 3.702   -7.720  1.139   1.00 39.19 ? 186 SER A CA  1 
ATOM   1329 C C   . SER A 1 186 ? 4.771   -8.728  0.740   1.00 45.84 ? 186 SER A C   1 
ATOM   1330 O O   . SER A 1 186 ? 4.796   -9.217  -0.402  1.00 45.26 ? 186 SER A O   1 
ATOM   1331 C CB  . SER A 1 186 ? 2.909   -7.208  -0.082  1.00 41.00 ? 186 SER A CB  1 
ATOM   1332 O OG  . SER A 1 186 ? 3.704   -6.365  -0.926  1.00 38.87 ? 186 SER A OG  1 
ATOM   1333 N N   . TRP A 1 187 ? 5.669   -9.015  1.696   1.00 51.67 ? 187 TRP A N   1 
ATOM   1334 C CA  . TRP A 1 187 ? 6.679   -10.078 1.559   1.00 50.99 ? 187 TRP A CA  1 
ATOM   1335 C C   . TRP A 1 187 ? 6.343   -11.213 2.496   1.00 47.97 ? 187 TRP A C   1 
ATOM   1336 O O   . TRP A 1 187 ? 7.189   -12.021 2.813   1.00 51.72 ? 187 TRP A O   1 
ATOM   1337 C CB  . TRP A 1 187 ? 8.110   -9.555  1.814   1.00 51.21 ? 187 TRP A CB  1 
ATOM   1338 C CG  . TRP A 1 187 ? 8.566   -8.634  0.734   1.00 52.72 ? 187 TRP A CG  1 
ATOM   1339 C CD1 . TRP A 1 187 ? 7.982   -8.461  -0.476  1.00 54.74 ? 187 TRP A CD1 1 
ATOM   1340 C CD2 . TRP A 1 187 ? 9.712   -7.768  0.750   1.00 55.41 ? 187 TRP A CD2 1 
ATOM   1341 N NE1 . TRP A 1 187 ? 8.674   -7.538  -1.210  1.00 60.05 ? 187 TRP A NE1 1 
ATOM   1342 C CE2 . TRP A 1 187 ? 9.749   -7.104  -0.486  1.00 57.66 ? 187 TRP A CE2 1 
ATOM   1343 C CE3 . TRP A 1 187 ? 10.713  -7.491  1.689   1.00 55.51 ? 187 TRP A CE3 1 
ATOM   1344 C CZ2 . TRP A 1 187 ? 10.742  -6.169  -0.808  1.00 58.81 ? 187 TRP A CZ2 1 
ATOM   1345 C CZ3 . TRP A 1 187 ? 11.696  -6.567  1.370   1.00 52.43 ? 187 TRP A CZ3 1 
ATOM   1346 C CH2 . TRP A 1 187 ? 11.711  -5.929  0.131   1.00 57.70 ? 187 TRP A CH2 1 
ATOM   1347 N N   . GLY A 1 188 ? 5.089   -11.287 2.913   1.00 44.63 ? 188 GLY A N   1 
ATOM   1348 C CA  . GLY A 1 188 ? 4.633   -12.414 3.685   1.00 46.65 ? 188 GLY A CA  1 
ATOM   1349 C C   . GLY A 1 188 ? 5.075   -12.295 5.122   1.00 47.73 ? 188 GLY A C   1 
ATOM   1350 O O   . GLY A 1 188 ? 5.833   -11.378 5.487   1.00 46.98 ? 188 GLY A O   1 
ATOM   1351 N N   . GLU A 1 189 ? 4.567   -13.212 5.941   1.00 46.80 ? 189 GLU A N   1 
ATOM   1352 C CA  . GLU A 1 189 ? 4.616   -13.060 7.398   1.00 52.01 ? 189 GLU A CA  1 
ATOM   1353 C C   . GLU A 1 189 ? 6.011   -13.313 7.989   1.00 51.98 ? 189 GLU A C   1 
ATOM   1354 O O   . GLU A 1 189 ? 6.313   -12.862 9.091   1.00 56.32 ? 189 GLU A O   1 
ATOM   1355 C CB  . GLU A 1 189 ? 3.565   -13.970 8.063   1.00 52.10 ? 189 GLU A CB  1 
ATOM   1356 C CG  . GLU A 1 189 ? 2.189   -13.733 7.794   0.00 30.00 ? 189 GLU A CG  1 
ATOM   1357 C CD  . GLU A 1 189 ? 1.244   -14.764 8.383   0.00 30.00 ? 189 GLU A CD  1 
ATOM   1358 O OE1 . GLU A 1 189 ? 1.724   -15.819 8.844   0.00 30.00 ? 189 GLU A OE1 1 
ATOM   1359 O OE2 . GLU A 1 189 ? 0.019   -14.519 8.380   0.00 30.00 ? 189 GLU A OE2 1 
ATOM   1360 N N   . ASN A 1 190 ? 6.862   -14.020 7.249   1.00 54.86 ? 190 ASN A N   1 
ATOM   1361 C CA  . ASN A 1 190 ? 8.221   -14.323 7.702   1.00 50.92 ? 190 ASN A CA  1 
ATOM   1362 C C   . ASN A 1 190 ? 9.231   -13.194 7.509   1.00 51.61 ? 190 ASN A C   1 
ATOM   1363 O O   . ASN A 1 190 ? 10.405  -13.411 7.757   1.00 61.02 ? 190 ASN A O   1 
ATOM   1364 C CB  . ASN A 1 190 ? 8.773   -15.549 6.954   1.00 54.20 ? 190 ASN A CB  1 
ATOM   1365 C CG  . ASN A 1 190 ? 7.965   -16.818 7.190   1.00 53.40 ? 190 ASN A CG  1 
ATOM   1366 O OD1 . ASN A 1 190 ? 7.835   -17.627 6.282   1.00 54.87 ? 190 ASN A OD1 1 
ATOM   1367 N ND2 . ASN A 1 190 ? 7.425   -16.997 8.390   1.00 51.30 ? 190 ASN A ND2 1 
ATOM   1368 N N   . TRP A 1 191 ? 8.811   -12.027 7.019   1.00 48.60 ? 191 TRP A N   1 
ATOM   1369 C CA  . TRP A 1 191 ? 9.697   -10.878 6.900   1.00 47.20 ? 191 TRP A CA  1 
ATOM   1370 C C   . TRP A 1 191 ? 9.282   -9.856  7.958   1.00 48.20 ? 191 TRP A C   1 
ATOM   1371 O O   . TRP A 1 191 ? 8.100   -9.734  8.260   1.00 52.81 ? 191 TRP A O   1 
ATOM   1372 C CB  . TRP A 1 191 ? 9.612   -10.268 5.507   1.00 46.37 ? 191 TRP A CB  1 
ATOM   1373 C CG  . TRP A 1 191 ? 10.511  -9.051  5.302   1.00 47.88 ? 191 TRP A CG  1 
ATOM   1374 C CD1 . TRP A 1 191 ? 11.793  -9.041  4.800   1.00 51.16 ? 191 TRP A CD1 1 
ATOM   1375 C CD2 . TRP A 1 191 ? 10.177  -7.686  5.562   1.00 41.90 ? 191 TRP A CD2 1 
ATOM   1376 N NE1 . TRP A 1 191 ? 12.282  -7.740  4.756   1.00 50.51 ? 191 TRP A NE1 1 
ATOM   1377 C CE2 . TRP A 1 191 ? 11.307  -6.897  5.218   1.00 43.16 ? 191 TRP A CE2 1 
ATOM   1378 C CE3 . TRP A 1 191 ? 9.039   -7.050  6.061   1.00 48.59 ? 191 TRP A CE3 1 
ATOM   1379 C CZ2 . TRP A 1 191 ? 11.333  -5.525  5.379   1.00 41.69 ? 191 TRP A CZ2 1 
ATOM   1380 C CZ3 . TRP A 1 191 ? 9.061   -5.660  6.220   1.00 46.50 ? 191 TRP A CZ3 1 
ATOM   1381 C CH2 . TRP A 1 191 ? 10.200  -4.918  5.864   1.00 45.67 ? 191 TRP A CH2 1 
ATOM   1382 N N   . GLY A 1 192 ? 10.245  -9.156  8.546   1.00 41.53 ? 192 GLY A N   1 
ATOM   1383 C CA  . GLY A 1 192 ? 9.947   -8.056  9.443   1.00 42.96 ? 192 GLY A CA  1 
ATOM   1384 C C   . GLY A 1 192 ? 9.215   -8.493  10.685  1.00 46.53 ? 192 GLY A C   1 
ATOM   1385 O O   . GLY A 1 192 ? 9.389   -9.621  11.112  1.00 46.81 ? 192 GLY A O   1 
ATOM   1386 N N   . GLU A 1 193 ? 8.431   -7.597  11.273  1.00 47.89 ? 193 GLU A N   1 
ATOM   1387 C CA  . GLU A 1 193 ? 7.672   -7.919  12.476  1.00 47.19 ? 193 GLU A CA  1 
ATOM   1388 C C   . GLU A 1 193 ? 6.298   -8.435  12.079  1.00 46.51 ? 193 GLU A C   1 
ATOM   1389 O O   . GLU A 1 193 ? 5.305   -7.711  12.158  1.00 51.16 ? 193 GLU A O   1 
ATOM   1390 C CB  . GLU A 1 193 ? 7.536   -6.687  13.372  1.00 47.91 ? 193 GLU A CB  1 
ATOM   1391 C CG  . GLU A 1 193 ? 8.834   -6.255  14.035  1.00 51.88 ? 193 GLU A CG  1 
ATOM   1392 C CD  . GLU A 1 193 ? 8.685   -4.972  14.828  1.00 46.58 ? 193 GLU A CD  1 
ATOM   1393 O OE1 . GLU A 1 193 ? 7.600   -4.356  14.766  0.00 30.00 ? 193 GLU A OE1 1 
ATOM   1394 O OE2 . GLU A 1 193 ? 9.652   -4.578  15.513  0.00 30.00 ? 193 GLU A OE2 1 
ATOM   1395 N N   . LEU A 1 194 ? 6.246   -9.691  11.651  1.00 48.79 ? 194 LEU A N   1 
ATOM   1396 C CA  . LEU A 1 194 ? 4.972   -10.304 11.212  1.00 47.98 ? 194 LEU A CA  1 
ATOM   1397 C C   . LEU A 1 194 ? 4.549   -9.740  9.830   1.00 49.59 ? 194 LEU A C   1 
ATOM   1398 O O   . LEU A 1 194 ? 3.368   -9.530  9.563   1.00 53.96 ? 194 LEU A O   1 
ATOM   1399 C CB  . LEU A 1 194 ? 3.891   -10.128 12.247  0.00 30.00 ? 194 LEU A CB  1 
ATOM   1400 C CG  . LEU A 1 194 ? 4.100   -10.806 13.603  0.00 30.00 ? 194 LEU A CG  1 
ATOM   1401 C CD1 . LEU A 1 194 ? 3.011   -10.398 14.581  0.00 30.00 ? 194 LEU A CD1 1 
ATOM   1402 C CD2 . LEU A 1 194 ? 4.149   -12.318 13.447  0.00 30.00 ? 194 LEU A CD2 1 
ATOM   1403 N N   . GLY A 1 195 ? 5.523   -9.487  8.964   1.00 49.89 ? 195 GLY A N   1 
ATOM   1404 C CA  . GLY A 1 195 ? 5.296   -8.785  7.696   1.00 46.39 ? 195 GLY A CA  1 
ATOM   1405 C C   . GLY A 1 195 ? 5.207   -7.270  7.798   1.00 44.68 ? 195 GLY A C   1 
ATOM   1406 O O   . GLY A 1 195 ? 4.992   -6.587  6.787   1.00 47.59 ? 195 GLY A O   1 
ATOM   1407 N N   . TYR A 1 196 ? 5.338   -6.734  9.003   1.00 42.67 ? 196 TYR A N   1 
ATOM   1408 C CA  . TYR A 1 196 ? 5.340   -5.283  9.219   1.00 45.77 ? 196 TYR A CA  1 
ATOM   1409 C C   . TYR A 1 196 ? 6.742   -4.740  9.367   1.00 45.68 ? 196 TYR A C   1 
ATOM   1410 O O   . TYR A 1 196 ? 7.646   -5.433  9.809   1.00 57.10 ? 196 TYR A O   1 
ATOM   1411 C CB  . TYR A 1 196 ? 4.583   -4.901  10.503  1.00 42.50 ? 196 TYR A CB  1 
ATOM   1412 C CG  . TYR A 1 196 ? 3.110   -4.963  10.344  1.00 44.73 ? 196 TYR A CG  1 
ATOM   1413 C CD1 . TYR A 1 196 ? 2.434   -6.166  10.479  1.00 47.46 ? 196 TYR A CD1 1 
ATOM   1414 C CD2 . TYR A 1 196 ? 2.379   -3.837  9.992   1.00 46.39 ? 196 TYR A CD2 1 
ATOM   1415 C CE1 . TYR A 1 196 ? 1.060   -6.241  10.315  1.00 43.42 ? 196 TYR A CE1 1 
ATOM   1416 C CE2 . TYR A 1 196 ? 1.011   -3.911  9.820   1.00 44.28 ? 196 TYR A CE2 1 
ATOM   1417 C CZ  . TYR A 1 196 ? 0.364   -5.117  10.004  1.00 44.04 ? 196 TYR A CZ  1 
ATOM   1418 O OH  . TYR A 1 196 ? -0.995  -5.213  9.846   1.00 55.34 ? 196 TYR A OH  1 
ATOM   1419 N N   . VAL A 1 197 ? 6.900   -3.468  9.068   1.00 42.27 ? 197 VAL A N   1 
ATOM   1420 C CA  . VAL A 1 197 ? 8.136   -2.775  9.404   1.00 43.32 ? 197 VAL A CA  1 
ATOM   1421 C C   . VAL A 1 197 ? 7.764   -1.473  10.131  1.00 43.46 ? 197 VAL A C   1 
ATOM   1422 O O   . VAL A 1 197 ? 6.779   -0.801  9.769   1.00 40.82 ? 197 VAL A O   1 
ATOM   1423 C CB  . VAL A 1 197 ? 9.015   -2.549  8.143   1.00 38.84 ? 197 VAL A CB  1 
ATOM   1424 C CG1 . VAL A 1 197 ? 8.265   -1.780  7.061   1.00 39.41 ? 197 VAL A CG1 1 
ATOM   1425 C CG2 . VAL A 1 197 ? 10.316  -1.853  8.472   1.00 39.88 ? 197 VAL A CG2 1 
ATOM   1426 N N   . LYS A 1 198 ? 8.529   -1.137  11.166  1.00 42.85 ? 198 LYS A N   1 
ATOM   1427 C CA  . LYS A 1 198 ? 8.389   0.163   11.798  1.00 44.83 ? 198 LYS A CA  1 
ATOM   1428 C C   . LYS A 1 198 ? 9.487   1.054   11.246  1.00 47.57 ? 198 LYS A C   1 
ATOM   1429 O O   . LYS A 1 198 ? 10.675  0.783   11.447  1.00 48.55 ? 198 LYS A O   1 
ATOM   1430 C CB  . LYS A 1 198 ? 8.434   0.044   13.321  1.00 43.86 ? 198 LYS A CB  1 
ATOM   1431 C CG  . LYS A 1 198 ? 7.329   -0.615  14.021  0.00 30.00 ? 198 LYS A CG  1 
ATOM   1432 C CD  . LYS A 1 198 ? 7.521   -0.686  15.526  0.00 30.00 ? 198 LYS A CD  1 
ATOM   1433 C CE  . LYS A 1 198 ? 6.341   -1.363  16.205  0.00 30.00 ? 198 LYS A CE  1 
ATOM   1434 N NZ  . LYS A 1 198 ? 6.529   -1.460  17.678  0.00 30.00 ? 198 LYS A NZ  1 
ATOM   1435 N N   . MET A 1 199 ? 9.102   2.102   10.514  1.00 49.04 ? 199 MET A N   1 
ATOM   1436 C CA  . MET A 1 199 ? 10.094  3.035   9.947   1.00 49.71 ? 199 MET A CA  1 
ATOM   1437 C C   . MET A 1 199 ? 10.205  4.366   10.669  1.00 48.79 ? 199 MET A C   1 
ATOM   1438 O O   . MET A 1 199 ? 9.334   4.742   11.440  1.00 47.20 ? 199 MET A O   1 
ATOM   1439 C CB  . MET A 1 199 ? 9.821   3.233   8.477   1.00 54.29 ? 199 MET A CB  1 
ATOM   1440 C CG  . MET A 1 199 ? 10.094  1.942   7.736   1.00 59.72 ? 199 MET A CG  1 
ATOM   1441 S SD  . MET A 1 199 ? 9.975   2.084   5.973   1.00 64.91 ? 199 MET A SD  1 
ATOM   1442 C CE  . MET A 1 199 ? 11.366  3.150   5.621   1.00 69.89 ? 199 MET A CE  1 
ATOM   1443 N N   . ALA A 1 200 ? 11.318  5.055   10.436  1.00 53.25 ? 200 ALA A N   1 
ATOM   1444 C CA  . ALA A 1 200 ? 11.672  6.250   11.221  1.00 52.72 ? 200 ALA A CA  1 
ATOM   1445 C C   . ALA A 1 200 ? 10.695  7.387   10.936  1.00 48.74 ? 200 ALA A C   1 
ATOM   1446 O O   . ALA A 1 200 ? 10.466  7.772   9.777   1.00 43.40 ? 200 ALA A O   1 
ATOM   1447 C CB  . ALA A 1 200 ? 13.106  6.676   10.918  1.00 53.45 ? 200 ALA A CB  1 
ATOM   1448 N N   . ARG A 1 201 ? 10.071  7.901   11.981  1.00 46.65 ? 201 ARG A N   1 
ATOM   1449 C CA  . ARG A 1 201 ? 9.131   8.988   11.783  1.00 48.69 ? 201 ARG A CA  1 
ATOM   1450 C C   . ARG A 1 201 ? 9.711   10.283  12.218  1.00 50.44 ? 201 ARG A C   1 
ATOM   1451 O O   . ARG A 1 201 ? 10.308  10.362  13.287  1.00 54.83 ? 201 ARG A O   1 
ATOM   1452 C CB  . ARG A 1 201 ? 7.852   8.759   12.569  1.00 52.38 ? 201 ARG A CB  1 
ATOM   1453 C CG  . ARG A 1 201 ? 6.796   9.808   12.291  1.00 53.33 ? 201 ARG A CG  1 
ATOM   1454 C CD  . ARG A 1 201 ? 5.418   9.300   12.657  1.00 56.98 ? 201 ARG A CD  1 
ATOM   1455 N NE  . ARG A 1 201 ? 4.881   9.975   13.832  1.00 59.73 ? 201 ARG A NE  1 
ATOM   1456 C CZ  . ARG A 1 201 ? 4.711   9.431   15.032  1.00 60.93 ? 201 ARG A CZ  1 
ATOM   1457 N NH1 . ARG A 1 201 ? 4.192   10.161  15.996  1.00 64.34 ? 201 ARG A NH1 1 
ATOM   1458 N NH2 . ARG A 1 201 ? 5.030   8.170   15.283  1.00 68.25 ? 201 ARG A NH2 1 
ATOM   1459 N N   . ASN A 1 202 ? 9.474   11.305  11.409  1.00 56.77 ? 202 ASN A N   1 
ATOM   1460 C CA  . ASN A 1 202 ? 9.897   12.686  11.681  1.00 61.82 ? 202 ASN A CA  1 
ATOM   1461 C C   . ASN A 1 202 ? 11.393  12.889  11.622  1.00 60.39 ? 202 ASN A C   1 
ATOM   1462 O O   . ASN A 1 202 ? 11.926  13.799  12.237  1.00 53.42 ? 202 ASN A O   1 
ATOM   1463 C CB  . ASN A 1 202 ? 9.332   13.201  13.014  1.00 60.99 ? 202 ASN A CB  1 
ATOM   1464 C CG  . ASN A 1 202 ? 7.881   13.620  12.905  1.00 66.83 ? 202 ASN A CG  1 
ATOM   1465 O OD1 . ASN A 1 202 ? 7.396   14.031  11.838  1.00 73.50 ? 202 ASN A OD1 1 
ATOM   1466 N ND2 . ASN A 1 202 ? 7.180   13.538  14.018  1.00 67.87 ? 202 ASN A ND2 1 
ATOM   1467 N N   . LYS A 1 203 ? 12.064  12.041  10.855  1.00 61.77 ? 203 LYS A N   1 
ATOM   1468 C CA  . LYS A 1 203 ? 13.480  12.195  10.638  1.00 59.48 ? 203 LYS A CA  1 
ATOM   1469 C C   . LYS A 1 203 ? 13.634  12.782  9.256   1.00 55.20 ? 203 LYS A C   1 
ATOM   1470 O O   . LYS A 1 203 ? 14.279  12.216  8.392   1.00 58.19 ? 203 LYS A O   1 
ATOM   1471 C CB  . LYS A 1 203 ? 14.196  10.854  10.790  1.00 63.50 ? 203 LYS A CB  1 
ATOM   1472 C CG  . LYS A 1 203 ? 14.239  10.320  12.216  1.00 68.52 ? 203 LYS A CG  1 
ATOM   1473 C CD  . LYS A 1 203 ? 14.924  11.303  13.161  1.00 74.25 ? 203 LYS A CD  1 
ATOM   1474 C CE  . LYS A 1 203 ? 15.319  10.678  14.490  1.00 76.65 ? 203 LYS A CE  1 
ATOM   1475 N NZ  . LYS A 1 203 ? 16.440  9.702   14.332  1.00 83.27 ? 203 LYS A NZ  1 
ATOM   1476 N N   . TYR A 1 204 ? 13.004  13.928  9.042   1.00 57.70 ? 204 TYR A N   1 
ATOM   1477 C CA  . TYR A 1 204 ? 13.167  14.676  7.806   1.00 53.98 ? 204 TYR A CA  1 
ATOM   1478 C C   . TYR A 1 204 ? 12.942  13.786  6.579   1.00 49.86 ? 204 TYR A C   1 
ATOM   1479 O O   . TYR A 1 204 ? 13.688  13.842  5.600   1.00 49.24 ? 204 TYR A O   1 
ATOM   1480 C CB  . TYR A 1 204 ? 14.563  15.304  7.788   1.00 58.89 ? 204 TYR A CB  1 
ATOM   1481 C CG  . TYR A 1 204 ? 14.702  16.500  6.876   1.00 60.40 ? 204 TYR A CG  1 
ATOM   1482 C CD1 . TYR A 1 204 ? 14.138  17.725  7.221   1.00 58.96 ? 204 TYR A CD1 1 
ATOM   1483 C CD2 . TYR A 1 204 ? 15.432  16.408  5.686   1.00 62.86 ? 204 TYR A CD2 1 
ATOM   1484 C CE1 . TYR A 1 204 ? 14.275  18.832  6.397   1.00 70.09 ? 204 TYR A CE1 1 
ATOM   1485 C CE2 . TYR A 1 204 ? 15.587  17.499  4.850   1.00 71.10 ? 204 TYR A CE2 1 
ATOM   1486 C CZ  . TYR A 1 204 ? 15.003  18.713  5.199   1.00 79.43 ? 204 TYR A CZ  1 
ATOM   1487 O OH  . TYR A 1 204 ? 15.148  19.802  4.352   1.00 85.13 ? 204 TYR A OH  1 
ATOM   1488 N N   . ASN A 1 205 ? 11.895  12.970  6.648   1.00 47.49 ? 205 ASN A N   1 
ATOM   1489 C CA  . ASN A 1 205 ? 11.447  12.156  5.533   1.00 45.95 ? 205 ASN A CA  1 
ATOM   1490 C C   . ASN A 1 205 ? 12.474  11.118  5.115   1.00 45.57 ? 205 ASN A C   1 
ATOM   1491 O O   . ASN A 1 205 ? 12.843  11.017  3.938   1.00 44.72 ? 205 ASN A O   1 
ATOM   1492 C CB  . ASN A 1 205 ? 11.038  13.027  4.331   1.00 48.12 ? 205 ASN A CB  1 
ATOM   1493 C CG  . ASN A 1 205 ? 10.374  12.214  3.231   1.00 47.99 ? 205 ASN A CG  1 
ATOM   1494 O OD1 . ASN A 1 205 ? 9.623   11.281  3.511   1.00 44.84 ? 205 ASN A OD1 1 
ATOM   1495 N ND2 . ASN A 1 205 ? 10.676  12.539  1.977   1.00 49.44 ? 205 ASN A ND2 1 
ATOM   1496 N N   . GLN A 1 206 ? 12.903  10.335  6.100   1.00 44.69 ? 206 GLN A N   1 
ATOM   1497 C CA  . GLN A 1 206 ? 13.864  9.285   5.899   1.00 45.75 ? 206 GLN A CA  1 
ATOM   1498 C C   . GLN A 1 206 ? 13.263  8.195   4.998   1.00 47.34 ? 206 GLN A C   1 
ATOM   1499 O O   . GLN A 1 206 ? 12.125  7.790   5.215   1.00 49.17 ? 206 GLN A O   1 
ATOM   1500 C CB  . GLN A 1 206 ? 14.256  8.706   7.263   1.00 48.93 ? 206 GLN A CB  1 
ATOM   1501 C CG  . GLN A 1 206 ? 15.458  7.785   7.214   1.00 48.84 ? 206 GLN A CG  1 
ATOM   1502 C CD  . GLN A 1 206 ? 15.697  7.096   8.530   1.00 51.36 ? 206 GLN A CD  1 
ATOM   1503 O OE1 . GLN A 1 206 ? 15.541  5.882   8.639   1.00 51.46 ? 206 GLN A OE1 1 
ATOM   1504 N NE2 . GLN A 1 206 ? 16.071  7.862   9.542   1.00 58.19 ? 206 GLN A NE2 1 
ATOM   1505 N N   . CYS A 1 207 ? 14.034  7.758   3.991   1.00 46.96 ? 207 CYS A N   1 
ATOM   1506 C CA  . CYS A 1 207 ? 13.639  6.743   2.995   1.00 47.93 ? 207 CYS A CA  1 
ATOM   1507 C C   . CYS A 1 207 ? 12.542  7.212   2.013   1.00 50.08 ? 207 CYS A C   1 
ATOM   1508 O O   . CYS A 1 207 ? 11.998  6.414   1.209   1.00 43.97 ? 207 CYS A O   1 
ATOM   1509 C CB  . CYS A 1 207 ? 13.249  5.433   3.695   1.00 53.80 ? 207 CYS A CB  1 
ATOM   1510 S SG  . CYS A 1 207 ? 14.604  4.777   4.712   1.00 60.13 ? 207 CYS A SG  1 
ATOM   1511 N N   . GLY A 1 208 ? 12.249  8.510   2.075   1.00 46.61 ? 208 GLY A N   1 
ATOM   1512 C CA  . GLY A 1 208 ? 11.263  9.133   1.215   1.00 51.13 ? 208 GLY A CA  1 
ATOM   1513 C C   . GLY A 1 208 ? 9.879   8.594   1.458   1.00 50.17 ? 208 GLY A C   1 
ATOM   1514 O O   . GLY A 1 208 ? 9.124   8.409   0.511   1.00 48.76 ? 208 GLY A O   1 
ATOM   1515 N N   . ILE A 1 209 ? 9.552   8.338   2.725   1.00 49.26 ? 209 ILE A N   1 
ATOM   1516 C CA  . ILE A 1 209 ? 8.251   7.775   3.087   1.00 49.78 ? 209 ILE A CA  1 
ATOM   1517 C C   . ILE A 1 209 ? 7.060   8.709   2.772   1.00 49.34 ? 209 ILE A C   1 
ATOM   1518 O O   . ILE A 1 209 ? 5.936   8.246   2.524   1.00 48.59 ? 209 ILE A O   1 
ATOM   1519 C CB  . ILE A 1 209 ? 8.229   7.341   4.578   1.00 51.22 ? 209 ILE A CB  1 
ATOM   1520 C CG1 . ILE A 1 209 ? 7.130   6.311   4.817   1.00 51.72 ? 209 ILE A CG1 1 
ATOM   1521 C CG2 . ILE A 1 209 ? 8.059   8.528   5.514   1.00 50.68 ? 209 ILE A CG2 1 
ATOM   1522 C CD1 . ILE A 1 209 ? 6.926   6.010   6.269   1.00 53.88 ? 209 ILE A CD1 1 
ATOM   1523 N N   . ALA A 1 210 ? 7.318   10.014  2.761   1.00 46.88 ? 210 ALA A N   1 
ATOM   1524 C CA  . ALA A 1 210 ? 6.288   11.000  2.512   1.00 48.93 ? 210 ALA A CA  1 
ATOM   1525 C C   . ALA A 1 210 ? 6.471   11.741  1.188   1.00 49.83 ? 210 ALA A C   1 
ATOM   1526 O O   . ALA A 1 210 ? 5.782   12.735  0.958   1.00 51.00 ? 210 ALA A O   1 
ATOM   1527 C CB  . ALA A 1 210 ? 6.239   11.995  3.673   1.00 51.78 ? 210 ALA A CB  1 
ATOM   1528 N N   . SER A 1 211 ? 7.375   11.262  0.322   1.00 48.39 ? 211 SER A N   1 
ATOM   1529 C CA  . SER A 1 211 ? 7.558   11.816  -1.036  1.00 47.40 ? 211 SER A CA  1 
ATOM   1530 C C   . SER A 1 211 ? 6.400   11.569  -2.028  1.00 47.40 ? 211 SER A C   1 
ATOM   1531 O O   . SER A 1 211 ? 6.070   12.453  -2.799  1.00 49.06 ? 211 SER A O   1 
ATOM   1532 C CB  . SER A 1 211 ? 8.865   11.291  -1.661  1.00 50.31 ? 211 SER A CB  1 
ATOM   1533 O OG  . SER A 1 211 ? 9.990   11.740  -0.917  1.00 56.45 ? 211 SER A OG  1 
ATOM   1534 N N   . ASP A 1 212 ? 5.824   10.362  -2.014  1.00 49.75 ? 212 ASP A N   1 
ATOM   1535 C CA  . ASP A 1 212 ? 4.766   9.932   -2.941  1.00 48.50 ? 212 ASP A CA  1 
ATOM   1536 C C   . ASP A 1 212 ? 3.686   9.092   -2.223  1.00 48.87 ? 212 ASP A C   1 
ATOM   1537 O O   . ASP A 1 212 ? 3.462   7.894   -2.524  1.00 43.41 ? 212 ASP A O   1 
ATOM   1538 C CB  . ASP A 1 212 ? 5.365   9.127   -4.113  1.00 51.60 ? 212 ASP A CB  1 
ATOM   1539 C CG  . ASP A 1 212 ? 6.114   9.955   -5.070  0.00 30.00 ? 212 ASP A CG  1 
ATOM   1540 O OD1 . ASP A 1 212 ? 5.995   11.196  -5.009  0.00 30.00 ? 212 ASP A OD1 1 
ATOM   1541 O OD2 . ASP A 1 212 ? 6.886   9.470   -5.924  0.00 30.00 ? 212 ASP A OD2 1 
ATOM   1542 N N   . ALA A 1 213 ? 3.036   9.724   -1.256  1.00 46.70 ? 213 ALA A N   1 
ATOM   1543 C CA  . ALA A 1 213 ? 1.978   9.082   -0.508  1.00 45.30 ? 213 ALA A CA  1 
ATOM   1544 C C   . ALA A 1 213 ? 0.619   9.509   -1.070  1.00 50.09 ? 213 ALA A C   1 
ATOM   1545 O O   . ALA A 1 213 ? 0.409   10.659  -1.439  1.00 46.57 ? 213 ALA A O   1 
ATOM   1546 C CB  . ALA A 1 213 ? 2.078   9.467   0.947   1.00 43.68 ? 213 ALA A CB  1 
ATOM   1547 N N   . SER A 1 214 ? -0.308  8.569   -1.129  1.00 51.01 ? 214 SER A N   1 
ATOM   1548 C CA  . SER A 1 214 ? -1.618  8.860   -1.611  1.00 49.27 ? 214 SER A CA  1 
ATOM   1549 C C   . SER A 1 214 ? -2.646  7.944   -0.969  1.00 51.48 ? 214 SER A C   1 
ATOM   1550 O O   . SER A 1 214 ? -2.334  6.913   -0.360  1.00 50.29 ? 214 SER A O   1 
ATOM   1551 C CB  . SER A 1 214 ? -1.646  8.702   -3.126  1.00 53.12 ? 214 SER A CB  1 
ATOM   1552 O OG  . SER A 1 214 ? -1.476  7.346   -3.498  1.00 57.02 ? 214 SER A OG  1 
ATOM   1553 N N   . TYR A 1 215 ? -3.899  8.322   -1.111  1.00 50.13 ? 215 TYR A N   1 
ATOM   1554 C CA  . TYR A 1 215 ? -4.956  7.408   -0.764  1.00 50.13 ? 215 TYR A CA  1 
ATOM   1555 C C   . TYR A 1 215 ? -6.155  7.669   -1.663  1.00 47.37 ? 215 TYR A C   1 
ATOM   1556 O O   . TYR A 1 215 ? -6.295  8.756   -2.217  1.00 47.37 ? 215 TYR A O   1 
ATOM   1557 C CB  . TYR A 1 215 ? -5.303  7.528   0.721   1.00 49.92 ? 215 TYR A CB  1 
ATOM   1558 C CG  . TYR A 1 215 ? -5.728  8.901   1.151   1.00 51.77 ? 215 TYR A CG  1 
ATOM   1559 C CD1 . TYR A 1 215 ? -4.795  9.850   1.540   1.00 55.01 ? 215 TYR A CD1 1 
ATOM   1560 C CD2 . TYR A 1 215 ? -7.067  9.257   1.161   1.00 54.22 ? 215 TYR A CD2 1 
ATOM   1561 C CE1 . TYR A 1 215 ? -5.185  11.113  1.938   1.00 56.41 ? 215 TYR A CE1 1 
ATOM   1562 C CE2 . TYR A 1 215 ? -7.465  10.521  1.541   1.00 55.50 ? 215 TYR A CE2 1 
ATOM   1563 C CZ  . TYR A 1 215 ? -6.522  11.442  1.926   1.00 57.03 ? 215 TYR A CZ  1 
ATOM   1564 O OH  . TYR A 1 215 ? -6.936  12.685  2.330   1.00 66.68 ? 215 TYR A OH  1 
ATOM   1565 N N   . PRO A 1 216 ? -7.014  6.657   -1.826  1.00 44.56 ? 216 PRO A N   1 
ATOM   1566 C CA  . PRO A 1 216 ? -8.154  6.788   -2.719  1.00 44.23 ? 216 PRO A CA  1 
ATOM   1567 C C   . PRO A 1 216 ? -9.370  7.423   -2.049  1.00 43.60 ? 216 PRO A C   1 
ATOM   1568 O O   . PRO A 1 216 ? -9.470  7.391   -0.854  1.00 41.89 ? 216 PRO A O   1 
ATOM   1569 C CB  . PRO A 1 216 ? -8.431  5.335   -3.132  1.00 43.90 ? 216 PRO A CB  1 
ATOM   1570 C CG  . PRO A 1 216 ? -8.004  4.556   -1.960  1.00 49.56 ? 216 PRO A CG  1 
ATOM   1571 C CD  . PRO A 1 216 ? -6.817  5.274   -1.377  1.00 44.46 ? 216 PRO A CD  1 
ATOM   1572 N N   . THR A 1 217 ? -10.289 7.985   -2.835  1.00 49.83 ? 217 THR A N   1 
ATOM   1573 C CA  . THR A 1 217 ? -11.516 8.567   -2.299  1.00 52.25 ? 217 THR A CA  1 
ATOM   1574 C C   . THR A 1 217 ? -12.697 7.706   -2.726  1.00 54.43 ? 217 THR A C   1 
ATOM   1575 O O   . THR A 1 217 ? -12.710 7.152   -3.818  1.00 50.44 ? 217 THR A O   1 
ATOM   1576 C CB  . THR A 1 217 ? -11.715 10.007  -2.775  1.00 52.52 ? 217 THR A CB  1 
ATOM   1577 O OG1 . THR A 1 217 ? -11.630 10.052  -4.203  1.00 51.14 ? 217 THR A OG1 1 
ATOM   1578 C CG2 . THR A 1 217 ? -10.635 10.922  -2.166  1.00 55.34 ? 217 THR A CG2 1 
ATOM   1579 N N   . LEU A 1 218 ? -13.690 7.600   -1.849  1.00 57.27 ? 218 LEU A N   1 
ATOM   1580 C CA  . LEU A 1 218 ? -14.880 6.805   -2.132  1.00 61.65 ? 218 LEU A CA  1 
ATOM   1581 C C   . LEU A 1 218 ? -15.946 7.009   -1.061  1.00 64.79 ? 218 LEU A C   1 
ATOM   1582 O O   . LEU A 1 218 ? -15.642 7.051   0.132   1.00 72.77 ? 218 LEU A O   1 
ATOM   1583 C CB  . LEU A 1 218 ? -14.520 5.322   -2.239  1.00 61.75 ? 218 LEU A CB  1 
ATOM   1584 C CG  . LEU A 1 218 ? -14.106 4.629   -0.940  1.00 63.93 ? 218 LEU A CG  1 
ATOM   1585 C CD1 . LEU A 1 218 ? -15.330 4.225   -0.132  0.00 30.00 ? 218 LEU A CD1 1 
ATOM   1586 C CD2 . LEU A 1 218 ? -13.228 3.421   -1.231  0.00 30.00 ? 218 LEU A CD2 1 
HETATM 1587 O O   . HOH B 2 .   ? 13.617  -10.068 2.515   1.00 72.13 ? 301 HOH A O   1 
HETATM 1588 O O   . HOH B 2 .   ? 16.240  1.563   3.021   1.00 51.33 ? 302 HOH A O   1 
HETATM 1589 O O   . HOH B 2 .   ? -12.080 -3.490  2.695   1.00 48.46 ? 303 HOH A O   1 
HETATM 1590 O O   . HOH B 2 .   ? -20.761 2.675   7.819   1.00 54.44 ? 304 HOH A O   1 
HETATM 1591 O O   . HOH B 2 .   ? 0.644   -7.464  3.331   1.00 46.25 ? 305 HOH A O   1 
HETATM 1592 O O   . HOH B 2 .   ? -3.351  -4.952  -18.670 1.00 53.23 ? 306 HOH A O   1 
HETATM 1593 O O   . HOH B 2 .   ? -16.462 2.660   10.477  1.00 63.08 ? 307 HOH A O   1 
HETATM 1594 O O   . HOH B 2 .   ? 3.405   -3.543  -0.626  1.00 39.94 ? 308 HOH A O   1 
HETATM 1595 O O   . HOH B 2 .   ? 3.871   12.286  -0.748  1.00 42.80 ? 309 HOH A O   1 
HETATM 1596 O O   . HOH B 2 .   ? -12.170 -11.316 -1.507  1.00 70.89 ? 310 HOH A O   1 
HETATM 1597 O O   . HOH B 2 .   ? -8.416  -6.075  13.753  1.00 52.57 ? 311 HOH A O   1 
HETATM 1598 O O   . HOH B 2 .   ? -0.490  -3.691  -14.534 1.00 44.81 ? 312 HOH A O   1 
HETATM 1599 O O   . HOH B 2 .   ? -5.572  -11.025 -6.223  1.00 51.86 ? 313 HOH A O   1 
HETATM 1600 O O   . HOH B 2 .   ? -10.884 -4.112  -16.530 1.00 49.02 ? 314 HOH A O   1 
HETATM 1601 O O   . HOH B 2 .   ? 11.405  10.150  8.877   1.00 42.85 ? 315 HOH A O   1 
HETATM 1602 O O   . HOH B 2 .   ? -16.792 -2.300  -13.805 1.00 52.10 ? 316 HOH A O   1 
HETATM 1603 O O   . HOH B 2 .   ? -5.727  -1.489  5.112   1.00 47.40 ? 317 HOH A O   1 
HETATM 1604 O O   . HOH B 2 .   ? 12.993  4.748   8.094   1.00 52.52 ? 318 HOH A O   1 
HETATM 1605 O O   . HOH B 2 .   ? -5.248  -4.033  4.352   1.00 44.86 ? 319 HOH A O   1 
HETATM 1606 O O   . HOH B 2 .   ? 17.743  0.421   11.775  1.00 50.82 ? 320 HOH A O   1 
HETATM 1607 O O   . HOH B 2 .   ? 5.367   -8.556  4.565   1.00 59.11 ? 321 HOH A O   1 
HETATM 1608 O O   . HOH B 2 .   ? 12.764  -16.041 -8.060  1.00 61.37 ? 322 HOH A O   1 
HETATM 1609 O O   . HOH B 2 .   ? 8.462   -11.497 -1.490  1.00 59.29 ? 323 HOH A O   1 
HETATM 1610 O O   . HOH B 2 .   ? 8.742   -17.598 -9.064  1.00 77.88 ? 324 HOH A O   1 
# 
